data_2P2Q
#
_entry.id   2P2Q
#
_cell.length_a   92.050
_cell.length_b   95.532
_cell.length_c   164.250
_cell.angle_alpha   90.00
_cell.angle_beta   90.00
_cell.angle_gamma   90.00
#
_symmetry.space_group_name_H-M   'P 21 21 21'
#
loop_
_entity.id
_entity.type
_entity.pdbx_description
1 polymer 'Acetyl-coenzyme A synthetase'
2 non-polymer "ADENOSINE-5'-MONOPHOSPHATE-PROPYL ESTER"
3 water water
#
_entity_poly.entity_id   1
_entity_poly.type   'polypeptide(L)'
_entity_poly.pdbx_seq_one_letter_code
;MSQTHKHAIPANIADRCLINPEQYETKYKQSINDPDTFWGEQGKILDWITPYQKVKNTSFAPGNVSIKWYEDGTLNLAAN
CLDRHLQENGDRTAIIWEGDDTSQSKHISYRELHRDVCRFANTLLDLGIKKGDVVAIYMPMVPEAAVAMLACARIGAVHS
VIFGGFSPEAVAGRIIDSSSRLVITADEGVRAGRSIPLKKNVDDALKNPNVTSVEHVIVLKRTGSDIDWQEGRDLWWRDL
IEKASPEHQPEAMNAEDPLFILYTSGSTGKPKGVLHTTGGYLVYAATTFKYVFDYHPGDIYWCTADVGWVTGHSYLLYGP
LACGATTLMFEGVPNWPTPARMCQVVDKHQVNILYTAPTAIRALMAEGDKAIEGTDRSSLRILGSVGEPINPEAWEWYWK
KIGKEKCPVVDTWWQTETGGFMITPLPGAIELKAGSATRPFFGVQPALVDNEGHPQEGATEGNLVITDSWPGQARTLFGD
HERFEQTYFSTFKNMYFSGDGARRDEDGYYWITGRVDDVLNVSGHRLGTAEIESALVAHPKIAEAAVVGIPHAIKGQAIY
AYVTLNHGEEPSPELYAEVRNWVEKEIGPLATPDVLHWTDSLPKTRSGKIMRRILRKIAAGDTSNLGDTSTLADPGVVEK
LLEEKQAIAMPS
;
_entity_poly.pdbx_strand_id   A,B
#
loop_
_chem_comp.id
_chem_comp.type
_chem_comp.name
_chem_comp.formula
PRX non-polymer 'ADENOSINE-5'-MONOPHOSPHATE-PROPYL ESTER' 'C13 H20 N5 O7 P'
#
# COMPACT_ATOMS: atom_id res chain seq x y z
N LYS A 6 23.77 -21.53 -17.09
CA LYS A 6 22.81 -22.37 -17.86
C LYS A 6 22.01 -23.29 -16.95
N HIS A 7 20.70 -23.40 -17.20
CA HIS A 7 19.86 -24.42 -16.56
C HIS A 7 19.55 -25.54 -17.55
N ALA A 8 20.01 -26.74 -17.22
CA ALA A 8 19.74 -27.95 -18.00
C ALA A 8 18.27 -28.31 -17.91
N ILE A 9 17.77 -28.97 -18.96
CA ILE A 9 16.42 -29.47 -19.03
C ILE A 9 16.26 -30.64 -18.07
N PRO A 10 15.29 -30.54 -17.15
CA PRO A 10 15.10 -31.62 -16.18
C PRO A 10 14.46 -32.84 -16.81
N ALA A 11 14.86 -34.02 -16.34
CA ALA A 11 14.34 -35.33 -16.83
C ALA A 11 12.82 -35.43 -16.99
N ASN A 12 12.07 -34.95 -16.00
CA ASN A 12 10.61 -35.01 -16.04
C ASN A 12 10.03 -34.26 -17.26
N ILE A 13 10.57 -33.07 -17.56
CA ILE A 13 10.21 -32.33 -18.76
C ILE A 13 10.76 -33.04 -20.00
N ALA A 14 11.99 -33.52 -19.96
CA ALA A 14 12.53 -34.29 -21.10
C ALA A 14 11.58 -35.39 -21.53
N ASP A 15 11.01 -36.08 -20.54
CA ASP A 15 10.22 -37.28 -20.75
C ASP A 15 8.87 -37.05 -21.41
N ARG A 16 8.37 -35.82 -21.31
CA ARG A 16 7.01 -35.55 -21.72
C ARG A 16 6.90 -34.48 -22.80
N CYS A 17 8.03 -33.82 -23.10
CA CYS A 17 7.99 -32.58 -23.88
C CYS A 17 7.55 -32.80 -25.32
N LEU A 18 6.74 -31.87 -25.80
CA LEU A 18 6.22 -31.96 -27.13
C LEU A 18 7.31 -31.68 -28.15
N ILE A 19 8.25 -30.82 -27.77
CA ILE A 19 9.36 -30.40 -28.63
C ILE A 19 10.65 -30.58 -27.84
N ASN A 20 11.52 -31.48 -28.31
CA ASN A 20 12.87 -31.61 -27.79
C ASN A 20 13.86 -30.70 -28.56
N PRO A 21 15.15 -30.68 -28.18
CA PRO A 21 16.12 -29.81 -28.85
C PRO A 21 16.20 -30.00 -30.37
N GLU A 22 16.23 -31.26 -30.79
CA GLU A 22 16.35 -31.63 -32.21
C GLU A 22 15.13 -31.16 -32.99
N GLN A 23 13.95 -31.39 -32.42
CA GLN A 23 12.70 -30.96 -33.03
C GLN A 23 12.61 -29.45 -33.15
N TYR A 24 13.12 -28.73 -32.13
CA TYR A 24 13.17 -27.27 -32.23
C TYR A 24 14.06 -26.83 -33.39
N GLU A 25 15.21 -27.46 -33.53
CA GLU A 25 16.14 -27.16 -34.63
C GLU A 25 15.56 -27.47 -36.03
N THR A 26 14.96 -28.65 -36.16
CA THR A 26 14.34 -29.09 -37.40
C THR A 26 13.17 -28.19 -37.71
N LYS A 27 12.27 -27.96 -36.75
CA LYS A 27 11.10 -27.13 -37.04
C LYS A 27 11.48 -25.67 -37.30
N TYR A 28 12.41 -25.14 -36.51
CA TYR A 28 12.82 -23.77 -36.72
C TYR A 28 13.35 -23.57 -38.14
N LYS A 29 14.22 -24.47 -38.57
CA LYS A 29 14.84 -24.43 -39.88
C LYS A 29 13.84 -24.54 -41.04
N GLN A 30 12.85 -25.42 -40.93
CA GLN A 30 11.78 -25.50 -41.93
C GLN A 30 10.91 -24.23 -41.98
N SER A 31 10.56 -23.73 -40.79
CA SER A 31 9.77 -22.51 -40.65
C SER A 31 10.33 -21.31 -41.42
N ILE A 32 11.65 -21.32 -41.63
CA ILE A 32 12.36 -20.24 -42.29
C ILE A 32 12.63 -20.55 -43.77
N ASN A 33 13.09 -21.77 -44.05
CA ASN A 33 13.41 -22.23 -45.39
C ASN A 33 12.17 -22.48 -46.26
N ASP A 34 11.10 -22.97 -45.63
CA ASP A 34 9.87 -23.23 -46.34
C ASP A 34 8.64 -22.90 -45.46
N PRO A 35 8.29 -21.60 -45.37
CA PRO A 35 7.17 -21.14 -44.55
C PRO A 35 5.85 -21.74 -44.95
N ASP A 36 5.70 -22.02 -46.24
CA ASP A 36 4.43 -22.46 -46.78
C ASP A 36 4.08 -23.89 -46.39
N THR A 37 5.01 -24.82 -46.56
CA THR A 37 4.83 -26.18 -46.03
C THR A 37 4.76 -26.17 -44.49
N PHE A 38 5.66 -25.43 -43.84
CA PHE A 38 5.62 -25.37 -42.39
C PHE A 38 4.27 -24.87 -41.84
N TRP A 39 3.89 -23.64 -42.15
CA TRP A 39 2.62 -23.09 -41.63
C TRP A 39 1.38 -23.68 -42.29
N GLY A 40 1.52 -24.19 -43.51
CA GLY A 40 0.48 -24.98 -44.17
C GLY A 40 0.07 -26.18 -43.35
N GLU A 41 1.06 -26.91 -42.83
CA GLU A 41 0.82 -28.06 -41.92
C GLU A 41 0.35 -27.59 -40.55
N GLN A 42 1.06 -26.61 -40.00
CA GLN A 42 0.78 -26.14 -38.66
C GLN A 42 -0.60 -25.45 -38.53
N GLY A 43 -1.12 -24.86 -39.61
CA GLY A 43 -2.47 -24.27 -39.62
C GLY A 43 -3.61 -25.23 -39.27
N LYS A 44 -3.34 -26.53 -39.31
CA LYS A 44 -4.32 -27.58 -39.06
C LYS A 44 -4.63 -27.74 -37.57
N ILE A 45 -3.90 -27.00 -36.72
CA ILE A 45 -4.23 -26.92 -35.28
C ILE A 45 -5.67 -26.34 -35.06
N LEU A 46 -6.20 -25.70 -36.12
CA LEU A 46 -7.55 -25.17 -36.16
C LEU A 46 -8.44 -25.92 -37.17
N ASP A 47 -9.75 -25.83 -36.93
CA ASP A 47 -10.75 -26.26 -37.90
C ASP A 47 -10.97 -25.16 -38.92
N TRP A 48 -10.97 -25.52 -40.18
CA TRP A 48 -11.26 -24.58 -41.26
C TRP A 48 -12.59 -24.94 -41.97
N ILE A 49 -13.44 -23.93 -42.23
CA ILE A 49 -14.71 -24.17 -42.90
C ILE A 49 -14.51 -24.42 -44.42
N THR A 50 -13.92 -23.47 -45.14
CA THR A 50 -13.22 -23.80 -46.38
C THR A 50 -11.71 -23.68 -46.16
N PRO A 51 -10.97 -24.77 -46.43
CA PRO A 51 -9.50 -24.83 -46.37
C PRO A 51 -8.80 -23.77 -47.22
N TYR A 52 -7.69 -23.26 -46.70
CA TYR A 52 -6.82 -22.33 -47.43
C TYR A 52 -6.00 -23.12 -48.43
N GLN A 53 -5.59 -22.42 -49.49
CA GLN A 53 -4.61 -22.95 -50.43
C GLN A 53 -3.30 -22.15 -50.24
N LYS A 54 -3.43 -20.83 -50.23
CA LYS A 54 -2.31 -19.94 -49.98
C LYS A 54 -1.96 -19.97 -48.50
N VAL A 55 -0.70 -19.72 -48.19
CA VAL A 55 -0.26 -19.66 -46.80
C VAL A 55 0.36 -18.28 -46.53
N LYS A 56 1.62 -18.10 -46.94
CA LYS A 56 2.36 -16.86 -46.69
C LYS A 56 2.26 -15.94 -47.90
N ASN A 57 1.79 -14.72 -47.67
CA ASN A 57 1.68 -13.71 -48.71
C ASN A 57 1.85 -12.32 -48.11
N THR A 58 3.12 -11.97 -47.89
CA THR A 58 3.49 -10.80 -47.08
C THR A 58 4.60 -9.92 -47.68
N SER A 59 4.62 -8.65 -47.30
CA SER A 59 5.63 -7.69 -47.77
C SER A 59 5.84 -6.58 -46.75
N PHE A 60 7.10 -6.29 -46.47
CA PHE A 60 7.51 -5.14 -45.66
C PHE A 60 8.04 -3.97 -46.54
N ALA A 61 7.95 -4.11 -47.87
CA ALA A 61 8.44 -3.06 -48.78
C ALA A 61 7.73 -1.71 -48.62
N PRO A 62 8.50 -0.60 -48.66
CA PRO A 62 7.81 0.71 -48.78
C PRO A 62 7.24 0.87 -50.19
N GLY A 63 6.09 1.50 -50.38
CA GLY A 63 5.03 1.71 -49.41
C GLY A 63 4.01 0.66 -49.83
N ASN A 64 4.44 -0.58 -49.67
CA ASN A 64 3.64 -1.71 -50.02
C ASN A 64 3.73 -2.74 -48.92
N VAL A 65 3.42 -2.30 -47.70
CA VAL A 65 3.34 -3.19 -46.56
C VAL A 65 1.98 -3.92 -46.57
N SER A 66 2.03 -5.24 -46.71
CA SER A 66 0.84 -6.04 -46.87
C SER A 66 1.08 -7.40 -46.24
N ILE A 67 0.25 -7.76 -45.26
CA ILE A 67 0.47 -8.95 -44.50
C ILE A 67 -0.78 -9.82 -44.62
N LYS A 68 -0.62 -10.97 -45.27
CA LYS A 68 -1.71 -11.93 -45.38
C LYS A 68 -1.24 -13.34 -45.13
N TRP A 69 -2.05 -14.07 -44.38
CA TRP A 69 -1.79 -15.43 -43.99
C TRP A 69 -3.07 -16.23 -44.13
N TYR A 70 -2.96 -17.39 -44.80
CA TYR A 70 -4.07 -18.32 -44.99
C TYR A 70 -5.24 -17.66 -45.67
N GLU A 71 -4.95 -16.73 -46.57
CA GLU A 71 -5.93 -15.71 -46.99
C GLU A 71 -7.19 -16.23 -47.70
N ASP A 72 -7.11 -17.37 -48.39
CA ASP A 72 -8.29 -17.88 -49.07
C ASP A 72 -9.08 -18.87 -48.24
N GLY A 73 -8.78 -18.92 -46.93
CA GLY A 73 -9.39 -19.87 -46.01
C GLY A 73 -10.45 -19.21 -45.14
N THR A 74 -11.43 -19.99 -44.70
CA THR A 74 -12.44 -19.43 -43.82
C THR A 74 -12.54 -20.27 -42.56
N LEU A 75 -12.96 -19.64 -41.47
CA LEU A 75 -12.96 -20.26 -40.17
C LEU A 75 -13.80 -19.43 -39.20
N ASN A 76 -14.05 -19.97 -38.01
CA ASN A 76 -14.67 -19.21 -36.92
C ASN A 76 -13.78 -19.38 -35.67
N LEU A 77 -13.43 -18.27 -35.04
CA LEU A 77 -12.64 -18.35 -33.82
C LEU A 77 -13.40 -19.03 -32.72
N ALA A 78 -14.65 -18.64 -32.55
CA ALA A 78 -15.49 -19.21 -31.48
C ALA A 78 -15.75 -20.73 -31.62
N ALA A 79 -16.00 -21.22 -32.84
CA ALA A 79 -16.11 -22.66 -33.12
C ALA A 79 -14.84 -23.44 -32.77
N ASN A 80 -13.70 -22.79 -32.94
CA ASN A 80 -12.40 -23.39 -32.62
C ASN A 80 -12.11 -23.41 -31.13
N CYS A 81 -12.69 -22.45 -30.40
CA CYS A 81 -12.41 -22.25 -28.97
C CYS A 81 -13.50 -22.88 -28.09
N LEU A 82 -14.60 -23.31 -28.71
CA LEU A 82 -15.79 -23.82 -27.97
C LEU A 82 -16.43 -25.01 -28.66
N ASP A 83 -17.15 -24.75 -29.78
CA ASP A 83 -17.96 -25.78 -30.45
C ASP A 83 -17.26 -27.09 -30.66
N ARG A 84 -16.02 -27.02 -31.11
CA ARG A 84 -15.30 -28.22 -31.54
C ARG A 84 -14.85 -29.10 -30.38
N HIS A 85 -14.82 -28.52 -29.18
CA HIS A 85 -14.47 -29.26 -27.97
C HIS A 85 -15.67 -29.97 -27.31
N LEU A 86 -16.87 -29.65 -27.76
CA LEU A 86 -18.09 -30.08 -27.07
C LEU A 86 -18.35 -31.59 -27.12
N GLN A 87 -18.23 -32.16 -28.30
CA GLN A 87 -18.60 -33.55 -28.50
C GLN A 87 -17.95 -34.48 -27.49
N GLU A 88 -16.63 -34.36 -27.37
CA GLU A 88 -15.83 -35.25 -26.56
C GLU A 88 -15.37 -34.65 -25.24
N ASN A 89 -15.29 -33.30 -25.17
CA ASN A 89 -14.87 -32.60 -23.95
C ASN A 89 -15.80 -31.50 -23.41
N GLY A 90 -17.09 -31.59 -23.72
CA GLY A 90 -18.09 -30.66 -23.24
C GLY A 90 -18.11 -30.44 -21.75
N ASP A 91 -17.84 -31.51 -21.01
CA ASP A 91 -17.84 -31.50 -19.54
C ASP A 91 -16.55 -31.00 -18.92
N ARG A 92 -15.49 -30.93 -19.74
CA ARG A 92 -14.22 -30.34 -19.30
C ARG A 92 -14.44 -28.89 -18.90
N THR A 93 -13.76 -28.46 -17.84
CA THR A 93 -13.80 -27.07 -17.39
C THR A 93 -13.02 -26.23 -18.39
N ALA A 94 -13.70 -25.27 -19.03
CA ALA A 94 -13.03 -24.31 -19.90
C ALA A 94 -12.38 -23.20 -19.06
N ILE A 95 -13.17 -22.57 -18.18
CA ILE A 95 -12.62 -21.51 -17.32
C ILE A 95 -12.79 -21.85 -15.84
N ILE A 96 -11.70 -21.77 -15.09
CA ILE A 96 -11.79 -21.68 -13.64
C ILE A 96 -11.78 -20.21 -13.20
N TRP A 97 -12.85 -19.78 -12.55
CA TRP A 97 -12.92 -18.43 -12.02
C TRP A 97 -12.75 -18.42 -10.50
N GLU A 98 -11.72 -17.71 -10.05
CA GLU A 98 -11.42 -17.48 -8.66
C GLU A 98 -11.74 -16.02 -8.41
N GLY A 99 -12.61 -15.74 -7.43
CA GLY A 99 -12.94 -14.36 -7.04
C GLY A 99 -11.89 -13.71 -6.13
N ASP A 100 -11.81 -12.39 -6.20
CA ASP A 100 -11.09 -11.58 -5.22
C ASP A 100 -11.23 -12.19 -3.80
N ASP A 101 -12.48 -12.39 -3.42
CA ASP A 101 -12.90 -13.13 -2.24
C ASP A 101 -12.92 -14.63 -2.60
N THR A 102 -12.05 -15.37 -1.94
CA THR A 102 -11.85 -16.77 -2.30
C THR A 102 -13.07 -17.65 -2.02
N SER A 103 -14.04 -17.14 -1.25
CA SER A 103 -15.30 -17.86 -1.03
C SER A 103 -16.13 -18.00 -2.31
N GLN A 104 -15.76 -17.18 -3.31
CA GLN A 104 -16.45 -17.08 -4.56
C GLN A 104 -15.62 -17.69 -5.70
N SER A 105 -16.10 -18.77 -6.30
CA SER A 105 -15.42 -19.37 -7.45
C SER A 105 -16.40 -20.07 -8.35
N LYS A 106 -15.91 -20.47 -9.51
CA LYS A 106 -16.75 -21.02 -10.55
C LYS A 106 -15.93 -21.91 -11.44
N HIS A 107 -16.52 -23.04 -11.84
CA HIS A 107 -15.96 -23.88 -12.88
C HIS A 107 -16.91 -23.87 -14.04
N ILE A 108 -16.55 -23.14 -15.10
CA ILE A 108 -17.39 -23.13 -16.28
C ILE A 108 -16.89 -24.16 -17.31
N SER A 109 -17.73 -25.14 -17.60
CA SER A 109 -17.45 -26.16 -18.61
C SER A 109 -17.48 -25.53 -20.00
N TYR A 110 -16.86 -26.21 -20.97
CA TYR A 110 -16.90 -25.79 -22.37
C TYR A 110 -18.33 -25.61 -22.87
N ARG A 111 -19.20 -26.55 -22.45
CA ARG A 111 -20.59 -26.62 -22.89
C ARG A 111 -21.35 -25.47 -22.27
N GLU A 112 -21.11 -25.20 -20.98
CA GLU A 112 -21.70 -24.05 -20.32
C GLU A 112 -21.25 -22.75 -20.99
N LEU A 113 -19.95 -22.65 -21.25
CA LEU A 113 -19.38 -21.46 -21.84
C LEU A 113 -19.94 -21.23 -23.26
N HIS A 114 -20.01 -22.31 -24.02
CA HIS A 114 -20.53 -22.27 -25.38
C HIS A 114 -21.99 -21.76 -25.41
N ARG A 115 -22.81 -22.27 -24.48
CA ARG A 115 -24.22 -21.91 -24.40
C ARG A 115 -24.40 -20.42 -24.19
N ASP A 116 -23.65 -19.88 -23.24
CA ASP A 116 -23.73 -18.46 -22.90
C ASP A 116 -23.19 -17.58 -24.01
N VAL A 117 -22.19 -18.11 -24.74
CA VAL A 117 -21.65 -17.43 -25.91
C VAL A 117 -22.69 -17.35 -27.05
N CYS A 118 -23.41 -18.45 -27.28
CA CYS A 118 -24.50 -18.44 -28.27
C CYS A 118 -25.58 -17.43 -27.88
N ARG A 119 -26.08 -17.53 -26.65
CA ARG A 119 -26.99 -16.51 -26.08
C ARG A 119 -26.52 -15.07 -26.31
N PHE A 120 -25.26 -14.78 -25.99
CA PHE A 120 -24.78 -13.41 -26.09
C PHE A 120 -24.56 -12.95 -27.53
N ALA A 121 -24.09 -13.88 -28.38
CA ALA A 121 -24.04 -13.69 -29.82
C ALA A 121 -25.41 -13.27 -30.38
N ASN A 122 -26.46 -13.98 -29.99
CA ASN A 122 -27.83 -13.61 -30.35
C ASN A 122 -28.30 -12.27 -29.74
N THR A 123 -27.93 -12.01 -28.49
CA THR A 123 -28.19 -10.71 -27.85
C THR A 123 -27.59 -9.59 -28.66
N LEU A 124 -26.36 -9.78 -29.14
CA LEU A 124 -25.68 -8.76 -29.94
C LEU A 124 -26.35 -8.55 -31.28
N LEU A 125 -26.68 -9.65 -31.94
CA LEU A 125 -27.38 -9.62 -33.20
C LEU A 125 -28.75 -8.96 -33.09
N ASP A 126 -29.47 -9.27 -32.01
CA ASP A 126 -30.78 -8.67 -31.80
C ASP A 126 -30.72 -7.18 -31.55
N LEU A 127 -29.63 -6.75 -30.90
CA LEU A 127 -29.36 -5.35 -30.64
C LEU A 127 -29.01 -4.59 -31.92
N GLY A 128 -28.78 -5.32 -33.02
CA GLY A 128 -28.48 -4.70 -34.31
C GLY A 128 -26.99 -4.62 -34.60
N ILE A 129 -26.18 -5.27 -33.75
CA ILE A 129 -24.73 -5.32 -33.97
C ILE A 129 -24.49 -6.27 -35.12
N LYS A 130 -23.60 -5.87 -36.03
CA LYS A 130 -23.28 -6.62 -37.25
C LYS A 130 -21.79 -6.95 -37.41
N LYS A 131 -21.49 -7.87 -38.32
CA LYS A 131 -20.13 -8.20 -38.67
C LYS A 131 -19.37 -6.94 -39.05
N GLY A 132 -18.25 -6.68 -38.37
CA GLY A 132 -17.44 -5.53 -38.67
C GLY A 132 -17.59 -4.36 -37.70
N ASP A 133 -18.73 -4.30 -36.99
CA ASP A 133 -18.95 -3.26 -35.97
C ASP A 133 -17.95 -3.42 -34.82
N VAL A 134 -17.49 -2.27 -34.29
CA VAL A 134 -16.66 -2.27 -33.11
C VAL A 134 -17.48 -2.30 -31.82
N VAL A 135 -17.07 -3.16 -30.91
CA VAL A 135 -17.75 -3.26 -29.61
C VAL A 135 -16.73 -3.01 -28.50
N ALA A 136 -16.95 -1.94 -27.72
CA ALA A 136 -16.11 -1.61 -26.57
C ALA A 136 -16.47 -2.49 -25.35
N ILE A 137 -15.44 -3.08 -24.75
CA ILE A 137 -15.60 -3.90 -23.56
C ILE A 137 -14.74 -3.27 -22.45
N TYR A 138 -15.42 -2.84 -21.38
CA TYR A 138 -14.77 -2.18 -20.24
C TYR A 138 -15.17 -2.94 -18.97
N MET A 139 -14.48 -4.06 -18.76
CA MET A 139 -14.90 -5.05 -17.78
C MET A 139 -13.83 -5.34 -16.71
N PRO A 140 -14.27 -5.84 -15.54
CA PRO A 140 -13.34 -6.42 -14.59
C PRO A 140 -13.07 -7.87 -15.01
N MET A 141 -12.22 -8.58 -14.25
CA MET A 141 -11.86 -9.98 -14.54
C MET A 141 -12.92 -10.94 -14.04
N VAL A 142 -13.98 -11.04 -14.82
CA VAL A 142 -15.08 -11.94 -14.54
C VAL A 142 -15.36 -12.72 -15.82
N PRO A 143 -15.97 -13.90 -15.72
CA PRO A 143 -16.15 -14.77 -16.92
C PRO A 143 -17.01 -14.15 -18.04
N GLU A 144 -17.91 -13.23 -17.69
CA GLU A 144 -18.72 -12.49 -18.69
C GLU A 144 -17.92 -11.63 -19.70
N ALA A 145 -16.71 -11.22 -19.35
CA ALA A 145 -15.85 -10.50 -20.28
C ALA A 145 -15.39 -11.41 -21.39
N ALA A 146 -14.96 -12.62 -20.99
CA ALA A 146 -14.65 -13.70 -21.94
C ALA A 146 -15.85 -14.04 -22.84
N VAL A 147 -17.01 -14.29 -22.22
CA VAL A 147 -18.26 -14.50 -22.96
C VAL A 147 -18.51 -13.41 -24.01
N ALA A 148 -18.29 -12.14 -23.61
CA ALA A 148 -18.51 -10.98 -24.48
C ALA A 148 -17.51 -10.99 -25.64
N MET A 149 -16.25 -11.29 -25.31
CA MET A 149 -15.19 -11.31 -26.30
C MET A 149 -15.38 -12.41 -27.35
N LEU A 150 -15.68 -13.62 -26.86
CA LEU A 150 -15.99 -14.76 -27.74
C LEU A 150 -17.27 -14.56 -28.56
N ALA A 151 -18.25 -13.85 -27.99
CA ALA A 151 -19.48 -13.60 -28.74
C ALA A 151 -19.22 -12.61 -29.86
N CYS A 152 -18.40 -11.60 -29.61
CA CYS A 152 -18.03 -10.68 -30.69
C CYS A 152 -17.37 -11.41 -31.85
N ALA A 153 -16.39 -12.25 -31.51
CA ALA A 153 -15.70 -13.10 -32.47
C ALA A 153 -16.62 -14.05 -33.25
N ARG A 154 -17.59 -14.67 -32.56
CA ARG A 154 -18.49 -15.62 -33.21
C ARG A 154 -19.25 -14.99 -34.38
N ILE A 155 -19.77 -13.78 -34.16
CA ILE A 155 -20.51 -13.06 -35.18
C ILE A 155 -19.65 -12.13 -36.06
N GLY A 156 -18.33 -12.11 -35.84
CA GLY A 156 -17.46 -11.23 -36.62
C GLY A 156 -17.54 -9.75 -36.28
N ALA A 157 -18.11 -9.38 -35.13
CA ALA A 157 -17.97 -8.02 -34.62
C ALA A 157 -16.51 -7.86 -34.20
N VAL A 158 -16.01 -6.64 -34.19
CA VAL A 158 -14.62 -6.41 -33.86
C VAL A 158 -14.57 -5.80 -32.46
N HIS A 159 -14.01 -6.53 -31.51
CA HIS A 159 -14.08 -6.05 -30.14
C HIS A 159 -12.87 -5.23 -29.80
N SER A 160 -13.09 -4.26 -28.91
CA SER A 160 -12.05 -3.41 -28.47
C SER A 160 -12.09 -3.36 -26.94
N VAL A 161 -11.28 -4.20 -26.32
CA VAL A 161 -11.28 -4.31 -24.87
C VAL A 161 -10.49 -3.15 -24.30
N ILE A 162 -11.12 -2.47 -23.35
CA ILE A 162 -10.48 -1.34 -22.65
C ILE A 162 -10.20 -1.76 -21.20
N PHE A 163 -8.93 -1.70 -20.82
CA PHE A 163 -8.49 -2.07 -19.48
C PHE A 163 -9.24 -1.29 -18.42
N GLY A 164 -9.80 -2.06 -17.47
CA GLY A 164 -10.64 -1.57 -16.38
C GLY A 164 -10.07 -0.38 -15.61
N GLY A 165 -8.75 -0.31 -15.50
CA GLY A 165 -8.12 0.82 -14.85
C GLY A 165 -7.97 2.13 -15.63
N PHE A 166 -8.50 2.22 -16.85
CA PHE A 166 -8.49 3.52 -17.57
C PHE A 166 -9.52 4.52 -17.05
N SER A 167 -9.17 5.80 -17.08
CA SER A 167 -10.04 6.88 -16.60
C SER A 167 -11.17 7.16 -17.60
N PRO A 168 -12.28 7.79 -17.19
CA PRO A 168 -13.32 8.18 -18.18
C PRO A 168 -12.79 8.90 -19.45
N GLU A 169 -11.88 9.84 -19.26
CA GLU A 169 -11.20 10.46 -20.39
C GLU A 169 -10.49 9.44 -21.31
N ALA A 170 -9.79 8.46 -20.75
CA ALA A 170 -9.09 7.48 -21.58
C ALA A 170 -10.04 6.53 -22.36
N VAL A 171 -11.09 6.06 -21.68
CA VAL A 171 -12.21 5.34 -22.31
C VAL A 171 -12.84 6.12 -23.48
N ALA A 172 -13.21 7.41 -23.26
CA ALA A 172 -13.83 8.22 -24.33
C ALA A 172 -12.97 8.22 -25.60
N GLY A 173 -11.70 8.60 -25.46
CA GLY A 173 -10.74 8.56 -26.58
C GLY A 173 -10.76 7.26 -27.37
N ARG A 174 -10.78 6.14 -26.68
CA ARG A 174 -10.80 4.83 -27.34
C ARG A 174 -12.10 4.58 -28.13
N ILE A 175 -13.24 5.01 -27.57
CA ILE A 175 -14.58 4.88 -28.18
C ILE A 175 -14.73 5.80 -29.38
N ILE A 176 -14.13 6.99 -29.27
CA ILE A 176 -14.16 8.00 -30.32
C ILE A 176 -13.34 7.52 -31.52
N ASP A 177 -12.09 7.12 -31.27
CA ASP A 177 -11.25 6.62 -32.35
C ASP A 177 -11.84 5.42 -33.07
N SER A 178 -12.48 4.53 -32.32
CA SER A 178 -12.96 3.28 -32.86
C SER A 178 -14.41 3.33 -33.35
N SER A 179 -15.11 4.42 -33.05
CA SER A 179 -16.55 4.52 -33.37
C SER A 179 -17.41 3.34 -32.80
N SER A 180 -17.20 3.01 -31.53
CA SER A 180 -17.85 1.86 -30.92
C SER A 180 -19.36 2.07 -30.82
N ARG A 181 -20.11 1.07 -31.29
CA ARG A 181 -21.57 1.12 -31.31
C ARG A 181 -22.21 0.72 -29.97
N LEU A 182 -21.39 0.13 -29.09
CA LEU A 182 -21.85 -0.49 -27.87
C LEU A 182 -20.69 -0.50 -26.87
N VAL A 183 -21.03 -0.31 -25.61
CA VAL A 183 -20.11 -0.50 -24.53
C VAL A 183 -20.71 -1.55 -23.62
N ILE A 184 -19.87 -2.55 -23.29
CA ILE A 184 -20.21 -3.62 -22.34
C ILE A 184 -19.33 -3.48 -21.10
N THR A 185 -19.99 -3.35 -19.96
CA THR A 185 -19.33 -3.05 -18.74
C THR A 185 -20.01 -3.77 -17.56
N ALA A 186 -19.61 -3.39 -16.35
CA ALA A 186 -20.25 -3.84 -15.11
C ALA A 186 -20.55 -2.65 -14.19
N ASP A 187 -21.52 -2.83 -13.28
CA ASP A 187 -21.79 -1.80 -12.27
C ASP A 187 -20.51 -1.39 -11.53
N GLU A 188 -19.81 -2.35 -10.92
CA GLU A 188 -18.49 -2.10 -10.36
C GLU A 188 -17.56 -3.31 -10.57
N GLY A 189 -16.26 -3.09 -10.46
CA GLY A 189 -15.27 -4.18 -10.32
C GLY A 189 -14.87 -4.40 -8.86
N VAL A 190 -14.61 -5.65 -8.49
CA VAL A 190 -14.16 -6.00 -7.13
C VAL A 190 -12.68 -6.42 -7.16
N ARG A 191 -11.83 -5.65 -6.48
CA ARG A 191 -10.38 -5.87 -6.51
C ARG A 191 -9.80 -5.49 -5.15
N ALA A 192 -9.02 -6.41 -4.57
CA ALA A 192 -8.37 -6.27 -3.25
C ALA A 192 -9.24 -5.66 -2.14
N GLY A 193 -10.48 -6.13 -2.03
CA GLY A 193 -11.44 -5.61 -1.04
C GLY A 193 -12.18 -4.34 -1.46
N ARG A 194 -11.72 -3.69 -2.52
CA ARG A 194 -12.24 -2.40 -2.98
C ARG A 194 -12.97 -2.54 -4.33
N SER A 195 -13.78 -1.51 -4.64
CA SER A 195 -14.56 -1.40 -5.88
C SER A 195 -13.99 -0.39 -6.87
N ILE A 196 -13.87 -0.82 -8.13
CA ILE A 196 -13.69 0.10 -9.24
C ILE A 196 -15.09 0.54 -9.70
N PRO A 197 -15.30 1.87 -9.88
CA PRO A 197 -16.60 2.31 -10.39
C PRO A 197 -16.64 2.28 -11.93
N LEU A 198 -16.91 1.12 -12.50
CA LEU A 198 -16.77 0.93 -13.94
C LEU A 198 -17.84 1.71 -14.72
N LYS A 199 -19.11 1.43 -14.43
CA LYS A 199 -20.26 2.02 -15.12
C LYS A 199 -20.33 3.54 -14.95
N LYS A 200 -20.06 4.03 -13.75
CA LYS A 200 -19.93 5.46 -13.56
C LYS A 200 -18.92 6.08 -14.54
N ASN A 201 -17.74 5.47 -14.64
CA ASN A 201 -16.71 5.89 -15.59
C ASN A 201 -17.26 5.90 -17.01
N VAL A 202 -18.08 4.91 -17.35
CA VAL A 202 -18.70 4.86 -18.70
C VAL A 202 -19.62 6.07 -18.87
N ASP A 203 -20.45 6.32 -17.86
CA ASP A 203 -21.34 7.48 -17.84
C ASP A 203 -20.59 8.74 -18.16
N ASP A 204 -19.47 8.93 -17.45
CA ASP A 204 -18.64 10.14 -17.59
C ASP A 204 -18.03 10.28 -18.96
N ALA A 205 -17.55 9.15 -19.50
CA ALA A 205 -17.02 9.02 -20.85
C ALA A 205 -18.02 9.49 -21.90
N LEU A 206 -19.26 9.00 -21.79
CA LEU A 206 -20.28 9.20 -22.81
C LEU A 206 -20.85 10.61 -22.83
N LYS A 207 -20.58 11.36 -21.77
CA LYS A 207 -20.89 12.78 -21.69
C LYS A 207 -19.95 13.63 -22.59
N ASN A 208 -18.80 13.08 -22.95
CA ASN A 208 -17.91 13.75 -23.90
C ASN A 208 -18.66 13.98 -25.20
N PRO A 209 -18.71 15.25 -25.65
CA PRO A 209 -19.54 15.64 -26.79
C PRO A 209 -19.09 14.97 -28.08
N ASN A 210 -17.80 14.69 -28.20
CA ASN A 210 -17.32 14.03 -29.41
C ASN A 210 -17.69 12.53 -29.50
N VAL A 211 -18.25 11.96 -28.42
CA VAL A 211 -18.72 10.58 -28.47
C VAL A 211 -20.11 10.56 -29.09
N THR A 212 -20.22 9.89 -30.25
CA THR A 212 -21.42 9.98 -31.08
C THR A 212 -21.95 8.64 -31.60
N SER A 213 -21.22 7.56 -31.32
CA SER A 213 -21.46 6.28 -32.00
C SER A 213 -22.15 5.25 -31.10
N VAL A 214 -22.21 5.56 -29.82
CA VAL A 214 -22.66 4.58 -28.83
C VAL A 214 -24.16 4.60 -28.74
N GLU A 215 -24.77 3.46 -29.06
CA GLU A 215 -26.22 3.33 -29.07
C GLU A 215 -26.75 2.80 -27.74
N HIS A 216 -25.98 1.90 -27.14
CA HIS A 216 -26.39 1.24 -25.91
C HIS A 216 -25.20 0.92 -25.01
N VAL A 217 -25.48 0.78 -23.72
CA VAL A 217 -24.52 0.23 -22.76
C VAL A 217 -25.17 -0.98 -22.09
N ILE A 218 -24.55 -2.15 -22.22
CA ILE A 218 -24.96 -3.33 -21.52
C ILE A 218 -24.16 -3.41 -20.24
N VAL A 219 -24.84 -3.58 -19.12
CA VAL A 219 -24.23 -3.55 -17.78
C VAL A 219 -24.43 -4.86 -17.01
N LEU A 220 -23.32 -5.51 -16.63
CA LEU A 220 -23.38 -6.63 -15.68
C LEU A 220 -23.54 -6.14 -14.22
N LYS A 221 -24.61 -6.62 -13.57
CA LYS A 221 -24.82 -6.43 -12.13
C LYS A 221 -23.87 -7.33 -11.32
N ARG A 222 -22.66 -6.82 -11.10
CA ARG A 222 -21.62 -7.60 -10.43
C ARG A 222 -21.70 -7.46 -8.91
N THR A 223 -21.90 -6.23 -8.42
CA THR A 223 -21.94 -5.95 -6.99
C THR A 223 -23.34 -5.60 -6.50
N GLY A 224 -24.16 -5.10 -7.42
CA GLY A 224 -25.51 -4.67 -7.09
C GLY A 224 -25.52 -3.32 -6.41
N SER A 225 -24.51 -2.51 -6.70
CA SER A 225 -24.43 -1.14 -6.22
C SER A 225 -25.40 -0.16 -6.85
N ASP A 226 -25.75 0.87 -6.08
CA ASP A 226 -26.54 1.99 -6.57
C ASP A 226 -25.74 2.65 -7.68
N ILE A 227 -26.30 2.62 -8.90
CA ILE A 227 -25.70 3.33 -10.04
C ILE A 227 -26.76 4.14 -10.74
N ASP A 228 -26.33 5.18 -11.43
CA ASP A 228 -27.20 5.93 -12.30
C ASP A 228 -27.59 5.10 -13.53
N TRP A 229 -28.84 5.22 -13.93
CA TRP A 229 -29.36 4.48 -15.08
C TRP A 229 -29.89 5.45 -16.13
N GLN A 230 -29.48 5.27 -17.38
CA GLN A 230 -30.11 5.99 -18.51
C GLN A 230 -31.10 5.10 -19.28
N GLU A 231 -32.38 5.36 -19.04
CA GLU A 231 -33.48 4.63 -19.66
C GLU A 231 -33.37 4.56 -21.19
N GLY A 232 -33.49 3.36 -21.75
CA GLY A 232 -33.38 3.15 -23.20
C GLY A 232 -31.97 2.77 -23.66
N ARG A 233 -30.98 3.56 -23.23
CA ARG A 233 -29.58 3.31 -23.56
C ARG A 233 -29.01 2.11 -22.78
N ASP A 234 -29.20 2.13 -21.46
CA ASP A 234 -28.62 1.14 -20.56
C ASP A 234 -29.47 -0.10 -20.46
N LEU A 235 -28.81 -1.23 -20.57
CA LEU A 235 -29.43 -2.54 -20.47
C LEU A 235 -28.65 -3.42 -19.47
N TRP A 236 -29.39 -4.23 -18.73
CA TRP A 236 -28.79 -5.20 -17.82
C TRP A 236 -28.45 -6.47 -18.60
N TRP A 237 -27.25 -6.98 -18.33
CA TRP A 237 -26.74 -8.23 -18.90
C TRP A 237 -27.73 -9.37 -18.73
N ARG A 238 -28.15 -9.63 -17.49
CA ARG A 238 -29.05 -10.73 -17.19
C ARG A 238 -30.36 -10.63 -17.96
N ASP A 239 -30.99 -9.45 -17.89
CA ASP A 239 -32.25 -9.23 -18.57
C ASP A 239 -32.17 -9.62 -20.03
N LEU A 240 -31.07 -9.30 -20.69
CA LEU A 240 -30.94 -9.54 -22.12
C LEU A 240 -30.61 -10.99 -22.44
N ILE A 241 -29.65 -11.55 -21.69
CA ILE A 241 -29.15 -12.89 -21.98
C ILE A 241 -30.20 -13.99 -21.72
N GLU A 242 -30.96 -13.86 -20.63
CA GLU A 242 -32.11 -14.70 -20.35
C GLU A 242 -33.11 -14.76 -21.51
N LYS A 243 -33.33 -13.60 -22.16
CA LYS A 243 -34.22 -13.51 -23.32
C LYS A 243 -33.71 -14.21 -24.58
N ALA A 244 -32.41 -14.39 -24.69
CA ALA A 244 -31.76 -14.83 -25.93
C ALA A 244 -31.83 -16.35 -26.10
N SER A 245 -31.93 -16.79 -27.36
CA SER A 245 -31.77 -18.21 -27.70
C SER A 245 -30.38 -18.78 -27.40
N PRO A 246 -30.35 -19.98 -26.79
CA PRO A 246 -29.10 -20.72 -26.63
C PRO A 246 -28.58 -21.34 -27.92
N GLU A 247 -29.35 -21.24 -29.01
CA GLU A 247 -28.96 -21.82 -30.29
C GLU A 247 -28.37 -20.78 -31.20
N HIS A 248 -27.18 -21.09 -31.73
CA HIS A 248 -26.52 -20.19 -32.67
C HIS A 248 -25.52 -20.93 -33.56
N GLN A 249 -25.67 -20.74 -34.87
CA GLN A 249 -24.77 -21.37 -35.82
C GLN A 249 -23.66 -20.41 -36.29
N PRO A 250 -22.39 -20.80 -36.10
CA PRO A 250 -21.31 -19.90 -36.48
C PRO A 250 -21.14 -19.88 -37.98
N GLU A 251 -21.06 -18.67 -38.54
CA GLU A 251 -20.85 -18.49 -39.98
C GLU A 251 -19.37 -18.37 -40.22
N ALA A 252 -18.97 -18.66 -41.45
CA ALA A 252 -17.56 -18.57 -41.83
C ALA A 252 -17.08 -17.11 -41.94
N MET A 253 -15.96 -16.82 -41.29
CA MET A 253 -15.25 -15.57 -41.44
C MET A 253 -14.04 -15.86 -42.31
N ASN A 254 -13.60 -14.89 -43.12
CA ASN A 254 -12.33 -15.05 -43.83
C ASN A 254 -11.15 -14.92 -42.87
N ALA A 255 -10.05 -15.61 -43.19
CA ALA A 255 -8.84 -15.56 -42.37
C ALA A 255 -8.40 -14.13 -42.05
N GLU A 256 -8.67 -13.22 -42.99
CA GLU A 256 -8.21 -11.83 -42.88
C GLU A 256 -9.31 -10.85 -42.48
N ASP A 257 -10.44 -11.36 -42.02
CA ASP A 257 -11.47 -10.54 -41.38
C ASP A 257 -10.93 -10.04 -40.04
N PRO A 258 -11.10 -8.73 -39.78
CA PRO A 258 -10.53 -8.14 -38.56
C PRO A 258 -11.17 -8.76 -37.33
N LEU A 259 -10.40 -8.94 -36.25
CA LEU A 259 -10.84 -9.72 -35.08
C LEU A 259 -10.98 -8.83 -33.83
N PHE A 260 -9.92 -8.09 -33.52
CA PHE A 260 -9.99 -7.13 -32.47
C PHE A 260 -9.04 -5.96 -32.73
N ILE A 261 -9.27 -4.88 -31.97
CA ILE A 261 -8.40 -3.72 -31.91
C ILE A 261 -7.98 -3.66 -30.46
N LEU A 262 -6.71 -3.31 -30.22
CA LEU A 262 -6.24 -2.96 -28.90
C LEU A 262 -5.50 -1.63 -28.95
N TYR A 263 -5.98 -0.66 -28.21
CA TYR A 263 -5.22 0.57 -28.13
C TYR A 263 -3.91 0.37 -27.37
N THR A 264 -2.85 0.81 -28.04
CA THR A 264 -1.49 0.56 -27.59
C THR A 264 -0.70 1.85 -27.67
N SER A 265 0.07 2.10 -26.61
CA SER A 265 0.95 3.26 -26.52
C SER A 265 2.17 3.20 -27.43
N GLY A 266 2.52 4.38 -27.93
CA GLY A 266 3.61 4.47 -28.86
C GLY A 266 4.53 5.60 -28.52
N SER A 267 5.62 5.67 -29.29
CA SER A 267 6.64 6.70 -29.20
C SER A 267 6.11 8.12 -29.44
N THR A 268 5.13 8.24 -30.33
CA THR A 268 4.55 9.55 -30.57
C THR A 268 3.03 9.43 -30.53
N GLY A 269 2.41 10.51 -30.06
CA GLY A 269 0.95 10.70 -30.07
C GLY A 269 0.22 9.82 -29.07
N LYS A 270 -1.10 9.81 -29.19
CA LYS A 270 -1.96 8.98 -28.38
C LYS A 270 -1.92 7.51 -28.84
N PRO A 271 -2.38 6.60 -27.94
CA PRO A 271 -2.46 5.17 -28.23
C PRO A 271 -3.21 4.95 -29.51
N LYS A 272 -2.81 3.94 -30.27
CA LYS A 272 -3.45 3.59 -31.56
C LYS A 272 -4.00 2.19 -31.54
N GLY A 273 -5.02 1.96 -32.35
CA GLY A 273 -5.71 0.69 -32.37
C GLY A 273 -4.93 -0.31 -33.17
N VAL A 274 -4.05 -1.03 -32.49
CA VAL A 274 -3.37 -2.16 -33.10
C VAL A 274 -4.41 -3.25 -33.55
N LEU A 275 -4.47 -3.53 -34.86
CA LEU A 275 -5.49 -4.42 -35.41
C LEU A 275 -4.97 -5.83 -35.70
N HIS A 276 -5.71 -6.82 -35.19
CA HIS A 276 -5.48 -8.21 -35.52
C HIS A 276 -6.65 -8.82 -36.32
N THR A 277 -6.31 -9.62 -37.32
CA THR A 277 -7.31 -10.45 -38.00
C THR A 277 -7.41 -11.85 -37.32
N THR A 278 -7.97 -12.82 -38.04
CA THR A 278 -8.50 -14.04 -37.44
C THR A 278 -7.65 -15.30 -37.55
N GLY A 279 -7.37 -15.75 -38.78
CA GLY A 279 -6.75 -17.06 -39.05
C GLY A 279 -5.32 -17.20 -38.55
N GLY A 280 -4.43 -16.35 -39.06
CA GLY A 280 -3.02 -16.42 -38.71
C GLY A 280 -2.82 -16.13 -37.23
N TYR A 281 -3.61 -15.17 -36.71
CA TYR A 281 -3.59 -14.81 -35.31
C TYR A 281 -3.92 -16.02 -34.44
N LEU A 282 -5.06 -16.67 -34.71
CA LEU A 282 -5.47 -17.77 -33.88
C LEU A 282 -4.51 -18.94 -33.97
N VAL A 283 -4.01 -19.22 -35.19
CA VAL A 283 -3.04 -20.29 -35.38
C VAL A 283 -1.78 -20.00 -34.56
N TYR A 284 -1.30 -18.76 -34.69
CA TYR A 284 -0.09 -18.36 -33.98
C TYR A 284 -0.30 -18.42 -32.46
N ALA A 285 -1.47 -17.96 -32.01
CA ALA A 285 -1.82 -18.04 -30.58
C ALA A 285 -1.83 -19.49 -30.07
N ALA A 286 -2.48 -20.38 -30.82
CA ALA A 286 -2.64 -21.78 -30.43
C ALA A 286 -1.30 -22.57 -30.37
N THR A 287 -0.53 -22.48 -31.44
CA THR A 287 0.80 -23.05 -31.58
C THR A 287 1.82 -22.61 -30.48
N THR A 288 1.91 -21.29 -30.25
CA THR A 288 2.84 -20.75 -29.26
C THR A 288 2.49 -21.26 -27.88
N PHE A 289 1.20 -21.21 -27.53
CA PHE A 289 0.71 -21.74 -26.26
C PHE A 289 1.05 -23.24 -26.07
N LYS A 290 0.61 -24.08 -27.01
CA LYS A 290 0.92 -25.50 -26.99
C LYS A 290 2.40 -25.78 -26.71
N TYR A 291 3.29 -25.28 -27.56
CA TYR A 291 4.68 -25.62 -27.53
C TYR A 291 5.41 -24.93 -26.40
N VAL A 292 5.20 -23.63 -26.22
CA VAL A 292 5.94 -22.92 -25.17
C VAL A 292 5.56 -23.33 -23.74
N PHE A 293 4.29 -23.68 -23.49
CA PHE A 293 3.93 -24.16 -22.15
C PHE A 293 3.89 -25.68 -22.05
N ASP A 294 4.33 -26.35 -23.11
CA ASP A 294 4.27 -27.80 -23.20
C ASP A 294 2.88 -28.35 -22.86
N TYR A 295 1.84 -27.73 -23.39
CA TYR A 295 0.51 -28.06 -22.94
C TYR A 295 0.10 -29.50 -23.30
N HIS A 296 -0.33 -30.24 -22.28
CA HIS A 296 -0.87 -31.60 -22.42
C HIS A 296 -2.32 -31.56 -21.88
N PRO A 297 -3.26 -32.29 -22.53
CA PRO A 297 -4.59 -32.45 -21.92
C PRO A 297 -4.54 -32.75 -20.42
N GLY A 298 -5.34 -31.97 -19.69
CA GLY A 298 -5.43 -32.10 -18.24
C GLY A 298 -4.60 -31.09 -17.46
N ASP A 299 -3.66 -30.44 -18.16
CA ASP A 299 -2.91 -29.34 -17.56
C ASP A 299 -3.82 -28.14 -17.26
N ILE A 300 -3.71 -27.66 -16.02
CA ILE A 300 -4.46 -26.55 -15.49
C ILE A 300 -3.50 -25.39 -15.62
N TYR A 301 -3.95 -24.39 -16.37
CA TYR A 301 -3.12 -23.29 -16.82
C TYR A 301 -3.64 -21.99 -16.21
N TRP A 302 -2.73 -21.18 -15.68
CA TRP A 302 -3.09 -19.85 -15.15
C TRP A 302 -2.17 -18.77 -15.65
N CYS A 303 -2.71 -17.94 -16.53
CA CYS A 303 -2.04 -16.70 -16.90
C CYS A 303 -2.66 -15.59 -16.05
N THR A 304 -1.84 -14.73 -15.43
CA THR A 304 -2.35 -13.75 -14.47
C THR A 304 -2.70 -12.38 -15.10
N ALA A 305 -2.53 -12.27 -16.43
CA ALA A 305 -2.70 -10.99 -17.13
C ALA A 305 -4.14 -10.57 -17.24
N ASP A 306 -4.36 -9.25 -17.20
CA ASP A 306 -5.68 -8.71 -17.43
C ASP A 306 -6.08 -8.88 -18.89
N VAL A 307 -7.25 -9.42 -19.04
CA VAL A 307 -8.02 -9.43 -20.27
C VAL A 307 -7.94 -8.11 -21.11
N GLY A 308 -7.72 -6.97 -20.46
CA GLY A 308 -7.63 -5.69 -21.18
C GLY A 308 -6.29 -5.48 -21.88
N TRP A 309 -5.34 -6.41 -21.69
CA TRP A 309 -4.06 -6.42 -22.41
C TRP A 309 -3.96 -7.64 -23.31
N VAL A 310 -3.06 -7.57 -24.27
CA VAL A 310 -2.91 -8.59 -25.31
C VAL A 310 -2.55 -9.99 -24.75
N THR A 311 -1.80 -10.01 -23.65
CA THR A 311 -1.47 -11.25 -22.93
C THR A 311 -2.75 -11.94 -22.44
N GLY A 312 -3.71 -11.12 -21.98
CA GLY A 312 -5.05 -11.59 -21.60
C GLY A 312 -5.81 -12.09 -22.82
N HIS A 313 -5.65 -11.42 -23.96
CA HIS A 313 -6.25 -11.90 -25.21
C HIS A 313 -5.67 -13.25 -25.66
N SER A 314 -4.38 -13.26 -25.99
CA SER A 314 -3.73 -14.45 -26.57
C SER A 314 -3.54 -15.63 -25.60
N TYR A 315 -3.18 -15.31 -24.34
CA TYR A 315 -2.73 -16.32 -23.41
C TYR A 315 -3.60 -16.57 -22.17
N LEU A 316 -4.65 -15.77 -21.98
CA LEU A 316 -5.67 -16.12 -20.99
C LEU A 316 -6.79 -16.81 -21.75
N LEU A 317 -7.18 -16.24 -22.88
CA LEU A 317 -8.34 -16.73 -23.64
C LEU A 317 -8.05 -17.59 -24.87
N TYR A 318 -7.54 -16.96 -25.92
CA TYR A 318 -7.64 -17.53 -27.26
C TYR A 318 -6.77 -18.75 -27.52
N GLY A 319 -5.48 -18.68 -27.18
CA GLY A 319 -4.54 -19.83 -27.29
C GLY A 319 -5.02 -20.99 -26.45
N PRO A 320 -5.25 -20.75 -25.15
CA PRO A 320 -5.74 -21.81 -24.27
C PRO A 320 -7.03 -22.50 -24.74
N LEU A 321 -8.05 -21.73 -25.11
CA LEU A 321 -9.33 -22.34 -25.50
C LEU A 321 -9.28 -23.02 -26.89
N ALA A 322 -8.53 -22.48 -27.84
CA ALA A 322 -8.35 -23.21 -29.11
C ALA A 322 -7.78 -24.60 -28.84
N CYS A 323 -6.88 -24.69 -27.86
CA CYS A 323 -6.22 -25.96 -27.56
C CYS A 323 -7.03 -26.90 -26.65
N GLY A 324 -8.16 -26.43 -26.13
CA GLY A 324 -9.04 -27.25 -25.31
C GLY A 324 -8.61 -27.27 -23.86
N ALA A 325 -7.79 -26.31 -23.47
CA ALA A 325 -7.20 -26.29 -22.12
C ALA A 325 -8.20 -25.79 -21.08
N THR A 326 -7.96 -26.11 -19.81
CA THR A 326 -8.59 -25.40 -18.71
C THR A 326 -7.71 -24.19 -18.41
N THR A 327 -8.32 -23.02 -18.47
CA THR A 327 -7.63 -21.76 -18.22
C THR A 327 -8.27 -21.08 -17.01
N LEU A 328 -7.44 -20.58 -16.11
CA LEU A 328 -7.89 -19.94 -14.91
C LEU A 328 -7.94 -18.40 -15.05
N MET A 329 -9.06 -17.82 -14.63
CA MET A 329 -9.28 -16.39 -14.58
C MET A 329 -9.39 -15.98 -13.13
N PHE A 330 -8.52 -15.08 -12.70
CA PHE A 330 -8.47 -14.63 -11.31
C PHE A 330 -8.93 -13.19 -11.24
N GLU A 331 -9.89 -12.93 -10.35
CA GLU A 331 -10.50 -11.61 -10.25
C GLU A 331 -9.63 -10.62 -9.47
N GLY A 332 -8.73 -11.14 -8.63
CA GLY A 332 -8.03 -10.31 -7.67
C GLY A 332 -6.58 -9.95 -8.02
N VAL A 333 -5.78 -9.75 -6.97
CA VAL A 333 -4.35 -9.45 -7.10
C VAL A 333 -3.52 -10.51 -6.37
N PRO A 334 -2.28 -10.77 -6.81
CA PRO A 334 -1.53 -11.91 -6.27
C PRO A 334 -1.12 -11.75 -4.80
N ASN A 335 -1.22 -10.53 -4.29
CA ASN A 335 -0.83 -10.24 -2.91
C ASN A 335 -1.97 -9.76 -2.02
N TRP A 336 -3.21 -10.13 -2.34
CA TRP A 336 -4.35 -9.80 -1.47
C TRP A 336 -5.27 -11.02 -1.29
N PRO A 337 -5.68 -11.31 -0.04
CA PRO A 337 -5.43 -10.61 1.24
C PRO A 337 -3.96 -10.59 1.75
N THR A 338 -3.20 -11.65 1.46
CA THR A 338 -1.85 -11.84 1.97
C THR A 338 -0.96 -12.07 0.77
N PRO A 339 0.39 -11.91 0.93
CA PRO A 339 1.30 -12.18 -0.20
C PRO A 339 1.26 -13.63 -0.66
N ALA A 340 0.77 -14.53 0.20
CA ALA A 340 0.67 -15.94 -0.18
C ALA A 340 -0.48 -16.27 -1.13
N ARG A 341 -1.26 -15.26 -1.50
CA ARG A 341 -2.48 -15.50 -2.28
C ARG A 341 -2.23 -16.23 -3.61
N MET A 342 -1.26 -15.75 -4.40
CA MET A 342 -0.99 -16.36 -5.67
C MET A 342 -0.73 -17.87 -5.51
N CYS A 343 0.04 -18.24 -4.48
CA CYS A 343 0.34 -19.65 -4.28
C CYS A 343 -0.82 -20.44 -3.71
N GLN A 344 -1.74 -19.74 -3.03
CA GLN A 344 -2.97 -20.35 -2.52
C GLN A 344 -3.88 -20.69 -3.69
N VAL A 345 -3.90 -19.81 -4.70
CA VAL A 345 -4.68 -20.07 -5.91
C VAL A 345 -4.07 -21.28 -6.62
N VAL A 346 -2.74 -21.26 -6.82
CA VAL A 346 -2.04 -22.41 -7.40
C VAL A 346 -2.44 -23.72 -6.68
N ASP A 347 -2.31 -23.72 -5.36
CA ASP A 347 -2.69 -24.87 -4.53
C ASP A 347 -4.16 -25.26 -4.65
N LYS A 348 -5.05 -24.27 -4.58
CA LYS A 348 -6.49 -24.52 -4.56
C LYS A 348 -6.94 -25.15 -5.84
N HIS A 349 -6.43 -24.68 -6.98
CA HIS A 349 -6.91 -25.19 -8.27
C HIS A 349 -5.93 -26.14 -8.93
N GLN A 350 -4.91 -26.51 -8.16
CA GLN A 350 -3.87 -27.45 -8.62
C GLN A 350 -3.32 -26.99 -9.98
N VAL A 351 -2.90 -25.72 -10.04
CA VAL A 351 -2.30 -25.18 -11.26
C VAL A 351 -0.99 -25.90 -11.63
N ASN A 352 -0.86 -26.27 -12.91
CA ASN A 352 0.34 -26.92 -13.40
C ASN A 352 1.27 -25.95 -14.14
N ILE A 353 0.66 -24.99 -14.83
CA ILE A 353 1.42 -23.99 -15.60
C ILE A 353 1.06 -22.60 -15.10
N LEU A 354 2.05 -21.84 -14.65
CA LEU A 354 1.81 -20.45 -14.19
C LEU A 354 2.62 -19.45 -15.02
N TYR A 355 1.95 -18.36 -15.42
CA TYR A 355 2.51 -17.40 -16.37
C TYR A 355 2.17 -16.01 -15.85
N THR A 356 3.20 -15.31 -15.37
CA THR A 356 2.97 -14.04 -14.73
C THR A 356 4.01 -12.94 -15.08
N ALA A 357 4.01 -11.84 -14.34
CA ALA A 357 4.77 -10.63 -14.70
C ALA A 357 5.94 -10.42 -13.74
N PRO A 358 7.10 -9.96 -14.25
CA PRO A 358 8.18 -9.58 -13.34
C PRO A 358 7.77 -8.57 -12.24
N THR A 359 6.83 -7.69 -12.53
CA THR A 359 6.37 -6.74 -11.51
C THR A 359 5.71 -7.46 -10.34
N ALA A 360 4.86 -8.43 -10.63
CA ALA A 360 4.35 -9.35 -9.60
C ALA A 360 5.46 -10.07 -8.83
N ILE A 361 6.38 -10.71 -9.54
CA ILE A 361 7.47 -11.47 -8.93
C ILE A 361 8.29 -10.62 -7.95
N ARG A 362 8.68 -9.43 -8.40
CA ARG A 362 9.37 -8.47 -7.56
C ARG A 362 8.54 -8.13 -6.31
N ALA A 363 7.25 -7.92 -6.52
CA ALA A 363 6.34 -7.61 -5.42
C ALA A 363 6.26 -8.74 -4.36
N LEU A 364 6.19 -9.99 -4.81
CA LEU A 364 6.15 -11.13 -3.91
C LEU A 364 7.50 -11.37 -3.28
N MET A 365 8.53 -11.06 -4.04
CA MET A 365 9.92 -11.19 -3.62
C MET A 365 10.27 -10.28 -2.44
N ALA A 366 9.74 -9.06 -2.46
CA ALA A 366 10.02 -8.07 -1.41
C ALA A 366 9.49 -8.61 -0.08
N GLU A 367 8.49 -9.48 -0.18
CA GLU A 367 7.88 -10.09 1.01
C GLU A 367 8.56 -11.37 1.50
N GLY A 368 9.47 -11.94 0.72
CA GLY A 368 10.18 -13.16 1.14
C GLY A 368 9.32 -14.43 1.20
N ASP A 369 9.56 -15.25 2.22
CA ASP A 369 8.82 -16.51 2.41
C ASP A 369 7.32 -16.29 2.74
N LYS A 370 6.96 -15.03 2.98
CA LYS A 370 5.56 -14.65 3.19
C LYS A 370 4.78 -14.90 1.90
N ALA A 371 5.49 -14.97 0.78
CA ALA A 371 4.88 -15.26 -0.51
C ALA A 371 4.55 -16.77 -0.73
N ILE A 372 5.25 -17.64 -0.04
CA ILE A 372 5.06 -19.07 -0.19
C ILE A 372 4.55 -19.77 1.09
N GLU A 373 4.37 -18.98 2.16
CA GLU A 373 4.10 -19.54 3.50
C GLU A 373 2.79 -20.30 3.58
N GLY A 374 2.87 -21.51 4.14
CA GLY A 374 1.70 -22.39 4.30
C GLY A 374 1.20 -22.95 2.98
N THR A 375 1.97 -22.78 1.90
CA THR A 375 1.62 -23.32 0.57
C THR A 375 2.50 -24.48 0.18
N ASP A 376 2.07 -25.17 -0.87
CA ASP A 376 2.68 -26.43 -1.28
C ASP A 376 3.44 -26.22 -2.57
N ARG A 377 2.70 -25.76 -3.58
CA ARG A 377 3.17 -25.48 -4.94
C ARG A 377 3.60 -26.70 -5.77
N SER A 378 3.32 -27.93 -5.30
CA SER A 378 3.87 -29.12 -5.96
C SER A 378 3.23 -29.42 -7.29
N SER A 379 2.02 -28.92 -7.50
CA SER A 379 1.32 -29.19 -8.74
C SER A 379 2.00 -28.56 -9.98
N LEU A 380 2.84 -27.54 -9.74
CA LEU A 380 3.44 -26.74 -10.81
C LEU A 380 4.49 -27.55 -11.54
N ARG A 381 4.48 -27.47 -12.89
CA ARG A 381 5.52 -28.06 -13.76
C ARG A 381 6.28 -27.01 -14.59
N ILE A 382 5.61 -25.92 -14.96
CA ILE A 382 6.15 -24.89 -15.85
C ILE A 382 5.84 -23.50 -15.30
N LEU A 383 6.85 -22.63 -15.30
CA LEU A 383 6.65 -21.22 -15.01
C LEU A 383 6.91 -20.38 -16.25
N GLY A 384 6.35 -19.16 -16.24
CA GLY A 384 6.50 -18.23 -17.34
C GLY A 384 6.54 -16.80 -16.85
N SER A 385 7.21 -15.97 -17.62
CA SER A 385 7.38 -14.55 -17.30
C SER A 385 7.24 -13.75 -18.61
N VAL A 386 6.55 -12.61 -18.52
CA VAL A 386 6.21 -11.77 -19.66
C VAL A 386 6.15 -10.27 -19.32
N GLY A 387 6.45 -9.42 -20.29
CA GLY A 387 6.02 -8.02 -20.30
C GLY A 387 7.09 -6.97 -20.01
N GLU A 388 8.22 -7.47 -19.51
CA GLU A 388 9.31 -6.60 -19.12
C GLU A 388 10.54 -7.44 -18.84
N PRO A 389 11.72 -6.81 -18.93
CA PRO A 389 12.90 -7.63 -18.69
C PRO A 389 12.82 -8.09 -17.25
N ILE A 390 13.24 -9.34 -17.01
CA ILE A 390 13.37 -9.87 -15.66
C ILE A 390 14.84 -9.96 -15.26
N ASN A 391 15.22 -9.28 -14.19
CA ASN A 391 16.57 -9.39 -13.62
C ASN A 391 16.89 -10.82 -13.14
N PRO A 392 18.14 -11.30 -13.37
CA PRO A 392 18.54 -12.64 -12.90
C PRO A 392 18.12 -12.99 -11.46
N GLU A 393 18.27 -12.06 -10.52
CA GLU A 393 17.98 -12.31 -9.11
C GLU A 393 16.49 -12.60 -8.89
N ALA A 394 15.65 -11.82 -9.55
CA ALA A 394 14.21 -12.09 -9.60
C ALA A 394 13.88 -13.44 -10.25
N TRP A 395 14.55 -13.72 -11.38
CA TRP A 395 14.39 -14.97 -12.10
C TRP A 395 14.78 -16.14 -11.20
N GLU A 396 15.95 -16.05 -10.59
CA GLU A 396 16.37 -17.02 -9.57
C GLU A 396 15.36 -17.22 -8.43
N TRP A 397 14.83 -16.15 -7.85
CA TRP A 397 13.88 -16.28 -6.75
C TRP A 397 12.61 -16.99 -7.19
N TYR A 398 12.14 -16.62 -8.38
CA TYR A 398 10.93 -17.16 -8.99
C TYR A 398 11.11 -18.68 -9.23
N TRP A 399 12.24 -19.03 -9.85
CA TRP A 399 12.60 -20.43 -10.16
C TRP A 399 12.70 -21.29 -8.91
N LYS A 400 13.28 -20.70 -7.87
CA LYS A 400 13.57 -21.39 -6.63
C LYS A 400 12.34 -21.47 -5.71
N LYS A 401 11.74 -20.33 -5.45
CA LYS A 401 10.69 -20.21 -4.45
C LYS A 401 9.32 -20.68 -4.96
N ILE A 402 8.94 -20.21 -6.14
CA ILE A 402 7.66 -20.56 -6.74
C ILE A 402 7.71 -21.96 -7.43
N GLY A 403 8.70 -22.18 -8.29
CA GLY A 403 8.88 -23.44 -8.98
C GLY A 403 9.64 -24.50 -8.23
N LYS A 404 10.07 -24.20 -7.00
CA LYS A 404 10.77 -25.20 -6.15
C LYS A 404 11.98 -25.83 -6.83
N GLU A 405 12.57 -25.10 -7.78
CA GLU A 405 13.80 -25.49 -8.49
C GLU A 405 13.55 -26.63 -9.47
N LYS A 406 12.28 -26.96 -9.69
CA LYS A 406 11.91 -28.05 -10.57
C LYS A 406 11.28 -27.60 -11.88
N CYS A 407 11.00 -26.30 -12.02
CA CYS A 407 10.22 -25.82 -13.15
C CYS A 407 10.98 -24.94 -14.15
N PRO A 408 11.04 -25.36 -15.42
CA PRO A 408 11.53 -24.43 -16.44
C PRO A 408 10.79 -23.12 -16.36
N VAL A 409 11.50 -22.01 -16.46
CA VAL A 409 10.87 -20.70 -16.59
C VAL A 409 10.95 -20.29 -18.05
N VAL A 410 9.80 -20.03 -18.68
CA VAL A 410 9.78 -19.48 -20.04
C VAL A 410 9.60 -17.95 -20.03
N ASP A 411 10.66 -17.22 -20.40
CA ASP A 411 10.64 -15.80 -20.48
C ASP A 411 10.26 -15.45 -21.91
N THR A 412 9.00 -15.06 -22.11
CA THR A 412 8.44 -14.84 -23.45
C THR A 412 8.50 -13.37 -23.87
N TRP A 413 9.34 -13.06 -24.87
CA TRP A 413 9.36 -11.71 -25.45
C TRP A 413 8.45 -11.63 -26.66
N TRP A 414 7.59 -10.60 -26.65
CA TRP A 414 6.68 -10.25 -27.71
C TRP A 414 6.05 -8.89 -27.47
N GLN A 415 5.05 -8.55 -28.29
CA GLN A 415 4.42 -7.25 -28.26
C GLN A 415 2.96 -7.36 -28.65
N THR A 416 2.18 -6.32 -28.40
CA THR A 416 0.82 -6.24 -28.95
C THR A 416 0.83 -6.42 -30.49
N GLU A 417 1.76 -5.75 -31.16
CA GLU A 417 1.82 -5.80 -32.60
C GLU A 417 2.21 -7.18 -33.11
N THR A 418 2.69 -8.08 -32.25
CA THR A 418 3.17 -9.37 -32.76
C THR A 418 2.20 -10.57 -32.59
N GLY A 419 1.09 -10.36 -31.91
CA GLY A 419 0.07 -11.39 -31.77
C GLY A 419 0.37 -12.52 -30.79
N GLY A 420 1.59 -13.04 -30.82
CA GLY A 420 2.00 -14.12 -29.92
C GLY A 420 3.50 -14.11 -29.67
N PHE A 421 3.99 -15.16 -29.00
CA PHE A 421 5.42 -15.26 -28.60
C PHE A 421 6.40 -15.09 -29.77
N MET A 422 7.48 -14.34 -29.55
CA MET A 422 8.44 -14.03 -30.62
C MET A 422 9.81 -14.59 -30.32
N ILE A 423 10.28 -14.38 -29.10
CA ILE A 423 11.56 -14.95 -28.68
C ILE A 423 11.34 -15.57 -27.33
N THR A 424 11.53 -16.89 -27.25
CA THR A 424 11.10 -17.61 -26.07
C THR A 424 11.78 -18.99 -25.94
N PRO A 425 12.12 -19.37 -24.71
CA PRO A 425 12.50 -20.76 -24.53
C PRO A 425 11.33 -21.73 -24.80
N LEU A 426 11.67 -22.92 -25.23
CA LEU A 426 10.76 -24.03 -25.25
C LEU A 426 11.30 -24.90 -24.13
N PRO A 427 10.43 -25.22 -23.16
CA PRO A 427 10.88 -25.83 -21.91
C PRO A 427 11.62 -27.19 -22.05
N GLY A 428 11.36 -27.93 -23.13
CA GLY A 428 12.02 -29.22 -23.33
C GLY A 428 13.10 -29.20 -24.39
N ALA A 429 13.32 -28.04 -25.00
CA ALA A 429 14.23 -27.92 -26.12
C ALA A 429 15.47 -27.10 -25.80
N ILE A 430 15.29 -26.02 -25.03
CA ILE A 430 16.29 -24.94 -24.87
C ILE A 430 16.72 -24.86 -23.40
N GLU A 431 18.03 -24.79 -23.18
CA GLU A 431 18.60 -24.67 -21.84
C GLU A 431 18.53 -23.22 -21.43
N LEU A 432 18.14 -22.95 -20.18
CA LEU A 432 17.81 -21.59 -19.73
C LEU A 432 18.97 -20.79 -19.18
N LYS A 433 18.88 -19.49 -19.43
CA LYS A 433 19.73 -18.50 -18.81
C LYS A 433 18.87 -17.42 -18.15
N ALA A 434 19.09 -17.23 -16.85
CA ALA A 434 18.39 -16.22 -16.05
C ALA A 434 18.42 -14.77 -16.61
N GLY A 435 17.27 -14.28 -17.04
CA GLY A 435 17.20 -12.95 -17.64
C GLY A 435 17.14 -13.00 -19.17
N SER A 436 17.31 -14.19 -19.77
CA SER A 436 17.30 -14.30 -21.22
C SER A 436 16.02 -14.89 -21.81
N ALA A 437 15.47 -14.23 -22.82
CA ALA A 437 14.36 -14.81 -23.55
C ALA A 437 14.79 -15.95 -24.49
N THR A 438 16.11 -16.09 -24.67
CA THR A 438 16.75 -17.17 -25.47
C THR A 438 16.60 -17.04 -27.00
N ARG A 439 15.98 -18.05 -27.62
CA ARG A 439 15.97 -18.19 -29.08
C ARG A 439 14.65 -17.74 -29.70
N PRO A 440 14.67 -17.37 -31.00
CA PRO A 440 13.40 -17.09 -31.70
C PRO A 440 12.46 -18.29 -31.86
N PHE A 441 11.17 -17.98 -31.96
CA PHE A 441 10.14 -18.96 -32.21
C PHE A 441 10.10 -19.35 -33.70
N PHE A 442 9.42 -20.46 -34.01
CA PHE A 442 9.19 -20.87 -35.39
C PHE A 442 8.56 -19.71 -36.17
N GLY A 443 9.15 -19.39 -37.33
CA GLY A 443 8.65 -18.35 -38.22
C GLY A 443 9.28 -16.99 -38.00
N VAL A 444 10.02 -16.84 -36.91
CA VAL A 444 10.51 -15.52 -36.45
C VAL A 444 11.98 -15.36 -36.77
N GLN A 445 12.28 -14.31 -37.52
CA GLN A 445 13.61 -13.95 -37.99
C GLN A 445 14.06 -12.63 -37.35
N PRO A 446 14.64 -12.69 -36.14
CA PRO A 446 15.13 -11.44 -35.54
C PRO A 446 16.48 -11.02 -36.13
N ALA A 447 16.81 -9.74 -35.98
CA ALA A 447 18.14 -9.23 -36.29
C ALA A 447 18.39 -7.99 -35.42
N LEU A 448 19.66 -7.65 -35.27
CA LEU A 448 20.08 -6.49 -34.51
C LEU A 448 20.79 -5.59 -35.49
N VAL A 449 20.34 -4.34 -35.56
CA VAL A 449 20.89 -3.34 -36.45
C VAL A 449 21.35 -2.12 -35.65
N ASP A 450 22.40 -1.46 -36.11
CA ASP A 450 22.80 -0.18 -35.50
C ASP A 450 21.78 0.90 -35.85
N ASN A 451 21.95 2.10 -35.28
CA ASN A 451 21.04 3.21 -35.50
C ASN A 451 20.93 3.64 -36.95
N GLU A 452 21.92 3.21 -37.75
CA GLU A 452 22.01 3.53 -39.19
C GLU A 452 21.41 2.41 -40.06
N GLY A 453 21.11 1.26 -39.48
CA GLY A 453 20.42 0.22 -40.20
C GLY A 453 21.26 -0.95 -40.65
N HIS A 454 22.55 -0.92 -40.31
CA HIS A 454 23.52 -1.97 -40.63
C HIS A 454 23.39 -3.16 -39.71
N PRO A 455 23.11 -4.36 -40.28
CA PRO A 455 23.04 -5.60 -39.49
C PRO A 455 24.33 -5.87 -38.72
N GLN A 456 24.17 -6.15 -37.43
CA GLN A 456 25.25 -6.48 -36.54
C GLN A 456 25.31 -7.99 -36.38
N GLU A 457 26.48 -8.57 -36.66
CA GLU A 457 26.65 -10.04 -36.58
C GLU A 457 27.38 -10.48 -35.30
N GLY A 458 27.29 -11.77 -34.99
CA GLY A 458 27.95 -12.34 -33.83
C GLY A 458 27.30 -11.93 -32.53
N ALA A 459 28.04 -12.05 -31.43
CA ALA A 459 27.63 -11.53 -30.13
C ALA A 459 27.75 -10.03 -30.18
N THR A 460 26.67 -9.35 -29.87
CA THR A 460 26.59 -7.95 -30.22
C THR A 460 25.30 -7.38 -29.63
N GLU A 461 25.11 -6.06 -29.74
CA GLU A 461 23.83 -5.46 -29.43
C GLU A 461 23.44 -4.46 -30.53
N GLY A 462 22.16 -4.09 -30.53
CA GLY A 462 21.60 -3.04 -31.39
C GLY A 462 20.09 -2.99 -31.28
N ASN A 463 19.47 -2.38 -32.29
CA ASN A 463 18.02 -2.27 -32.41
C ASN A 463 17.44 -3.59 -32.86
N LEU A 464 16.44 -4.09 -32.13
CA LEU A 464 15.81 -5.37 -32.46
C LEU A 464 14.76 -5.25 -33.54
N VAL A 465 15.00 -5.92 -34.68
CA VAL A 465 14.08 -5.90 -35.80
C VAL A 465 13.67 -7.35 -36.15
N ILE A 466 12.61 -7.50 -36.95
CA ILE A 466 12.19 -8.82 -37.43
C ILE A 466 12.12 -8.67 -38.95
N THR A 467 12.81 -9.58 -39.65
CA THR A 467 13.16 -9.32 -41.04
C THR A 467 12.18 -9.89 -42.01
N ASP A 468 11.22 -10.67 -41.52
CA ASP A 468 10.15 -11.21 -42.35
C ASP A 468 8.90 -11.38 -41.49
N SER A 469 7.77 -11.67 -42.13
CA SER A 469 6.51 -11.79 -41.39
C SER A 469 6.34 -13.16 -40.70
N TRP A 470 5.35 -13.25 -39.81
CA TRP A 470 4.97 -14.46 -39.13
C TRP A 470 3.45 -14.33 -39.02
N PRO A 471 2.74 -15.44 -38.77
CA PRO A 471 1.27 -15.45 -38.82
C PRO A 471 0.49 -14.57 -37.82
N GLY A 472 1.01 -14.34 -36.61
CA GLY A 472 0.26 -13.58 -35.60
C GLY A 472 0.47 -12.07 -35.70
N GLN A 473 1.27 -11.63 -36.67
CA GLN A 473 1.59 -10.21 -36.80
C GLN A 473 0.33 -9.36 -36.98
N ALA A 474 0.30 -8.21 -36.30
CA ALA A 474 -0.75 -7.22 -36.47
C ALA A 474 -0.77 -6.77 -37.92
N ARG A 475 -1.97 -6.60 -38.47
CA ARG A 475 -2.14 -6.34 -39.92
C ARG A 475 -2.18 -4.86 -40.23
N THR A 476 -2.58 -4.05 -39.26
CA THR A 476 -2.64 -2.62 -39.45
C THR A 476 -2.92 -1.86 -38.13
N LEU A 477 -3.01 -0.53 -38.25
CA LEU A 477 -3.57 0.35 -37.22
C LEU A 477 -4.95 0.78 -37.72
N PHE A 478 -5.94 0.68 -36.84
CA PHE A 478 -7.33 0.90 -37.21
C PHE A 478 -7.57 2.24 -37.94
N GLY A 479 -8.11 2.14 -39.16
CA GLY A 479 -8.33 3.27 -40.03
C GLY A 479 -7.08 4.07 -40.34
N ASP A 480 -5.91 3.44 -40.34
CA ASP A 480 -4.69 4.17 -40.65
C ASP A 480 -3.51 3.28 -40.98
N HIS A 481 -3.63 2.63 -42.12
CA HIS A 481 -2.56 1.80 -42.68
C HIS A 481 -1.30 2.59 -43.06
N GLU A 482 -1.47 3.86 -43.43
CA GLU A 482 -0.30 4.68 -43.73
C GLU A 482 0.54 4.94 -42.48
N ARG A 483 -0.09 5.16 -41.33
CA ARG A 483 0.69 5.33 -40.10
C ARG A 483 1.30 4.02 -39.60
N PHE A 484 0.67 2.90 -39.95
CA PHE A 484 1.17 1.58 -39.61
C PHE A 484 2.55 1.38 -40.24
N GLU A 485 2.65 1.71 -41.52
CA GLU A 485 3.90 1.65 -42.22
C GLU A 485 4.89 2.66 -41.61
N GLN A 486 4.45 3.92 -41.45
CA GLN A 486 5.29 4.97 -40.88
C GLN A 486 5.89 4.49 -39.54
N THR A 487 5.03 4.02 -38.65
CA THR A 487 5.45 3.65 -37.33
C THR A 487 6.41 2.46 -37.30
N TYR A 488 6.09 1.37 -37.99
CA TYR A 488 6.88 0.15 -37.82
C TYR A 488 7.83 -0.18 -38.95
N PHE A 489 7.59 0.31 -40.16
CA PHE A 489 8.40 -0.13 -41.32
C PHE A 489 9.19 0.98 -42.06
N SER A 490 9.40 2.13 -41.41
CA SER A 490 10.07 3.28 -42.07
C SER A 490 11.46 3.57 -41.53
N THR A 491 11.69 3.28 -40.24
CA THR A 491 13.01 3.49 -39.64
C THR A 491 14.10 2.59 -40.27
N PHE A 492 13.77 1.32 -40.43
CA PHE A 492 14.66 0.36 -41.08
C PHE A 492 13.88 -0.32 -42.17
N LYS A 493 14.14 0.13 -43.40
CA LYS A 493 13.41 -0.26 -44.60
C LYS A 493 13.32 -1.76 -44.72
N ASN A 494 12.13 -2.24 -45.06
CA ASN A 494 11.89 -3.68 -45.28
C ASN A 494 12.04 -4.56 -44.05
N MET A 495 11.90 -3.93 -42.88
CA MET A 495 12.06 -4.61 -41.61
C MET A 495 11.00 -4.13 -40.63
N TYR A 496 10.60 -5.02 -39.72
CA TYR A 496 9.72 -4.62 -38.62
C TYR A 496 10.57 -4.17 -37.42
N PHE A 497 10.49 -2.89 -37.07
CA PHE A 497 11.19 -2.36 -35.90
C PHE A 497 10.35 -2.42 -34.63
N SER A 498 10.81 -3.23 -33.67
CA SER A 498 10.06 -3.53 -32.46
C SER A 498 10.01 -2.33 -31.49
N GLY A 499 10.97 -1.40 -31.60
CA GLY A 499 11.14 -0.36 -30.61
C GLY A 499 11.99 -0.75 -29.40
N ASP A 500 12.39 -2.02 -29.34
CA ASP A 500 13.32 -2.54 -28.33
C ASP A 500 14.79 -2.57 -28.73
N GLY A 501 15.65 -2.45 -27.75
CA GLY A 501 17.05 -2.85 -27.87
C GLY A 501 17.27 -4.26 -27.34
N ALA A 502 18.26 -4.95 -27.91
CA ALA A 502 18.67 -6.27 -27.40
C ALA A 502 20.14 -6.55 -27.65
N ARG A 503 20.72 -7.37 -26.79
CA ARG A 503 22.01 -8.00 -27.10
C ARG A 503 21.86 -9.50 -27.42
N ARG A 504 22.71 -10.01 -28.30
CA ARG A 504 22.85 -11.44 -28.57
C ARG A 504 24.17 -11.92 -28.00
N ASP A 505 24.18 -13.09 -27.38
CA ASP A 505 25.41 -13.64 -26.84
C ASP A 505 26.06 -14.64 -27.81
N GLU A 506 27.17 -15.26 -27.39
CA GLU A 506 27.93 -16.18 -28.24
C GLU A 506 27.12 -17.41 -28.64
N ASP A 507 26.08 -17.73 -27.84
CA ASP A 507 25.22 -18.88 -28.09
C ASP A 507 24.03 -18.56 -28.98
N GLY A 508 23.88 -17.30 -29.36
CA GLY A 508 22.72 -16.89 -30.18
C GLY A 508 21.47 -16.61 -29.36
N TYR A 509 21.63 -16.52 -28.04
CA TYR A 509 20.56 -16.11 -27.11
C TYR A 509 20.38 -14.60 -27.06
N TYR A 510 19.12 -14.14 -27.10
CA TYR A 510 18.78 -12.73 -26.97
C TYR A 510 18.48 -12.28 -25.52
N TRP A 511 18.94 -11.07 -25.21
CA TRP A 511 18.72 -10.42 -23.93
C TRP A 511 18.10 -9.06 -24.24
N ILE A 512 16.79 -8.96 -24.01
CA ILE A 512 16.03 -7.76 -24.37
C ILE A 512 16.17 -6.75 -23.28
N THR A 513 16.75 -5.61 -23.63
CA THR A 513 17.10 -4.62 -22.63
C THR A 513 16.09 -3.45 -22.53
N GLY A 514 15.01 -3.50 -23.30
CA GLY A 514 14.00 -2.48 -23.17
C GLY A 514 13.85 -1.53 -24.35
N ARG A 515 12.80 -0.71 -24.26
CA ARG A 515 12.49 0.26 -25.29
C ARG A 515 13.69 1.17 -25.57
N VAL A 516 13.95 1.44 -26.84
CA VAL A 516 14.97 2.46 -27.21
C VAL A 516 14.26 3.69 -27.78
N ASP A 517 12.95 3.63 -27.81
CA ASP A 517 12.19 4.80 -28.19
C ASP A 517 11.58 5.40 -26.91
N ASP A 518 10.63 6.32 -27.08
CA ASP A 518 10.18 7.08 -25.96
C ASP A 518 8.93 6.51 -25.34
N VAL A 519 9.04 5.22 -25.02
CA VAL A 519 7.97 4.42 -24.46
C VAL A 519 8.50 3.91 -23.14
N LEU A 520 7.68 4.02 -22.09
CA LEU A 520 8.05 3.53 -20.77
C LEU A 520 7.44 2.15 -20.51
N ASN A 521 8.00 1.49 -19.51
CA ASN A 521 7.45 0.29 -18.95
C ASN A 521 7.28 0.49 -17.45
N VAL A 522 6.05 0.74 -17.03
CA VAL A 522 5.79 1.10 -15.65
C VAL A 522 4.87 0.02 -15.07
N SER A 523 5.36 -0.71 -14.07
CA SER A 523 4.69 -1.91 -13.56
C SER A 523 4.18 -2.82 -14.69
N GLY A 524 4.96 -2.92 -15.77
CA GLY A 524 4.59 -3.75 -16.91
C GLY A 524 3.54 -3.14 -17.82
N HIS A 525 3.27 -1.84 -17.67
CA HIS A 525 2.38 -1.16 -18.60
C HIS A 525 3.23 -0.33 -19.55
N ARG A 526 2.95 -0.48 -20.84
CA ARG A 526 3.62 0.24 -21.91
C ARG A 526 2.98 1.63 -21.98
N LEU A 527 3.75 2.69 -21.76
CA LEU A 527 3.28 4.09 -21.80
C LEU A 527 4.19 4.98 -22.62
N GLY A 528 3.63 5.82 -23.48
CA GLY A 528 4.44 6.79 -24.21
C GLY A 528 4.68 8.00 -23.33
N THR A 529 5.88 8.56 -23.38
CA THR A 529 6.24 9.78 -22.60
C THR A 529 5.43 10.99 -23.12
N ALA A 530 5.30 11.06 -24.45
CA ALA A 530 4.54 12.11 -25.09
C ALA A 530 3.12 12.23 -24.61
N GLU A 531 2.42 11.11 -24.37
CA GLU A 531 1.03 11.19 -23.89
C GLU A 531 0.90 11.69 -22.43
N ILE A 532 1.93 11.48 -21.61
CA ILE A 532 1.93 11.95 -20.23
C ILE A 532 2.22 13.46 -20.24
N GLU A 533 3.11 13.86 -21.15
CA GLU A 533 3.46 15.24 -21.31
C GLU A 533 2.22 16.04 -21.75
N SER A 534 1.46 15.51 -22.71
CA SER A 534 0.18 16.08 -23.13
C SER A 534 -0.83 16.24 -21.98
N ALA A 535 -0.95 15.18 -21.18
CA ALA A 535 -1.86 15.16 -20.04
C ALA A 535 -1.45 16.24 -19.06
N LEU A 536 -0.14 16.32 -18.79
CA LEU A 536 0.42 17.39 -17.97
C LEU A 536 0.12 18.79 -18.53
N VAL A 537 0.34 18.98 -19.83
CA VAL A 537 0.23 20.29 -20.47
C VAL A 537 -1.24 20.76 -20.56
N ALA A 538 -2.18 19.82 -20.48
CA ALA A 538 -3.61 20.15 -20.55
C ALA A 538 -4.06 20.86 -19.28
N HIS A 539 -3.28 20.67 -18.20
CA HIS A 539 -3.50 21.34 -16.93
C HIS A 539 -3.27 22.86 -17.07
N PRO A 540 -4.28 23.65 -16.68
CA PRO A 540 -4.28 25.12 -16.89
C PRO A 540 -3.15 25.91 -16.21
N LYS A 541 -2.43 25.27 -15.28
CA LYS A 541 -1.27 25.91 -14.63
C LYS A 541 0.07 25.50 -15.23
N ILE A 542 0.04 24.53 -16.14
CA ILE A 542 1.28 23.95 -16.69
C ILE A 542 1.56 24.45 -18.13
N ALA A 543 2.75 25.02 -18.28
CA ALA A 543 3.23 25.51 -19.57
C ALA A 543 3.84 24.38 -20.42
N GLU A 544 4.71 23.59 -19.80
CA GLU A 544 5.67 22.77 -20.50
C GLU A 544 6.01 21.58 -19.62
N ALA A 545 6.13 20.40 -20.21
CA ALA A 545 6.54 19.19 -19.49
C ALA A 545 7.45 18.31 -20.33
N ALA A 546 8.42 17.68 -19.66
CA ALA A 546 9.24 16.62 -20.23
C ALA A 546 9.23 15.50 -19.23
N VAL A 547 8.93 14.30 -19.72
CA VAL A 547 8.76 13.13 -18.90
C VAL A 547 9.79 12.13 -19.37
N VAL A 548 10.50 11.58 -18.39
CA VAL A 548 11.43 10.50 -18.57
C VAL A 548 11.12 9.35 -17.58
N GLY A 549 11.69 8.17 -17.87
CA GLY A 549 11.69 7.04 -16.93
C GLY A 549 12.99 6.93 -16.12
N ILE A 550 12.88 6.45 -14.90
CA ILE A 550 14.01 6.20 -14.03
C ILE A 550 13.86 4.81 -13.45
N PRO A 551 14.98 4.10 -13.19
CA PRO A 551 14.88 2.74 -12.65
C PRO A 551 14.06 2.69 -11.36
N HIS A 552 13.33 1.61 -11.16
CA HIS A 552 12.53 1.48 -9.96
C HIS A 552 12.53 0.01 -9.54
N ALA A 553 12.79 -0.25 -8.26
CA ALA A 553 12.99 -1.62 -7.78
C ALA A 553 11.75 -2.51 -7.88
N ILE A 554 10.56 -1.93 -7.80
CA ILE A 554 9.36 -2.76 -8.02
C ILE A 554 8.70 -2.53 -9.38
N LYS A 555 8.47 -1.26 -9.72
CA LYS A 555 7.75 -0.92 -10.95
C LYS A 555 8.59 -1.09 -12.21
N GLY A 556 9.90 -1.29 -12.06
CA GLY A 556 10.82 -1.40 -13.19
C GLY A 556 11.29 -0.03 -13.66
N GLN A 557 10.35 0.79 -14.10
CA GLN A 557 10.57 2.22 -14.32
C GLN A 557 9.50 3.03 -13.60
N ALA A 558 9.89 4.19 -13.10
CA ALA A 558 8.91 5.15 -12.60
C ALA A 558 8.87 6.32 -13.58
N ILE A 559 7.81 7.11 -13.45
CA ILE A 559 7.56 8.26 -14.30
C ILE A 559 8.01 9.47 -13.51
N TYR A 560 8.99 10.17 -14.08
CA TYR A 560 9.62 11.36 -13.49
C TYR A 560 9.32 12.48 -14.48
N ALA A 561 8.60 13.48 -14.00
CA ALA A 561 8.14 14.56 -14.86
C ALA A 561 8.77 15.91 -14.50
N TYR A 562 9.52 16.47 -15.45
CA TYR A 562 10.02 17.83 -15.35
C TYR A 562 8.89 18.74 -15.82
N VAL A 563 8.46 19.64 -14.94
CA VAL A 563 7.31 20.49 -15.21
C VAL A 563 7.64 21.97 -15.12
N THR A 564 7.23 22.71 -16.15
CA THR A 564 7.34 24.16 -16.17
C THR A 564 5.92 24.75 -16.09
N LEU A 565 5.68 25.52 -15.01
CA LEU A 565 4.41 26.23 -14.80
C LEU A 565 4.31 27.47 -15.70
N ASN A 566 3.08 27.89 -16.00
CA ASN A 566 2.87 29.16 -16.68
C ASN A 566 3.53 30.28 -15.90
N HIS A 567 4.00 31.31 -16.61
CA HIS A 567 4.67 32.45 -15.98
C HIS A 567 3.75 33.06 -14.93
N GLY A 568 4.29 33.24 -13.73
CA GLY A 568 3.54 33.80 -12.61
C GLY A 568 2.92 32.79 -11.66
N GLU A 569 3.14 31.49 -11.95
CA GLU A 569 2.61 30.39 -11.11
C GLU A 569 3.66 29.89 -10.12
N GLU A 570 3.22 29.55 -8.91
CA GLU A 570 4.13 29.05 -7.87
C GLU A 570 3.82 27.60 -7.49
N PRO A 571 4.86 26.76 -7.34
CA PRO A 571 4.64 25.41 -6.81
C PRO A 571 4.10 25.47 -5.36
N SER A 572 3.52 24.34 -4.93
CA SER A 572 3.03 24.13 -3.56
C SER A 572 2.95 22.62 -3.33
N PRO A 573 2.75 22.19 -2.07
CA PRO A 573 2.36 20.77 -1.87
C PRO A 573 0.92 20.41 -2.31
N GLU A 574 0.00 21.39 -2.29
CA GLU A 574 -1.34 21.22 -2.84
C GLU A 574 -1.24 20.86 -4.34
N LEU A 575 -0.33 21.53 -5.04
CA LEU A 575 -0.21 21.42 -6.50
C LEU A 575 0.41 20.10 -6.95
N TYR A 576 1.41 19.64 -6.20
CA TYR A 576 2.00 18.33 -6.41
C TYR A 576 0.94 17.24 -6.52
N ALA A 577 0.15 17.05 -5.46
CA ALA A 577 -0.95 16.06 -5.45
C ALA A 577 -2.04 16.37 -6.47
N GLU A 578 -2.33 17.65 -6.68
CA GLU A 578 -3.32 18.07 -7.66
C GLU A 578 -2.97 17.61 -9.07
N VAL A 579 -1.74 17.91 -9.49
CA VAL A 579 -1.20 17.60 -10.82
C VAL A 579 -1.18 16.07 -11.05
N ARG A 580 -0.69 15.34 -10.04
CA ARG A 580 -0.76 13.88 -10.01
C ARG A 580 -2.19 13.35 -10.23
N ASN A 581 -3.14 13.85 -9.43
CA ASN A 581 -4.57 13.54 -9.60
C ASN A 581 -5.12 13.94 -11.00
N TRP A 582 -4.59 15.02 -11.56
CA TRP A 582 -4.90 15.43 -12.93
C TRP A 582 -4.49 14.32 -13.93
N VAL A 583 -3.24 13.89 -13.89
CA VAL A 583 -2.83 12.80 -14.79
C VAL A 583 -3.64 11.50 -14.58
N GLU A 584 -3.98 11.20 -13.33
CA GLU A 584 -4.78 10.04 -13.02
C GLU A 584 -6.16 10.16 -13.63
N LYS A 585 -6.65 11.39 -13.76
CA LYS A 585 -7.95 11.66 -14.35
C LYS A 585 -7.87 11.62 -15.87
N GLU A 586 -6.77 12.06 -16.43
CA GLU A 586 -6.61 12.09 -17.89
C GLU A 586 -6.42 10.72 -18.49
N ILE A 587 -5.64 9.88 -17.82
CA ILE A 587 -5.29 8.56 -18.35
C ILE A 587 -5.74 7.45 -17.41
N GLY A 588 -5.16 7.43 -16.22
CA GLY A 588 -5.50 6.44 -15.21
C GLY A 588 -4.39 6.36 -14.18
N PRO A 589 -4.69 5.75 -13.01
CA PRO A 589 -3.70 5.54 -11.96
C PRO A 589 -2.39 5.05 -12.55
N LEU A 590 -2.47 4.24 -13.61
CA LEU A 590 -1.29 3.61 -14.21
C LEU A 590 -0.25 4.63 -14.68
N ALA A 591 -0.70 5.86 -14.98
CA ALA A 591 0.15 6.90 -15.57
C ALA A 591 0.53 8.01 -14.59
N THR A 592 0.07 7.90 -13.35
CA THR A 592 0.39 8.91 -12.35
C THR A 592 1.92 8.98 -12.19
N PRO A 593 2.52 10.19 -12.34
CA PRO A 593 3.95 10.38 -12.14
C PRO A 593 4.37 10.22 -10.68
N ASP A 594 5.44 9.46 -10.46
CA ASP A 594 5.97 9.26 -9.13
C ASP A 594 6.66 10.53 -8.57
N VAL A 595 7.28 11.29 -9.47
CA VAL A 595 8.05 12.51 -9.14
C VAL A 595 7.62 13.66 -10.06
N LEU A 596 7.46 14.83 -9.46
CA LEU A 596 7.22 16.06 -10.18
C LEU A 596 8.36 17.00 -9.87
N HIS A 597 9.11 17.35 -10.91
CA HIS A 597 10.27 18.19 -10.81
C HIS A 597 9.91 19.58 -11.37
N TRP A 598 9.53 20.49 -10.47
CA TRP A 598 9.27 21.88 -10.80
C TRP A 598 10.54 22.54 -11.35
N THR A 599 10.48 23.06 -12.58
CA THR A 599 11.65 23.71 -13.20
C THR A 599 11.36 24.81 -14.22
N ASP A 600 12.25 25.81 -14.33
CA ASP A 600 12.24 26.74 -15.48
C ASP A 600 13.46 26.51 -16.40
N SER A 601 14.20 25.44 -16.08
CA SER A 601 15.48 25.11 -16.72
C SER A 601 15.45 23.91 -17.69
N LEU A 602 14.36 23.73 -18.46
CA LEU A 602 14.33 22.68 -19.50
C LEU A 602 15.42 22.95 -20.55
N PRO A 603 16.30 21.95 -20.78
CA PRO A 603 17.43 22.09 -21.68
C PRO A 603 17.04 22.00 -23.16
N LYS A 604 17.12 23.14 -23.83
CA LYS A 604 16.70 23.23 -25.22
C LYS A 604 17.86 23.64 -26.11
N THR A 605 17.94 23.02 -27.29
CA THR A 605 18.84 23.48 -28.34
C THR A 605 18.40 24.88 -28.75
N ARG A 606 19.31 25.61 -29.41
CA ARG A 606 18.97 26.89 -30.01
C ARG A 606 17.78 26.72 -30.97
N SER A 607 17.77 25.61 -31.71
CA SER A 607 16.65 25.24 -32.59
C SER A 607 15.32 24.97 -31.86
N GLY A 608 15.36 24.81 -30.54
CA GLY A 608 14.14 24.56 -29.75
C GLY A 608 13.99 23.14 -29.26
N LYS A 609 14.86 22.24 -29.74
CA LYS A 609 14.82 20.82 -29.33
C LYS A 609 15.06 20.63 -27.82
N ILE A 610 14.39 19.66 -27.23
CA ILE A 610 14.64 19.35 -25.82
C ILE A 610 15.68 18.24 -25.66
N MET A 611 16.75 18.53 -24.92
CA MET A 611 17.82 17.56 -24.68
C MET A 611 17.30 16.54 -23.70
N ARG A 612 16.70 15.46 -24.21
CA ARG A 612 16.04 14.50 -23.34
C ARG A 612 17.03 13.51 -22.74
N ARG A 613 18.18 13.34 -23.35
CA ARG A 613 19.21 12.45 -22.78
C ARG A 613 19.78 12.99 -21.45
N ILE A 614 20.00 14.30 -21.36
CA ILE A 614 20.54 14.81 -20.12
C ILE A 614 19.48 14.71 -19.01
N LEU A 615 18.22 14.96 -19.37
CA LEU A 615 17.10 14.84 -18.45
C LEU A 615 16.99 13.43 -17.85
N ARG A 616 17.08 12.45 -18.74
CA ARG A 616 17.14 11.04 -18.36
C ARG A 616 18.28 10.75 -17.39
N LYS A 617 19.50 11.18 -17.73
CA LYS A 617 20.67 10.99 -16.87
C LYS A 617 20.51 11.65 -15.48
N ILE A 618 20.14 12.93 -15.46
CA ILE A 618 19.90 13.65 -14.19
C ILE A 618 18.84 12.99 -13.31
N ALA A 619 17.68 12.68 -13.90
CA ALA A 619 16.59 11.96 -13.19
C ALA A 619 17.04 10.63 -12.54
N ALA A 620 17.97 9.93 -13.16
CA ALA A 620 18.55 8.71 -12.61
C ALA A 620 19.64 8.90 -11.52
N GLY A 621 19.73 10.08 -10.88
CA GLY A 621 20.67 10.28 -9.77
C GLY A 621 22.13 10.21 -10.24
N ASP A 622 22.34 10.79 -11.40
CA ASP A 622 23.53 10.61 -12.17
C ASP A 622 24.13 12.04 -12.29
N THR A 623 25.37 12.19 -11.85
CA THR A 623 25.94 13.51 -11.56
C THR A 623 27.08 14.01 -12.49
N SER A 624 27.42 13.20 -13.49
CA SER A 624 28.40 13.55 -14.53
C SER A 624 28.32 12.62 -15.74
N ALA A 633 21.80 25.71 -25.67
CA ALA A 633 21.41 27.12 -25.85
C ALA A 633 21.80 28.02 -24.67
N ASP A 634 21.23 27.73 -23.50
CA ASP A 634 21.71 28.29 -22.22
C ASP A 634 22.27 27.15 -21.36
N PRO A 635 23.62 26.98 -21.36
CA PRO A 635 24.29 25.81 -20.74
C PRO A 635 24.12 25.67 -19.22
N GLY A 636 23.86 26.79 -18.54
CA GLY A 636 23.76 26.81 -17.08
C GLY A 636 22.47 26.23 -16.53
N VAL A 637 21.56 25.79 -17.40
CA VAL A 637 20.36 25.06 -16.95
C VAL A 637 20.69 23.68 -16.35
N VAL A 638 21.67 23.00 -16.96
CA VAL A 638 22.13 21.70 -16.48
C VAL A 638 22.44 21.74 -14.98
N GLU A 639 23.24 22.72 -14.58
CA GLU A 639 23.65 22.86 -13.19
C GLU A 639 22.47 23.16 -12.25
N LYS A 640 21.51 23.95 -12.75
CA LYS A 640 20.29 24.31 -11.99
C LYS A 640 19.43 23.06 -11.83
N LEU A 641 19.35 22.27 -12.89
CA LEU A 641 18.63 21.00 -12.88
C LEU A 641 19.20 19.99 -11.84
N LEU A 642 20.52 19.88 -11.76
CA LEU A 642 21.20 19.10 -10.71
C LEU A 642 20.91 19.52 -9.26
N GLU A 643 20.92 20.83 -8.99
CA GLU A 643 20.55 21.34 -7.68
C GLU A 643 19.11 21.03 -7.36
N GLU A 644 18.21 21.30 -8.31
CA GLU A 644 16.79 21.06 -8.10
C GLU A 644 16.54 19.58 -7.76
N LYS A 645 17.14 18.68 -8.53
CA LYS A 645 17.12 17.24 -8.24
C LYS A 645 17.56 16.97 -6.80
N GLN A 646 18.71 17.49 -6.41
CA GLN A 646 19.22 17.25 -5.06
C GLN A 646 18.18 17.59 -3.98
N ALA A 647 17.45 18.69 -4.20
CA ALA A 647 16.48 19.22 -3.22
C ALA A 647 15.11 18.51 -3.23
N HIS B 5 3.70 34.94 9.88
CA HIS B 5 2.21 34.81 9.88
C HIS B 5 1.64 34.26 11.21
N LYS B 6 0.70 35.01 11.82
CA LYS B 6 -0.08 34.51 12.96
C LYS B 6 -1.55 34.23 12.58
N HIS B 7 -2.13 33.21 13.21
CA HIS B 7 -3.54 32.95 13.07
C HIS B 7 -4.21 33.48 14.32
N ALA B 8 -5.03 34.51 14.12
CA ALA B 8 -5.82 35.13 15.20
C ALA B 8 -6.96 34.23 15.67
N ILE B 9 -7.35 34.41 16.92
CA ILE B 9 -8.42 33.62 17.53
C ILE B 9 -9.76 34.04 16.92
N PRO B 10 -10.51 33.06 16.37
CA PRO B 10 -11.76 33.43 15.68
C PRO B 10 -12.83 33.85 16.68
N ALA B 11 -13.66 34.80 16.27
CA ALA B 11 -14.71 35.38 17.12
C ALA B 11 -15.64 34.34 17.75
N ASN B 12 -15.99 33.29 16.98
CA ASN B 12 -16.78 32.17 17.50
C ASN B 12 -16.11 31.46 18.70
N ILE B 13 -14.80 31.23 18.63
CA ILE B 13 -14.08 30.62 19.74
C ILE B 13 -13.99 31.62 20.90
N ALA B 14 -13.56 32.84 20.59
CA ALA B 14 -13.51 33.95 21.54
C ALA B 14 -14.80 34.06 22.37
N ASP B 15 -15.94 33.83 21.71
CA ASP B 15 -17.25 33.95 22.33
C ASP B 15 -17.52 32.87 23.39
N ARG B 16 -17.03 31.65 23.14
CA ARG B 16 -17.38 30.51 23.97
C ARG B 16 -16.20 29.89 24.76
N CYS B 17 -14.97 30.33 24.48
CA CYS B 17 -13.83 29.66 25.11
C CYS B 17 -13.95 29.62 26.64
N LEU B 18 -13.63 28.43 27.19
CA LEU B 18 -13.49 28.23 28.62
C LEU B 18 -12.40 29.12 29.22
N ILE B 19 -11.35 29.37 28.44
CA ILE B 19 -10.17 30.12 28.87
C ILE B 19 -9.69 31.11 27.81
N ASN B 20 -9.83 32.40 28.14
CA ASN B 20 -9.42 33.48 27.24
C ASN B 20 -7.94 33.84 27.41
N PRO B 21 -7.43 34.80 26.62
CA PRO B 21 -6.02 35.16 26.79
C PRO B 21 -5.63 35.61 28.21
N GLU B 22 -6.43 36.50 28.83
CA GLU B 22 -6.07 37.02 30.16
C GLU B 22 -6.10 35.90 31.19
N GLN B 23 -7.11 35.05 31.09
CA GLN B 23 -7.26 33.89 31.97
C GLN B 23 -6.07 32.93 31.92
N TYR B 24 -5.52 32.73 30.71
CA TYR B 24 -4.31 31.95 30.55
C TYR B 24 -3.16 32.56 31.35
N GLU B 25 -2.97 33.88 31.20
CA GLU B 25 -1.86 34.56 31.87
C GLU B 25 -1.98 34.46 33.37
N THR B 26 -3.22 34.59 33.86
CA THR B 26 -3.49 34.59 35.29
C THR B 26 -3.31 33.19 35.89
N LYS B 27 -3.90 32.17 35.27
CA LYS B 27 -3.83 30.81 35.77
C LYS B 27 -2.43 30.28 35.67
N TYR B 28 -1.76 30.59 34.55
CA TYR B 28 -0.40 30.09 34.37
C TYR B 28 0.48 30.56 35.51
N LYS B 29 0.48 31.87 35.75
CA LYS B 29 1.34 32.48 36.76
C LYS B 29 1.04 31.87 38.13
N GLN B 30 -0.25 31.74 38.46
CA GLN B 30 -0.63 31.15 39.73
C GLN B 30 -0.11 29.70 39.82
N SER B 31 -0.24 28.95 38.73
CA SER B 31 0.16 27.54 38.69
C SER B 31 1.66 27.39 38.93
N ILE B 32 2.41 28.42 38.53
CA ILE B 32 3.86 28.46 38.67
C ILE B 32 4.28 28.96 40.07
N ASN B 33 3.78 30.11 40.52
CA ASN B 33 4.13 30.64 41.84
C ASN B 33 3.55 29.87 43.04
N ASP B 34 2.32 29.36 42.90
CA ASP B 34 1.63 28.69 43.99
C ASP B 34 0.88 27.44 43.54
N PRO B 35 1.62 26.38 43.14
CA PRO B 35 0.97 25.14 42.67
C PRO B 35 0.06 24.47 43.71
N ASP B 36 0.38 24.61 44.99
CA ASP B 36 -0.43 24.05 46.08
C ASP B 36 -1.88 24.58 46.09
N THR B 37 -2.01 25.90 46.05
CA THR B 37 -3.31 26.55 45.86
C THR B 37 -3.89 26.24 44.46
N PHE B 38 -3.12 26.47 43.40
CA PHE B 38 -3.65 26.25 42.06
C PHE B 38 -4.15 24.80 41.79
N TRP B 39 -3.30 23.82 42.01
CA TRP B 39 -3.69 22.42 41.77
C TRP B 39 -4.59 21.84 42.90
N GLY B 40 -4.68 22.55 44.03
CA GLY B 40 -5.57 22.20 45.13
C GLY B 40 -6.99 22.46 44.69
N GLU B 41 -7.18 23.60 44.02
CA GLU B 41 -8.49 24.00 43.51
C GLU B 41 -8.83 23.19 42.28
N GLN B 42 -7.82 22.99 41.42
CA GLN B 42 -8.06 22.43 40.09
C GLN B 42 -8.40 20.93 40.18
N GLY B 43 -7.81 20.24 41.14
CA GLY B 43 -8.09 18.83 41.41
C GLY B 43 -9.52 18.45 41.78
N LYS B 44 -10.35 19.45 42.10
CA LYS B 44 -11.80 19.25 42.35
C LYS B 44 -12.57 19.00 41.04
N ILE B 45 -11.85 18.90 39.92
CA ILE B 45 -12.43 18.45 38.66
C ILE B 45 -12.85 16.98 38.79
N LEU B 46 -12.21 16.27 39.73
CA LEU B 46 -12.56 14.91 40.07
C LEU B 46 -13.32 14.89 41.37
N ASP B 47 -14.19 13.89 41.53
CA ASP B 47 -14.77 13.57 42.84
C ASP B 47 -13.73 12.84 43.68
N TRP B 48 -13.63 13.19 44.96
CA TRP B 48 -12.73 12.50 45.90
C TRP B 48 -13.46 11.74 47.01
N ILE B 49 -13.02 10.50 47.28
CA ILE B 49 -13.55 9.70 48.38
C ILE B 49 -13.10 10.30 49.74
N THR B 50 -11.81 10.22 50.05
CA THR B 50 -11.32 11.03 51.16
C THR B 50 -10.46 12.14 50.55
N PRO B 51 -10.77 13.41 50.88
CA PRO B 51 -10.14 14.60 50.29
C PRO B 51 -8.66 14.73 50.62
N TYR B 52 -7.87 15.21 49.68
CA TYR B 52 -6.45 15.48 49.97
C TYR B 52 -6.28 16.75 50.82
N GLN B 53 -5.16 16.81 51.52
CA GLN B 53 -4.70 18.02 52.17
C GLN B 53 -3.39 18.43 51.49
N LYS B 54 -2.42 17.51 51.42
CA LYS B 54 -1.14 17.75 50.76
C LYS B 54 -1.36 17.75 49.27
N VAL B 55 -0.85 18.76 48.57
CA VAL B 55 -0.99 18.80 47.12
C VAL B 55 0.37 18.39 46.48
N LYS B 56 1.33 19.31 46.48
CA LYS B 56 2.59 19.05 45.79
C LYS B 56 3.67 18.65 46.76
N ASN B 57 4.13 17.40 46.61
CA ASN B 57 5.28 16.87 47.36
C ASN B 57 6.28 16.18 46.40
N THR B 58 7.14 16.98 45.75
CA THR B 58 8.00 16.46 44.68
C THR B 58 9.47 16.90 44.79
N SER B 59 10.36 16.12 44.15
CA SER B 59 11.79 16.41 44.13
C SER B 59 12.53 15.67 43.01
N PHE B 60 13.32 16.45 42.27
CA PHE B 60 14.17 15.97 41.18
C PHE B 60 15.64 15.84 41.63
N ALA B 61 15.86 15.78 42.95
CA ALA B 61 17.20 15.85 43.53
C ALA B 61 18.00 14.63 43.11
N PRO B 62 19.23 14.83 42.64
CA PRO B 62 20.07 13.71 42.20
C PRO B 62 20.12 12.53 43.19
N GLY B 63 19.81 11.33 42.69
CA GLY B 63 19.78 10.12 43.52
C GLY B 63 18.74 10.04 44.63
N ASN B 64 17.68 10.85 44.53
CA ASN B 64 16.62 10.86 45.52
C ASN B 64 15.36 11.49 44.90
N VAL B 65 15.09 11.10 43.66
CA VAL B 65 13.90 11.57 42.92
C VAL B 65 12.61 10.95 43.47
N SER B 66 11.64 11.81 43.82
CA SER B 66 10.35 11.37 44.36
C SER B 66 9.25 12.34 43.97
N ILE B 67 8.19 11.80 43.36
CA ILE B 67 7.09 12.61 42.85
C ILE B 67 5.79 12.16 43.49
N LYS B 68 5.17 13.06 44.23
CA LYS B 68 3.88 12.76 44.84
C LYS B 68 2.96 13.94 44.69
N TRP B 69 1.70 13.63 44.39
CA TRP B 69 0.69 14.67 44.26
C TRP B 69 -0.56 14.12 44.92
N TYR B 70 -1.24 14.95 45.71
CA TYR B 70 -2.48 14.61 46.40
C TYR B 70 -2.40 13.36 47.28
N GLU B 71 -1.24 13.11 47.87
CA GLU B 71 -0.90 11.78 48.38
C GLU B 71 -1.81 11.27 49.50
N ASP B 72 -2.41 12.18 50.26
CA ASP B 72 -3.30 11.77 51.34
C ASP B 72 -4.77 11.68 50.92
N GLY B 73 -5.04 11.90 49.63
CA GLY B 73 -6.38 11.71 49.12
C GLY B 73 -6.64 10.33 48.53
N THR B 74 -7.90 9.91 48.55
CA THR B 74 -8.35 8.70 47.85
C THR B 74 -9.50 8.98 46.87
N LEU B 75 -9.57 8.13 45.84
CA LEU B 75 -10.50 8.31 44.75
C LEU B 75 -10.58 6.99 43.99
N ASN B 76 -11.47 6.95 43.01
CA ASN B 76 -11.54 5.84 42.08
C ASN B 76 -11.72 6.40 40.66
N LEU B 77 -10.84 6.00 39.75
CA LEU B 77 -10.89 6.54 38.38
C LEU B 77 -12.16 6.15 37.65
N ALA B 78 -12.55 4.88 37.79
CA ALA B 78 -13.81 4.40 37.22
C ALA B 78 -15.03 5.18 37.72
N ALA B 79 -15.05 5.46 39.02
CA ALA B 79 -16.13 6.23 39.61
C ALA B 79 -16.18 7.63 39.00
N ASN B 80 -15.00 8.16 38.71
CA ASN B 80 -14.88 9.46 38.06
C ASN B 80 -15.25 9.44 36.58
N CYS B 81 -15.05 8.30 35.94
CA CYS B 81 -15.24 8.18 34.49
C CYS B 81 -16.64 7.69 34.15
N LEU B 82 -17.33 7.18 35.18
CA LEU B 82 -18.58 6.45 34.96
C LEU B 82 -19.70 6.80 35.95
N ASP B 83 -19.62 6.22 37.14
CA ASP B 83 -20.66 6.33 38.16
C ASP B 83 -21.16 7.76 38.36
N ARG B 84 -20.24 8.75 38.37
CA ARG B 84 -20.65 10.12 38.75
C ARG B 84 -21.46 10.81 37.67
N HIS B 85 -21.47 10.23 36.48
CA HIS B 85 -22.17 10.82 35.37
C HIS B 85 -23.58 10.24 35.24
N LEU B 86 -23.87 9.23 36.06
CA LEU B 86 -25.09 8.46 35.90
C LEU B 86 -26.32 9.22 36.29
N GLN B 87 -26.21 10.05 37.32
CA GLN B 87 -27.39 10.70 37.90
C GLN B 87 -28.08 11.66 36.94
N GLU B 88 -27.32 12.58 36.34
CA GLU B 88 -27.88 13.55 35.40
C GLU B 88 -27.57 13.22 33.94
N ASN B 89 -26.70 12.22 33.71
CA ASN B 89 -26.19 11.94 32.35
C ASN B 89 -26.01 10.46 31.97
N GLY B 90 -26.74 9.56 32.64
CA GLY B 90 -26.79 8.13 32.30
C GLY B 90 -26.99 7.80 30.82
N ASP B 91 -27.96 8.45 30.20
CA ASP B 91 -28.27 8.22 28.80
C ASP B 91 -27.41 8.98 27.80
N ARG B 92 -26.51 9.86 28.27
CA ARG B 92 -25.56 10.49 27.35
C ARG B 92 -24.63 9.42 26.76
N THR B 93 -24.38 9.49 25.46
CA THR B 93 -23.42 8.60 24.82
C THR B 93 -22.00 8.83 25.31
N ALA B 94 -21.43 7.79 25.91
CA ALA B 94 -20.06 7.81 26.42
C ALA B 94 -19.08 7.53 25.28
N ILE B 95 -19.28 6.42 24.59
CA ILE B 95 -18.45 6.03 23.46
C ILE B 95 -19.29 5.86 22.19
N ILE B 96 -18.82 6.40 21.07
CA ILE B 96 -19.36 6.08 19.73
C ILE B 96 -18.32 5.17 19.10
N TRP B 97 -18.67 3.93 18.82
CA TRP B 97 -17.77 3.05 18.09
C TRP B 97 -18.13 3.01 16.61
N GLU B 98 -17.17 3.32 15.75
CA GLU B 98 -17.33 3.22 14.30
C GLU B 98 -16.47 2.07 13.78
N GLY B 99 -17.11 1.10 13.12
CA GLY B 99 -16.44 -0.11 12.58
C GLY B 99 -15.50 0.16 11.40
N ASP B 100 -14.53 -0.73 11.19
CA ASP B 100 -13.76 -0.72 9.94
C ASP B 100 -14.72 -0.63 8.73
N ASP B 101 -15.75 -1.46 8.80
CA ASP B 101 -16.86 -1.48 7.89
C ASP B 101 -17.92 -0.55 8.47
N THR B 102 -18.23 0.53 7.75
CA THR B 102 -19.12 1.59 8.29
C THR B 102 -20.53 1.12 8.73
N SER B 103 -21.04 0.06 8.11
CA SER B 103 -22.30 -0.54 8.49
C SER B 103 -22.29 -1.07 9.94
N GLN B 104 -21.11 -1.20 10.54
CA GLN B 104 -21.09 -1.67 11.92
C GLN B 104 -20.82 -0.48 12.81
N SER B 105 -21.70 -0.20 13.76
CA SER B 105 -21.44 0.88 14.73
C SER B 105 -22.40 0.99 15.93
N LYS B 106 -21.83 1.14 17.12
CA LYS B 106 -22.58 1.37 18.36
C LYS B 106 -22.50 2.81 18.90
N HIS B 107 -23.58 3.24 19.55
CA HIS B 107 -23.52 4.33 20.53
C HIS B 107 -23.64 3.67 21.89
N ILE B 108 -22.64 3.88 22.76
CA ILE B 108 -22.68 3.31 24.11
C ILE B 108 -22.88 4.42 25.14
N SER B 109 -23.96 4.32 25.89
CA SER B 109 -24.29 5.37 26.83
C SER B 109 -23.45 5.17 28.06
N TYR B 110 -23.44 6.19 28.90
CA TYR B 110 -22.76 6.10 30.19
C TYR B 110 -23.29 4.94 31.01
N ARG B 111 -24.61 4.87 31.16
CA ARG B 111 -25.24 3.77 31.85
C ARG B 111 -24.85 2.36 31.35
N GLU B 112 -24.77 2.15 30.03
CA GLU B 112 -24.40 0.83 29.47
C GLU B 112 -22.95 0.45 29.68
N LEU B 113 -22.07 1.45 29.62
CA LEU B 113 -20.64 1.27 29.85
C LEU B 113 -20.35 1.01 31.32
N HIS B 114 -21.02 1.75 32.20
CA HIS B 114 -20.96 1.51 33.63
C HIS B 114 -21.36 0.07 33.96
N ARG B 115 -22.49 -0.36 33.41
CA ARG B 115 -23.00 -1.72 33.62
C ARG B 115 -21.95 -2.79 33.21
N ASP B 116 -21.38 -2.63 32.01
CA ASP B 116 -20.46 -3.61 31.46
C ASP B 116 -19.17 -3.65 32.26
N VAL B 117 -18.70 -2.48 32.70
CA VAL B 117 -17.53 -2.36 33.59
C VAL B 117 -17.73 -3.01 34.98
N CYS B 118 -18.88 -2.79 35.59
CA CYS B 118 -19.21 -3.50 36.80
C CYS B 118 -19.15 -5.04 36.65
N ARG B 119 -19.81 -5.56 35.61
CA ARG B 119 -19.80 -6.97 35.27
C ARG B 119 -18.41 -7.52 34.97
N PHE B 120 -17.58 -6.70 34.35
CA PHE B 120 -16.23 -7.11 34.02
C PHE B 120 -15.24 -7.00 35.19
N ALA B 121 -15.48 -6.01 36.05
CA ALA B 121 -14.80 -5.92 37.34
C ALA B 121 -15.06 -7.16 38.23
N ASN B 122 -16.30 -7.64 38.24
CA ASN B 122 -16.66 -8.80 39.03
C ASN B 122 -16.02 -10.07 38.43
N THR B 123 -15.98 -10.08 37.09
CA THR B 123 -15.35 -11.12 36.30
C THR B 123 -13.89 -11.26 36.68
N LEU B 124 -13.18 -10.15 36.72
CA LEU B 124 -11.77 -10.18 37.11
C LEU B 124 -11.60 -10.70 38.55
N LEU B 125 -12.40 -10.16 39.47
CA LEU B 125 -12.39 -10.58 40.88
C LEU B 125 -12.75 -12.05 41.07
N ASP B 126 -13.70 -12.57 40.28
CA ASP B 126 -14.08 -13.98 40.32
C ASP B 126 -12.92 -14.84 39.84
N LEU B 127 -12.05 -14.24 39.04
CA LEU B 127 -10.89 -14.92 38.47
C LEU B 127 -9.70 -14.85 39.42
N GLY B 128 -9.87 -14.16 40.54
CA GLY B 128 -8.83 -14.09 41.57
C GLY B 128 -7.89 -12.91 41.41
N ILE B 129 -8.15 -12.04 40.43
CA ILE B 129 -7.37 -10.82 40.28
C ILE B 129 -7.59 -9.93 41.50
N LYS B 130 -6.52 -9.27 41.97
CA LYS B 130 -6.60 -8.34 43.08
C LYS B 130 -5.90 -7.02 42.74
N LYS B 131 -6.20 -6.00 43.55
CA LYS B 131 -5.47 -4.74 43.54
C LYS B 131 -3.98 -5.05 43.42
N GLY B 132 -3.28 -4.27 42.60
CA GLY B 132 -1.83 -4.44 42.44
C GLY B 132 -1.38 -5.48 41.43
N ASP B 133 -2.28 -6.40 41.05
CA ASP B 133 -1.99 -7.40 40.00
C ASP B 133 -1.88 -6.67 38.69
N VAL B 134 -0.99 -7.15 37.83
CA VAL B 134 -0.85 -6.59 36.50
C VAL B 134 -1.62 -7.44 35.50
N VAL B 135 -2.35 -6.76 34.63
CA VAL B 135 -3.19 -7.39 33.64
C VAL B 135 -2.83 -6.90 32.24
N ALA B 136 -2.50 -7.85 31.36
CA ALA B 136 -2.14 -7.55 29.98
C ALA B 136 -3.35 -7.46 29.06
N ILE B 137 -3.45 -6.33 28.38
CA ILE B 137 -4.50 -6.09 27.41
C ILE B 137 -3.89 -5.96 26.00
N TYR B 138 -4.26 -6.89 25.13
CA TYR B 138 -3.79 -7.01 23.75
C TYR B 138 -5.03 -7.06 22.88
N MET B 139 -5.56 -5.86 22.61
CA MET B 139 -6.86 -5.70 21.99
C MET B 139 -6.80 -4.81 20.76
N PRO B 140 -7.82 -4.95 19.89
CA PRO B 140 -8.00 -3.98 18.81
C PRO B 140 -8.86 -2.82 19.33
N MET B 141 -9.12 -1.86 18.44
CA MET B 141 -9.93 -0.69 18.72
C MET B 141 -11.42 -1.02 18.72
N VAL B 142 -11.83 -1.78 19.73
CA VAL B 142 -13.22 -2.09 20.01
C VAL B 142 -13.56 -1.65 21.46
N PRO B 143 -14.86 -1.37 21.74
CA PRO B 143 -15.18 -0.79 23.04
C PRO B 143 -14.74 -1.65 24.25
N GLU B 144 -14.70 -2.98 24.05
CA GLU B 144 -14.35 -3.92 25.10
C GLU B 144 -12.95 -3.67 25.69
N ALA B 145 -12.03 -3.20 24.85
CA ALA B 145 -10.68 -2.81 25.33
C ALA B 145 -10.80 -1.75 26.43
N ALA B 146 -11.64 -0.74 26.17
CA ALA B 146 -11.96 0.30 27.16
C ALA B 146 -12.61 -0.27 28.43
N VAL B 147 -13.50 -1.25 28.26
CA VAL B 147 -14.15 -1.94 29.38
C VAL B 147 -13.11 -2.68 30.24
N ALA B 148 -12.19 -3.38 29.57
CA ALA B 148 -11.14 -4.13 30.27
C ALA B 148 -10.24 -3.15 31.02
N MET B 149 -9.93 -2.02 30.38
CA MET B 149 -9.12 -0.97 31.01
C MET B 149 -9.85 -0.27 32.17
N LEU B 150 -11.12 0.05 31.99
CA LEU B 150 -11.90 0.64 33.08
C LEU B 150 -12.06 -0.32 34.27
N ALA B 151 -12.38 -1.59 33.98
CA ALA B 151 -12.59 -2.61 35.02
C ALA B 151 -11.35 -2.84 35.90
N CYS B 152 -10.16 -2.88 35.28
CA CYS B 152 -8.89 -3.01 36.04
C CYS B 152 -8.74 -1.86 37.02
N ALA B 153 -9.03 -0.66 36.51
CA ALA B 153 -8.86 0.59 37.23
C ALA B 153 -9.81 0.63 38.42
N ARG B 154 -11.02 0.13 38.18
CA ARG B 154 -12.07 0.11 39.18
C ARG B 154 -11.67 -0.71 40.42
N ILE B 155 -10.98 -1.83 40.20
CA ILE B 155 -10.59 -2.75 41.27
C ILE B 155 -9.17 -2.48 41.74
N GLY B 156 -8.48 -1.56 41.08
CA GLY B 156 -7.12 -1.22 41.46
C GLY B 156 -6.06 -2.13 40.87
N ALA B 157 -6.44 -2.96 39.92
CA ALA B 157 -5.48 -3.76 39.17
C ALA B 157 -4.70 -2.83 38.24
N VAL B 158 -3.55 -3.26 37.78
CA VAL B 158 -2.71 -2.40 36.94
C VAL B 158 -2.66 -2.93 35.49
N HIS B 159 -3.38 -2.27 34.60
CA HIS B 159 -3.35 -2.71 33.22
C HIS B 159 -2.08 -2.29 32.52
N SER B 160 -1.65 -3.18 31.65
CA SER B 160 -0.55 -2.96 30.77
C SER B 160 -1.10 -3.25 29.37
N VAL B 161 -1.42 -2.18 28.65
CA VAL B 161 -1.95 -2.34 27.34
C VAL B 161 -0.80 -2.51 26.34
N ILE B 162 -0.82 -3.68 25.69
CA ILE B 162 0.07 -3.99 24.58
C ILE B 162 -0.60 -3.74 23.21
N PHE B 163 -0.10 -2.73 22.50
CA PHE B 163 -0.48 -2.45 21.10
C PHE B 163 -0.65 -3.72 20.27
N GLY B 164 -1.81 -3.85 19.62
CA GLY B 164 -2.12 -5.00 18.77
C GLY B 164 -1.22 -5.27 17.55
N GLY B 165 -0.44 -4.30 17.11
CA GLY B 165 0.55 -4.58 16.06
C GLY B 165 1.88 -5.14 16.57
N PHE B 166 1.99 -5.46 17.86
CA PHE B 166 3.23 -6.08 18.35
C PHE B 166 3.25 -7.56 18.05
N SER B 167 4.45 -8.10 17.94
CA SER B 167 4.60 -9.50 17.60
C SER B 167 4.46 -10.40 18.86
N PRO B 168 4.24 -11.71 18.67
CA PRO B 168 4.26 -12.62 19.83
C PRO B 168 5.51 -12.47 20.70
N GLU B 169 6.67 -12.35 20.06
CA GLU B 169 7.91 -12.14 20.79
C GLU B 169 7.85 -10.86 21.67
N ALA B 170 7.21 -9.80 21.14
CA ALA B 170 7.13 -8.52 21.84
C ALA B 170 6.15 -8.58 23.00
N VAL B 171 5.04 -9.26 22.74
CA VAL B 171 3.98 -9.55 23.73
C VAL B 171 4.56 -10.33 24.92
N ALA B 172 5.28 -11.41 24.60
CA ALA B 172 6.01 -12.25 25.57
C ALA B 172 6.87 -11.45 26.54
N GLY B 173 7.73 -10.57 26.02
CA GLY B 173 8.69 -9.82 26.82
C GLY B 173 8.00 -8.90 27.80
N ARG B 174 6.88 -8.34 27.37
CA ARG B 174 6.07 -7.43 28.17
C ARG B 174 5.36 -8.17 29.30
N ILE B 175 4.68 -9.27 28.97
CA ILE B 175 4.14 -10.19 29.98
C ILE B 175 5.18 -10.71 30.99
N ILE B 176 6.35 -11.11 30.50
CA ILE B 176 7.43 -11.54 31.39
C ILE B 176 7.88 -10.39 32.31
N ASP B 177 8.02 -9.19 31.75
CA ASP B 177 8.53 -8.07 32.53
C ASP B 177 7.56 -7.61 33.61
N SER B 178 6.27 -7.60 33.29
CA SER B 178 5.24 -7.11 34.20
C SER B 178 4.65 -8.22 35.10
N SER B 179 5.03 -9.48 34.84
CA SER B 179 4.45 -10.64 35.52
C SER B 179 2.92 -10.63 35.43
N SER B 180 2.39 -10.25 34.28
CA SER B 180 0.94 -10.22 34.02
C SER B 180 0.28 -11.52 34.44
N ARG B 181 -0.75 -11.42 35.28
CA ARG B 181 -1.47 -12.61 35.72
C ARG B 181 -2.51 -13.06 34.69
N LEU B 182 -2.86 -12.12 33.81
CA LEU B 182 -3.99 -12.30 32.90
C LEU B 182 -3.72 -11.63 31.56
N VAL B 183 -4.11 -12.31 30.49
CA VAL B 183 -4.18 -11.68 29.17
C VAL B 183 -5.61 -11.60 28.63
N ILE B 184 -5.95 -10.41 28.14
CA ILE B 184 -7.26 -10.15 27.52
C ILE B 184 -7.05 -9.79 26.06
N THR B 185 -7.73 -10.55 25.18
CA THR B 185 -7.57 -10.37 23.77
C THR B 185 -8.85 -10.64 22.96
N ALA B 186 -8.72 -10.62 21.63
CA ALA B 186 -9.82 -10.99 20.74
C ALA B 186 -9.33 -12.13 19.86
N ASP B 187 -10.25 -12.94 19.33
CA ASP B 187 -9.85 -13.93 18.32
C ASP B 187 -8.98 -13.25 17.23
N GLU B 188 -9.53 -12.20 16.60
CA GLU B 188 -8.83 -11.40 15.58
C GLU B 188 -9.24 -9.93 15.67
N GLY B 189 -8.34 -9.05 15.24
CA GLY B 189 -8.66 -7.63 15.01
C GLY B 189 -9.02 -7.44 13.54
N VAL B 190 -9.78 -6.38 13.25
CA VAL B 190 -10.17 -6.00 11.88
C VAL B 190 -9.71 -4.56 11.56
N ARG B 191 -8.94 -4.40 10.49
CA ARG B 191 -8.36 -3.12 10.10
C ARG B 191 -8.11 -3.11 8.59
N ALA B 192 -8.50 -2.00 7.95
CA ALA B 192 -8.33 -1.82 6.50
C ALA B 192 -8.73 -3.04 5.66
N GLY B 193 -9.81 -3.70 6.06
CA GLY B 193 -10.36 -4.87 5.34
C GLY B 193 -9.61 -6.18 5.56
N ARG B 194 -8.72 -6.18 6.55
CA ARG B 194 -7.84 -7.32 6.82
C ARG B 194 -7.82 -7.72 8.29
N SER B 195 -7.57 -9.02 8.52
CA SER B 195 -7.53 -9.58 9.87
C SER B 195 -6.15 -9.47 10.47
N ILE B 196 -6.11 -9.27 11.79
CA ILE B 196 -4.86 -9.36 12.55
C ILE B 196 -5.08 -10.50 13.54
N PRO B 197 -4.15 -11.47 13.61
CA PRO B 197 -4.42 -12.67 14.37
C PRO B 197 -3.98 -12.54 15.84
N LEU B 198 -4.59 -11.61 16.55
CA LEU B 198 -4.36 -11.38 17.98
C LEU B 198 -4.23 -12.66 18.84
N LYS B 199 -5.25 -13.51 18.81
CA LYS B 199 -5.32 -14.67 19.71
C LYS B 199 -4.23 -15.73 19.45
N LYS B 200 -4.01 -16.05 18.17
CA LYS B 200 -2.85 -16.86 17.78
C LYS B 200 -1.50 -16.26 18.24
N ASN B 201 -1.35 -14.93 18.19
CA ASN B 201 -0.13 -14.27 18.66
C ASN B 201 0.07 -14.55 20.14
N VAL B 202 -1.01 -14.41 20.91
CA VAL B 202 -0.99 -14.76 22.34
C VAL B 202 -0.61 -16.24 22.58
N ASP B 203 -1.25 -17.15 21.85
CA ASP B 203 -0.88 -18.57 21.87
C ASP B 203 0.62 -18.79 21.72
N ASP B 204 1.20 -18.14 20.71
CA ASP B 204 2.62 -18.18 20.44
C ASP B 204 3.49 -17.46 21.49
N ALA B 205 3.05 -16.30 21.96
CA ALA B 205 3.73 -15.64 23.08
C ALA B 205 3.86 -16.60 24.30
N LEU B 206 2.77 -17.29 24.64
CA LEU B 206 2.72 -18.14 25.82
C LEU B 206 3.47 -19.48 25.69
N LYS B 207 3.99 -19.78 24.49
CA LYS B 207 4.84 -20.95 24.30
C LYS B 207 6.27 -20.73 24.80
N ASN B 208 6.63 -19.44 24.89
CA ASN B 208 7.89 -19.01 25.46
C ASN B 208 7.98 -19.50 26.92
N PRO B 209 9.02 -20.29 27.24
CA PRO B 209 9.06 -20.98 28.54
C PRO B 209 9.29 -20.01 29.70
N ASN B 210 9.74 -18.80 29.39
CA ASN B 210 9.95 -17.73 30.36
C ASN B 210 8.67 -17.04 30.85
N VAL B 211 7.57 -17.27 30.12
CA VAL B 211 6.25 -16.81 30.57
C VAL B 211 5.66 -17.79 31.62
N THR B 212 5.74 -17.42 32.90
CA THR B 212 5.25 -18.25 34.03
C THR B 212 4.08 -17.65 34.83
N SER B 213 3.66 -16.42 34.49
CA SER B 213 2.71 -15.69 35.33
C SER B 213 1.26 -15.75 34.86
N VAL B 214 1.06 -16.10 33.59
CA VAL B 214 -0.29 -16.05 33.00
C VAL B 214 -1.12 -17.28 33.36
N GLU B 215 -2.26 -17.03 34.00
CA GLU B 215 -3.11 -18.11 34.49
C GLU B 215 -4.27 -18.33 33.53
N HIS B 216 -4.78 -17.23 32.99
CA HIS B 216 -5.88 -17.29 32.04
C HIS B 216 -5.69 -16.29 30.92
N VAL B 217 -6.36 -16.57 29.81
CA VAL B 217 -6.54 -15.67 28.69
C VAL B 217 -8.03 -15.49 28.40
N ILE B 218 -8.52 -14.25 28.57
CA ILE B 218 -9.87 -13.92 28.17
C ILE B 218 -9.88 -13.46 26.72
N VAL B 219 -10.80 -14.03 25.94
CA VAL B 219 -10.86 -13.79 24.51
C VAL B 219 -12.22 -13.23 24.15
N LEU B 220 -12.23 -12.11 23.42
CA LEU B 220 -13.44 -11.60 22.81
C LEU B 220 -13.63 -12.27 21.45
N LYS B 221 -14.84 -12.75 21.19
CA LYS B 221 -15.18 -13.21 19.84
C LYS B 221 -15.58 -12.06 18.93
N ARG B 222 -14.59 -11.48 18.27
CA ARG B 222 -14.85 -10.39 17.33
C ARG B 222 -15.21 -10.91 15.95
N THR B 223 -14.43 -11.83 15.41
CA THR B 223 -14.65 -12.27 14.03
C THR B 223 -15.31 -13.63 13.94
N GLY B 224 -15.10 -14.45 14.96
CA GLY B 224 -15.67 -15.78 15.01
C GLY B 224 -14.87 -16.75 14.17
N SER B 225 -13.63 -16.37 13.89
CA SER B 225 -12.62 -17.18 13.18
C SER B 225 -12.21 -18.45 13.89
N ASP B 226 -11.62 -19.36 13.12
CA ASP B 226 -11.13 -20.62 13.68
C ASP B 226 -9.96 -20.34 14.61
N ILE B 227 -10.04 -20.78 15.85
CA ILE B 227 -8.89 -20.67 16.73
C ILE B 227 -8.54 -21.94 17.46
N ASP B 228 -7.31 -21.99 17.96
CA ASP B 228 -6.89 -23.04 18.87
C ASP B 228 -7.36 -22.62 20.26
N TRP B 229 -7.65 -23.60 21.12
CA TRP B 229 -8.30 -23.32 22.39
C TRP B 229 -7.73 -24.21 23.48
N GLN B 230 -7.18 -23.59 24.52
CA GLN B 230 -6.66 -24.37 25.65
C GLN B 230 -7.66 -24.41 26.79
N GLU B 231 -8.33 -25.55 26.97
CA GLU B 231 -9.30 -25.70 28.05
C GLU B 231 -8.62 -25.46 29.39
N GLY B 232 -9.27 -24.73 30.28
CA GLY B 232 -8.68 -24.40 31.57
C GLY B 232 -8.09 -23.01 31.58
N ARG B 233 -7.24 -22.70 30.60
CA ARG B 233 -6.55 -21.40 30.49
C ARG B 233 -7.45 -20.35 29.84
N ASP B 234 -8.04 -20.76 28.71
CA ASP B 234 -8.76 -19.87 27.83
C ASP B 234 -10.24 -19.71 28.21
N LEU B 235 -10.68 -18.46 28.23
CA LEU B 235 -12.07 -18.12 28.55
C LEU B 235 -12.66 -17.15 27.52
N TRP B 236 -13.93 -17.34 27.20
CA TRP B 236 -14.63 -16.46 26.28
C TRP B 236 -15.23 -15.28 27.00
N TRP B 237 -14.97 -14.09 26.46
CA TRP B 237 -15.50 -12.82 27.00
C TRP B 237 -17.02 -12.90 27.30
N ARG B 238 -17.85 -13.27 26.32
CA ARG B 238 -19.31 -13.26 26.52
C ARG B 238 -19.84 -14.26 27.60
N ASP B 239 -19.24 -15.44 27.71
CA ASP B 239 -19.58 -16.38 28.80
C ASP B 239 -19.24 -15.91 30.21
N LEU B 240 -18.20 -15.10 30.35
CA LEU B 240 -17.80 -14.63 31.66
C LEU B 240 -18.61 -13.43 32.04
N ILE B 241 -18.79 -12.50 31.11
CA ILE B 241 -19.43 -11.24 31.46
C ILE B 241 -20.91 -11.45 31.83
N GLU B 242 -21.56 -12.35 31.08
CA GLU B 242 -22.98 -12.66 31.29
C GLU B 242 -23.24 -13.45 32.56
N LYS B 243 -22.30 -14.32 32.96
CA LYS B 243 -22.39 -15.03 34.25
C LYS B 243 -22.20 -14.12 35.47
N ALA B 244 -21.57 -12.95 35.29
CA ALA B 244 -21.18 -12.10 36.44
C ALA B 244 -22.21 -11.02 36.81
N SER B 245 -22.24 -10.68 38.10
CA SER B 245 -23.17 -9.67 38.63
C SER B 245 -22.83 -8.27 38.13
N PRO B 246 -23.88 -7.47 37.81
CA PRO B 246 -23.68 -6.09 37.31
C PRO B 246 -23.53 -5.05 38.42
N GLU B 247 -23.67 -5.49 39.66
CA GLU B 247 -23.56 -4.59 40.80
C GLU B 247 -22.14 -4.70 41.30
N HIS B 248 -21.43 -3.58 41.24
CA HIS B 248 -20.10 -3.52 41.80
C HIS B 248 -19.87 -2.17 42.46
N GLN B 249 -19.55 -2.24 43.74
CA GLN B 249 -19.33 -1.04 44.52
C GLN B 249 -17.85 -0.69 44.44
N PRO B 250 -17.52 0.52 43.96
CA PRO B 250 -16.09 0.82 43.77
C PRO B 250 -15.48 1.22 45.12
N GLU B 251 -14.32 0.65 45.42
CA GLU B 251 -13.64 1.01 46.65
C GLU B 251 -12.62 2.13 46.41
N ALA B 252 -12.10 2.69 47.50
CA ALA B 252 -11.19 3.81 47.42
C ALA B 252 -9.76 3.37 47.10
N MET B 253 -9.15 4.09 46.19
CA MET B 253 -7.75 3.90 45.82
C MET B 253 -7.00 5.12 46.30
N ASN B 254 -5.82 4.93 46.89
CA ASN B 254 -4.97 6.08 47.18
C ASN B 254 -4.51 6.78 45.89
N ALA B 255 -4.37 8.09 45.97
CA ALA B 255 -3.86 8.90 44.85
C ALA B 255 -2.56 8.37 44.22
N GLU B 256 -1.67 7.80 45.02
CA GLU B 256 -0.41 7.29 44.49
C GLU B 256 -0.39 5.79 44.24
N ASP B 257 -1.54 5.13 44.31
CA ASP B 257 -1.67 3.72 43.87
C ASP B 257 -1.51 3.61 42.35
N PRO B 258 -0.67 2.66 41.90
CA PRO B 258 -0.39 2.49 40.47
C PRO B 258 -1.65 2.27 39.62
N LEU B 259 -1.76 3.00 38.50
CA LEU B 259 -2.87 2.89 37.59
C LEU B 259 -2.51 1.99 36.41
N PHE B 260 -1.41 2.30 35.74
CA PHE B 260 -1.00 1.51 34.59
C PHE B 260 0.49 1.59 34.23
N ILE B 261 0.94 0.52 33.59
CA ILE B 261 2.27 0.43 32.99
C ILE B 261 2.13 0.57 31.47
N LEU B 262 3.05 1.31 30.85
CA LEU B 262 3.13 1.41 29.39
C LEU B 262 4.56 1.25 28.91
N TYR B 263 4.80 0.20 28.14
CA TYR B 263 6.15 -0.11 27.70
C TYR B 263 6.54 0.85 26.60
N THR B 264 7.67 1.50 26.84
CA THR B 264 8.07 2.65 26.08
C THR B 264 9.54 2.50 25.72
N SER B 265 9.85 2.82 24.46
CA SER B 265 11.21 2.74 23.95
C SER B 265 12.10 3.84 24.52
N GLY B 266 13.34 3.47 24.85
CA GLY B 266 14.34 4.43 25.31
C GLY B 266 15.51 4.57 24.35
N SER B 267 16.35 5.56 24.63
CA SER B 267 17.60 5.80 23.94
C SER B 267 18.51 4.57 24.02
N THR B 268 18.43 3.84 25.13
CA THR B 268 19.28 2.68 25.37
C THR B 268 18.44 1.55 25.98
N GLY B 269 18.74 0.31 25.60
CA GLY B 269 18.04 -0.84 26.13
C GLY B 269 16.64 -1.08 25.59
N LYS B 270 16.08 -2.23 25.95
CA LYS B 270 14.68 -2.59 25.69
C LYS B 270 13.68 -1.54 26.21
N PRO B 271 12.44 -1.53 25.65
CA PRO B 271 11.40 -0.69 26.23
C PRO B 271 11.08 -1.05 27.71
N LYS B 272 10.92 -0.02 28.54
CA LYS B 272 10.65 -0.19 29.97
C LYS B 272 9.24 0.28 30.27
N GLY B 273 8.69 -0.22 31.38
CA GLY B 273 7.32 0.10 31.77
C GLY B 273 7.18 1.42 32.49
N VAL B 274 6.72 2.43 31.76
CA VAL B 274 6.44 3.74 32.35
C VAL B 274 5.19 3.65 33.22
N LEU B 275 5.34 4.02 34.50
CA LEU B 275 4.29 3.87 35.49
C LEU B 275 3.62 5.18 35.88
N HIS B 276 2.29 5.16 35.79
CA HIS B 276 1.45 6.26 36.20
C HIS B 276 0.56 5.85 37.36
N THR B 277 0.48 6.69 38.38
CA THR B 277 -0.47 6.49 39.46
C THR B 277 -1.86 7.09 39.09
N THR B 278 -2.67 7.40 40.08
CA THR B 278 -4.10 7.62 39.84
C THR B 278 -4.54 9.09 39.91
N GLY B 279 -4.27 9.74 41.05
CA GLY B 279 -4.81 11.06 41.35
C GLY B 279 -4.41 12.20 40.42
N GLY B 280 -3.11 12.51 40.44
CA GLY B 280 -2.53 13.56 39.65
C GLY B 280 -2.63 13.26 38.17
N TYR B 281 -2.34 12.01 37.79
CA TYR B 281 -2.55 11.54 36.42
C TYR B 281 -3.91 11.96 35.90
N LEU B 282 -4.97 11.57 36.62
CA LEU B 282 -6.35 11.78 36.14
C LEU B 282 -6.79 13.25 36.19
N VAL B 283 -6.35 13.97 37.23
CA VAL B 283 -6.58 15.41 37.31
C VAL B 283 -5.94 16.01 36.06
N TYR B 284 -4.71 15.59 35.77
CA TYR B 284 -3.96 16.22 34.68
C TYR B 284 -4.63 15.94 33.32
N ALA B 285 -5.01 14.68 33.09
CA ALA B 285 -5.78 14.30 31.88
C ALA B 285 -7.09 15.09 31.72
N ALA B 286 -7.86 15.21 32.80
CA ALA B 286 -9.16 15.87 32.73
C ALA B 286 -8.98 17.37 32.43
N THR B 287 -8.17 18.03 33.25
CA THR B 287 -7.87 19.44 33.04
C THR B 287 -7.34 19.80 31.64
N THR B 288 -6.31 19.07 31.19
CA THR B 288 -5.73 19.28 29.86
C THR B 288 -6.79 19.05 28.76
N PHE B 289 -7.42 17.87 28.76
CA PHE B 289 -8.54 17.60 27.82
C PHE B 289 -9.51 18.77 27.71
N LYS B 290 -10.07 19.15 28.85
CA LYS B 290 -11.16 20.12 28.94
C LYS B 290 -10.76 21.47 28.34
N TYR B 291 -9.65 22.01 28.81
CA TYR B 291 -9.23 23.36 28.42
C TYR B 291 -8.62 23.48 27.02
N VAL B 292 -7.81 22.49 26.65
CA VAL B 292 -7.11 22.55 25.36
C VAL B 292 -8.04 22.29 24.16
N PHE B 293 -9.01 21.40 24.32
CA PHE B 293 -10.02 21.14 23.30
C PHE B 293 -11.26 21.98 23.49
N ASP B 294 -11.24 22.82 24.53
CA ASP B 294 -12.36 23.69 24.81
C ASP B 294 -13.66 22.88 24.87
N TYR B 295 -13.61 21.69 25.47
CA TYR B 295 -14.78 20.82 25.53
C TYR B 295 -15.93 21.49 26.24
N HIS B 296 -17.06 21.50 25.55
CA HIS B 296 -18.35 21.92 26.09
C HIS B 296 -19.22 20.67 26.12
N PRO B 297 -20.11 20.54 27.12
CA PRO B 297 -21.05 19.42 27.12
C PRO B 297 -21.77 19.28 25.76
N GLY B 298 -21.81 18.06 25.20
CA GLY B 298 -22.46 17.85 23.91
C GLY B 298 -21.56 17.87 22.67
N ASP B 299 -20.30 18.27 22.84
CA ASP B 299 -19.32 18.17 21.78
C ASP B 299 -19.00 16.71 21.45
N ILE B 300 -18.99 16.41 20.16
CA ILE B 300 -18.57 15.08 19.74
C ILE B 300 -17.06 15.11 19.53
N TYR B 301 -16.35 14.37 20.37
CA TYR B 301 -14.89 14.36 20.36
C TYR B 301 -14.26 13.10 19.73
N TRP B 302 -13.42 13.32 18.72
CA TRP B 302 -12.67 12.23 18.09
C TRP B 302 -11.13 12.35 18.20
N CYS B 303 -10.55 11.49 19.05
CA CYS B 303 -9.11 11.24 19.05
C CYS B 303 -8.84 9.98 18.25
N THR B 304 -7.88 10.04 17.33
CA THR B 304 -7.64 8.91 16.41
C THR B 304 -6.59 7.89 16.90
N ALA B 305 -6.01 8.17 18.07
CA ALA B 305 -4.90 7.36 18.58
C ALA B 305 -5.38 5.98 19.05
N ASP B 306 -4.53 4.98 18.78
CA ASP B 306 -4.78 3.63 19.23
C ASP B 306 -4.75 3.60 20.75
N VAL B 307 -5.65 2.77 21.27
CA VAL B 307 -5.77 2.54 22.69
C VAL B 307 -4.46 1.99 23.27
N GLY B 308 -3.64 1.39 22.41
CA GLY B 308 -2.32 0.84 22.80
C GLY B 308 -1.20 1.84 23.06
N TRP B 309 -1.48 3.14 22.84
CA TRP B 309 -0.51 4.19 23.16
C TRP B 309 -1.06 5.19 24.17
N VAL B 310 -0.14 5.93 24.75
CA VAL B 310 -0.44 6.91 25.80
C VAL B 310 -1.55 7.89 25.37
N THR B 311 -1.55 8.28 24.08
CA THR B 311 -2.54 9.24 23.59
C THR B 311 -3.93 8.64 23.67
N GLY B 312 -4.03 7.35 23.34
CA GLY B 312 -5.25 6.57 23.54
C GLY B 312 -5.68 6.41 25.00
N HIS B 313 -4.71 6.29 25.93
CA HIS B 313 -5.03 6.17 27.37
C HIS B 313 -5.62 7.47 27.90
N SER B 314 -4.87 8.54 27.68
CA SER B 314 -5.21 9.85 28.19
C SER B 314 -6.33 10.58 27.46
N TYR B 315 -6.36 10.48 26.12
CA TYR B 315 -7.19 11.41 25.33
C TYR B 315 -8.17 10.75 24.39
N LEU B 316 -8.11 9.43 24.31
CA LEU B 316 -9.20 8.66 23.73
C LEU B 316 -10.18 8.34 24.87
N LEU B 317 -9.65 8.02 26.06
CA LEU B 317 -10.46 7.46 27.17
C LEU B 317 -10.56 8.27 28.46
N TYR B 318 -9.50 8.26 29.24
CA TYR B 318 -9.55 8.77 30.61
C TYR B 318 -9.91 10.27 30.80
N GLY B 319 -9.24 11.16 30.07
CA GLY B 319 -9.62 12.59 30.05
C GLY B 319 -11.07 12.92 29.67
N PRO B 320 -11.53 12.46 28.47
CA PRO B 320 -12.90 12.62 28.01
C PRO B 320 -13.97 11.95 28.89
N LEU B 321 -13.80 10.68 29.26
CA LEU B 321 -14.78 10.03 30.11
C LEU B 321 -14.84 10.72 31.47
N ALA B 322 -13.68 11.07 32.05
CA ALA B 322 -13.67 11.87 33.29
C ALA B 322 -14.49 13.16 33.18
N CYS B 323 -14.48 13.75 31.99
CA CYS B 323 -15.15 15.01 31.76
C CYS B 323 -16.61 14.76 31.33
N GLY B 324 -17.02 13.50 31.30
CA GLY B 324 -18.36 13.16 30.85
C GLY B 324 -18.60 13.53 29.39
N ALA B 325 -17.51 13.52 28.61
CA ALA B 325 -17.56 13.79 27.18
C ALA B 325 -18.13 12.60 26.40
N THR B 326 -18.46 12.86 25.13
CA THR B 326 -18.70 11.81 24.15
C THR B 326 -17.43 11.70 23.32
N THR B 327 -16.78 10.55 23.47
CA THR B 327 -15.55 10.26 22.77
C THR B 327 -15.86 9.16 21.74
N LEU B 328 -15.22 9.28 20.58
CA LEU B 328 -15.44 8.36 19.48
C LEU B 328 -14.27 7.37 19.37
N MET B 329 -14.57 6.08 19.25
CA MET B 329 -13.56 5.08 18.94
C MET B 329 -13.72 4.45 17.54
N PHE B 330 -12.71 4.63 16.70
CA PHE B 330 -12.70 4.15 15.31
C PHE B 330 -11.90 2.86 15.20
N GLU B 331 -12.52 1.82 14.64
CA GLU B 331 -11.88 0.51 14.49
C GLU B 331 -10.81 0.48 13.39
N GLY B 332 -10.94 1.35 12.39
CA GLY B 332 -10.15 1.24 11.17
C GLY B 332 -9.01 2.22 10.97
N VAL B 333 -8.75 2.53 9.69
CA VAL B 333 -7.73 3.54 9.30
C VAL B 333 -8.38 4.72 8.55
N PRO B 334 -7.77 5.93 8.66
CA PRO B 334 -8.32 7.18 8.05
C PRO B 334 -8.55 7.14 6.54
N ASN B 335 -8.03 6.11 5.88
CA ASN B 335 -8.00 6.10 4.43
C ASN B 335 -8.44 4.83 3.78
N TRP B 336 -9.24 4.05 4.51
CA TRP B 336 -9.83 2.83 3.97
C TRP B 336 -11.35 2.86 4.19
N PRO B 337 -12.14 2.49 3.17
CA PRO B 337 -11.73 2.07 1.79
C PRO B 337 -11.06 3.14 0.91
N THR B 338 -11.25 4.42 1.24
CA THR B 338 -10.82 5.55 0.38
C THR B 338 -10.22 6.70 1.22
N PRO B 339 -9.37 7.55 0.62
CA PRO B 339 -8.75 8.65 1.37
C PRO B 339 -9.73 9.53 2.16
N ALA B 340 -10.98 9.64 1.70
CA ALA B 340 -11.99 10.48 2.37
C ALA B 340 -12.56 9.88 3.68
N ARG B 341 -12.16 8.67 4.02
CA ARG B 341 -12.78 7.97 5.15
C ARG B 341 -12.86 8.76 6.44
N MET B 342 -11.75 9.36 6.87
CA MET B 342 -11.71 10.15 8.08
C MET B 342 -12.80 11.21 8.07
N CYS B 343 -12.89 11.96 6.97
CA CYS B 343 -13.90 13.00 6.89
C CYS B 343 -15.30 12.42 6.78
N GLN B 344 -15.41 11.24 6.19
CA GLN B 344 -16.67 10.50 6.22
C GLN B 344 -17.15 10.20 7.67
N VAL B 345 -16.24 9.73 8.53
CA VAL B 345 -16.57 9.53 9.95
C VAL B 345 -17.02 10.85 10.59
N VAL B 346 -16.31 11.93 10.23
CA VAL B 346 -16.58 13.28 10.73
C VAL B 346 -18.03 13.70 10.41
N ASP B 347 -18.44 13.50 9.17
CA ASP B 347 -19.82 13.84 8.78
C ASP B 347 -20.86 12.93 9.45
N LYS B 348 -20.58 11.63 9.49
CA LYS B 348 -21.51 10.65 10.00
C LYS B 348 -21.82 10.88 11.48
N HIS B 349 -20.80 11.10 12.28
CA HIS B 349 -20.98 11.29 13.71
C HIS B 349 -20.95 12.73 14.16
N GLN B 350 -20.85 13.64 13.20
CA GLN B 350 -20.92 15.06 13.45
C GLN B 350 -19.86 15.46 14.46
N VAL B 351 -18.63 15.01 14.22
CA VAL B 351 -17.48 15.35 15.06
C VAL B 351 -17.27 16.87 15.17
N ASN B 352 -17.11 17.36 16.41
CA ASN B 352 -16.83 18.78 16.67
C ASN B 352 -15.35 19.06 16.92
N ILE B 353 -14.62 18.04 17.37
CA ILE B 353 -13.22 18.18 17.77
C ILE B 353 -12.44 17.00 17.20
N LEU B 354 -11.44 17.27 16.37
CA LEU B 354 -10.66 16.21 15.75
C LEU B 354 -9.20 16.30 16.17
N TYR B 355 -8.71 15.17 16.65
CA TYR B 355 -7.39 15.13 17.24
C TYR B 355 -6.65 13.94 16.64
N THR B 356 -5.65 14.24 15.83
CA THR B 356 -4.93 13.21 15.11
C THR B 356 -3.41 13.47 14.99
N ALA B 357 -2.76 12.80 14.03
CA ALA B 357 -1.30 12.75 13.96
C ALA B 357 -0.78 13.23 12.61
N PRO B 358 0.35 13.96 12.60
CA PRO B 358 0.98 14.39 11.32
C PRO B 358 1.18 13.27 10.26
N THR B 359 1.50 12.06 10.68
CA THR B 359 1.62 10.94 9.73
C THR B 359 0.32 10.71 8.93
N ALA B 360 -0.81 10.65 9.65
CA ALA B 360 -2.14 10.60 9.05
C ALA B 360 -2.42 11.83 8.13
N ILE B 361 -2.13 13.04 8.61
CA ILE B 361 -2.31 14.26 7.83
C ILE B 361 -1.49 14.25 6.54
N ARG B 362 -0.20 13.89 6.62
CA ARG B 362 0.65 13.81 5.41
C ARG B 362 0.08 12.80 4.41
N ALA B 363 -0.50 11.72 4.92
CA ALA B 363 -0.97 10.65 4.05
C ALA B 363 -2.22 11.10 3.29
N LEU B 364 -3.10 11.83 4.00
CA LEU B 364 -4.27 12.47 3.40
C LEU B 364 -3.81 13.51 2.42
N MET B 365 -2.93 14.40 2.89
CA MET B 365 -2.37 15.48 2.09
C MET B 365 -1.80 14.97 0.75
N ALA B 366 -1.10 13.85 0.79
CA ALA B 366 -0.53 13.26 -0.42
C ALA B 366 -1.60 12.93 -1.48
N GLU B 367 -2.84 12.69 -1.03
CA GLU B 367 -3.94 12.38 -1.96
C GLU B 367 -4.65 13.64 -2.46
N GLY B 368 -4.36 14.77 -1.84
CA GLY B 368 -4.98 16.04 -2.20
C GLY B 368 -6.46 16.07 -1.88
N ASP B 369 -7.26 16.53 -2.83
CA ASP B 369 -8.69 16.70 -2.59
C ASP B 369 -9.46 15.40 -2.51
N LYS B 370 -8.82 14.28 -2.87
CA LYS B 370 -9.41 12.96 -2.62
C LYS B 370 -9.69 12.78 -1.11
N ALA B 371 -8.91 13.45 -0.28
CA ALA B 371 -9.09 13.35 1.17
C ALA B 371 -10.41 13.93 1.64
N ILE B 372 -10.93 14.92 0.90
CA ILE B 372 -12.15 15.66 1.31
C ILE B 372 -13.37 15.54 0.39
N GLU B 373 -13.19 14.83 -0.71
CA GLU B 373 -14.15 14.70 -1.78
C GLU B 373 -15.48 14.04 -1.36
N GLY B 374 -16.58 14.74 -1.62
CA GLY B 374 -17.92 14.30 -1.24
C GLY B 374 -18.20 14.42 0.25
N THR B 375 -17.37 15.16 0.97
CA THR B 375 -17.63 15.37 2.39
C THR B 375 -17.84 16.85 2.67
N ASP B 376 -18.40 17.11 3.84
CA ASP B 376 -18.86 18.43 4.15
C ASP B 376 -18.03 19.07 5.29
N ARG B 377 -17.73 18.26 6.33
CA ARG B 377 -16.83 18.64 7.46
C ARG B 377 -17.27 19.79 8.36
N SER B 378 -18.50 20.28 8.17
CA SER B 378 -18.91 21.55 8.77
C SER B 378 -19.12 21.47 10.28
N SER B 379 -19.25 20.25 10.80
CA SER B 379 -19.41 20.04 12.24
C SER B 379 -18.16 20.44 13.07
N LEU B 380 -17.00 20.55 12.41
CA LEU B 380 -15.74 20.73 13.13
C LEU B 380 -15.57 22.15 13.65
N ARG B 381 -15.15 22.25 14.91
CA ARG B 381 -14.85 23.52 15.57
C ARG B 381 -13.36 23.64 15.98
N ILE B 382 -12.74 22.50 16.30
CA ILE B 382 -11.38 22.44 16.85
C ILE B 382 -10.63 21.30 16.20
N LEU B 383 -9.37 21.52 15.85
CA LEU B 383 -8.47 20.47 15.36
C LEU B 383 -7.24 20.31 16.27
N GLY B 384 -6.66 19.13 16.25
CA GLY B 384 -5.47 18.88 17.02
C GLY B 384 -4.46 18.04 16.29
N SER B 385 -3.20 18.18 16.70
CA SER B 385 -2.10 17.41 16.13
C SER B 385 -1.19 16.90 17.26
N VAL B 386 -0.77 15.64 17.19
CA VAL B 386 0.13 15.08 18.21
C VAL B 386 1.15 14.06 17.66
N GLY B 387 2.34 14.02 18.25
CA GLY B 387 3.20 12.85 18.14
C GLY B 387 4.50 13.11 17.45
N GLU B 388 4.50 14.12 16.59
CA GLU B 388 5.66 14.44 15.79
C GLU B 388 5.62 15.89 15.38
N PRO B 389 6.80 16.46 15.04
CA PRO B 389 6.78 17.80 14.51
C PRO B 389 5.84 17.81 13.33
N ILE B 390 5.17 18.94 13.12
CA ILE B 390 4.33 19.12 11.93
C ILE B 390 4.88 20.25 11.06
N ASN B 391 5.30 19.92 9.85
CA ASN B 391 5.62 20.90 8.81
C ASN B 391 4.52 21.97 8.67
N PRO B 392 4.90 23.27 8.60
CA PRO B 392 3.93 24.34 8.32
C PRO B 392 2.96 24.12 7.16
N GLU B 393 3.45 23.54 6.07
CA GLU B 393 2.63 23.28 4.90
C GLU B 393 1.60 22.17 5.12
N ALA B 394 1.98 21.17 5.93
CA ALA B 394 1.07 20.16 6.45
C ALA B 394 0.03 20.77 7.42
N TRP B 395 0.47 21.65 8.31
CA TRP B 395 -0.40 22.38 9.23
C TRP B 395 -1.39 23.24 8.47
N GLU B 396 -0.92 24.00 7.49
CA GLU B 396 -1.80 24.86 6.70
C GLU B 396 -2.81 24.04 5.91
N TRP B 397 -2.38 22.87 5.40
CA TRP B 397 -3.25 22.01 4.61
C TRP B 397 -4.36 21.47 5.52
N TYR B 398 -3.95 21.06 6.70
CA TYR B 398 -4.85 20.58 7.74
C TYR B 398 -5.91 21.63 8.12
N TRP B 399 -5.43 22.81 8.51
CA TRP B 399 -6.22 23.96 8.87
C TRP B 399 -7.19 24.41 7.77
N LYS B 400 -6.73 24.32 6.51
CA LYS B 400 -7.56 24.69 5.34
C LYS B 400 -8.54 23.60 4.91
N LYS B 401 -8.00 22.45 4.54
CA LYS B 401 -8.79 21.39 3.92
C LYS B 401 -9.71 20.71 4.94
N ILE B 402 -9.20 20.41 6.13
CA ILE B 402 -10.04 19.70 7.10
C ILE B 402 -10.81 20.69 8.00
N GLY B 403 -10.15 21.79 8.37
CA GLY B 403 -10.74 22.76 9.27
C GLY B 403 -11.51 23.88 8.59
N LYS B 404 -11.37 23.96 7.26
CA LYS B 404 -12.09 24.96 6.43
C LYS B 404 -11.73 26.40 6.82
N GLU B 405 -10.53 26.57 7.37
CA GLU B 405 -10.04 27.86 7.86
C GLU B 405 -10.81 28.38 9.08
N LYS B 406 -11.64 27.55 9.69
CA LYS B 406 -12.46 28.00 10.82
C LYS B 406 -11.97 27.48 12.18
N CYS B 407 -11.06 26.52 12.18
CA CYS B 407 -10.80 25.74 13.38
C CYS B 407 -9.39 25.96 13.87
N PRO B 408 -9.24 26.40 15.14
CA PRO B 408 -7.89 26.40 15.73
C PRO B 408 -7.27 25.00 15.72
N VAL B 409 -5.96 24.94 15.49
CA VAL B 409 -5.21 23.70 15.50
C VAL B 409 -4.39 23.68 16.78
N VAL B 410 -4.71 22.74 17.67
CA VAL B 410 -3.90 22.57 18.90
C VAL B 410 -2.83 21.51 18.69
N ASP B 411 -1.60 21.99 18.52
CA ASP B 411 -0.45 21.14 18.30
C ASP B 411 0.13 20.91 19.68
N THR B 412 -0.06 19.68 20.18
CA THR B 412 0.29 19.37 21.55
C THR B 412 1.57 18.57 21.61
N TRP B 413 2.57 19.19 22.20
CA TRP B 413 3.79 18.51 22.58
C TRP B 413 3.64 17.91 23.99
N TRP B 414 3.86 16.60 24.07
CA TRP B 414 3.98 15.89 25.34
C TRP B 414 4.55 14.53 25.02
N GLN B 415 4.50 13.61 25.98
CA GLN B 415 5.13 12.31 25.86
C GLN B 415 4.59 11.35 26.90
N THR B 416 4.96 10.08 26.79
CA THR B 416 4.41 9.06 27.68
C THR B 416 4.65 9.42 29.14
N GLU B 417 5.87 9.86 29.40
CA GLU B 417 6.37 10.10 30.75
C GLU B 417 5.74 11.32 31.38
N THR B 418 5.05 12.13 30.57
CA THR B 418 4.41 13.37 31.08
C THR B 418 2.91 13.26 31.39
N GLY B 419 2.29 12.17 30.95
CA GLY B 419 0.89 11.90 31.31
C GLY B 419 -0.19 12.63 30.53
N GLY B 420 0.08 13.90 30.20
CA GLY B 420 -0.83 14.73 29.41
C GLY B 420 -0.07 15.89 28.80
N PHE B 421 -0.81 16.81 28.15
CA PHE B 421 -0.24 17.95 27.39
C PHE B 421 0.73 18.80 28.20
N MET B 422 1.84 19.23 27.57
CA MET B 422 2.85 20.05 28.27
C MET B 422 3.05 21.43 27.60
N ILE B 423 3.11 21.41 26.28
CA ILE B 423 3.23 22.66 25.54
C ILE B 423 2.22 22.53 24.41
N THR B 424 1.33 23.53 24.34
CA THR B 424 0.11 23.41 23.59
C THR B 424 -0.59 24.75 23.51
N PRO B 425 -1.26 25.04 22.37
CA PRO B 425 -2.17 26.19 22.43
C PRO B 425 -3.43 25.88 23.26
N LEU B 426 -4.14 26.92 23.65
CA LEU B 426 -5.51 26.79 24.12
C LEU B 426 -6.29 27.61 23.10
N PRO B 427 -7.38 27.06 22.55
CA PRO B 427 -7.97 27.55 21.28
C PRO B 427 -8.45 29.01 21.34
N GLY B 428 -8.89 29.45 22.53
CA GLY B 428 -9.33 30.83 22.73
C GLY B 428 -8.34 31.72 23.46
N ALA B 429 -7.15 31.20 23.73
CA ALA B 429 -6.17 31.92 24.56
C ALA B 429 -4.92 32.35 23.81
N ILE B 430 -4.43 31.48 22.93
CA ILE B 430 -3.11 31.64 22.32
C ILE B 430 -3.26 31.68 20.80
N GLU B 431 -2.77 32.75 20.18
CA GLU B 431 -2.69 32.86 18.72
C GLU B 431 -1.70 31.86 18.12
N LEU B 432 -2.03 31.33 16.96
CA LEU B 432 -1.30 30.19 16.41
C LEU B 432 -0.25 30.57 15.40
N LYS B 433 0.89 29.89 15.47
CA LYS B 433 1.88 29.88 14.38
C LYS B 433 2.03 28.44 13.92
N ALA B 434 1.92 28.24 12.61
CA ALA B 434 1.93 26.92 11.97
C ALA B 434 3.20 26.15 12.32
N GLY B 435 3.04 24.98 12.93
CA GLY B 435 4.21 24.17 13.30
C GLY B 435 4.82 24.44 14.68
N SER B 436 4.21 25.35 15.44
CA SER B 436 4.71 25.64 16.81
C SER B 436 3.76 25.06 17.87
N ALA B 437 4.33 24.50 18.93
CA ALA B 437 3.48 23.95 20.00
C ALA B 437 3.02 25.07 20.91
N THR B 438 3.68 26.22 20.81
CA THR B 438 3.36 27.47 21.54
C THR B 438 3.82 27.49 23.01
N ARG B 439 2.89 27.60 23.96
CA ARG B 439 3.25 27.97 25.34
C ARG B 439 3.08 26.79 26.31
N PRO B 440 3.83 26.79 27.45
CA PRO B 440 3.64 25.69 28.41
C PRO B 440 2.22 25.66 28.97
N PHE B 441 1.68 24.47 29.20
CA PHE B 441 0.42 24.36 29.91
C PHE B 441 0.59 24.76 31.38
N PHE B 442 -0.53 24.94 32.07
CA PHE B 442 -0.50 25.21 33.51
C PHE B 442 0.35 24.21 34.30
N GLY B 443 1.19 24.70 35.20
CA GLY B 443 1.98 23.82 36.05
C GLY B 443 3.24 23.30 35.40
N VAL B 444 3.42 23.62 34.10
CA VAL B 444 4.57 23.24 33.30
C VAL B 444 5.61 24.38 33.17
N GLN B 445 6.84 24.07 33.60
CA GLN B 445 7.97 25.01 33.49
C GLN B 445 9.08 24.45 32.59
N PRO B 446 9.06 24.81 31.30
CA PRO B 446 10.11 24.40 30.39
C PRO B 446 11.31 25.33 30.43
N ALA B 447 12.47 24.79 30.05
CA ALA B 447 13.68 25.57 29.78
C ALA B 447 14.48 24.86 28.70
N LEU B 448 15.39 25.60 28.07
CA LEU B 448 16.31 25.01 27.09
C LEU B 448 17.72 25.13 27.59
N VAL B 449 18.49 24.05 27.50
CA VAL B 449 19.85 24.05 28.04
C VAL B 449 20.80 23.64 26.95
N ASP B 450 22.05 24.10 27.02
CA ASP B 450 23.03 23.59 26.08
C ASP B 450 23.54 22.23 26.56
N ASN B 451 24.43 21.60 25.80
CA ASN B 451 24.83 20.23 26.14
C ASN B 451 25.58 20.09 27.47
N GLU B 452 26.07 21.21 28.00
CA GLU B 452 26.71 21.24 29.32
C GLU B 452 25.71 21.74 30.40
N GLY B 453 24.42 21.76 30.04
CA GLY B 453 23.33 22.12 30.95
C GLY B 453 23.15 23.57 31.38
N HIS B 454 23.82 24.49 30.69
CA HIS B 454 23.64 25.93 30.87
C HIS B 454 22.28 26.38 30.31
N PRO B 455 21.36 26.87 31.16
CA PRO B 455 20.10 27.43 30.64
C PRO B 455 20.37 28.43 29.53
N GLN B 456 19.49 28.48 28.55
CA GLN B 456 19.67 29.36 27.41
C GLN B 456 18.54 30.37 27.43
N GLU B 457 18.90 31.63 27.46
CA GLU B 457 17.94 32.72 27.64
C GLU B 457 17.52 33.38 26.32
N GLY B 458 16.34 34.01 26.34
CA GLY B 458 15.81 34.71 25.16
C GLY B 458 15.41 33.76 24.04
N ALA B 459 15.39 34.32 22.82
CA ALA B 459 15.24 33.56 21.61
C ALA B 459 16.47 32.71 21.43
N THR B 460 16.29 31.40 21.44
CA THR B 460 17.40 30.48 21.50
C THR B 460 16.91 29.08 21.17
N GLU B 461 17.85 28.13 21.14
CA GLU B 461 17.52 26.71 21.05
C GLU B 461 18.39 25.90 22.00
N GLY B 462 17.97 24.68 22.30
CA GLY B 462 18.73 23.82 23.17
C GLY B 462 17.94 22.56 23.44
N ASN B 463 18.48 21.73 24.35
CA ASN B 463 17.83 20.54 24.87
C ASN B 463 16.68 20.93 25.80
N LEU B 464 15.52 20.32 25.57
CA LEU B 464 14.29 20.65 26.31
C LEU B 464 14.18 19.95 27.68
N VAL B 465 14.19 20.76 28.74
CA VAL B 465 13.99 20.23 30.08
C VAL B 465 12.72 20.81 30.66
N ILE B 466 12.15 20.08 31.64
CA ILE B 466 11.11 20.60 32.54
C ILE B 466 11.73 20.73 33.94
N THR B 467 11.68 21.92 34.52
CA THR B 467 12.46 22.24 35.74
C THR B 467 11.77 21.95 37.08
N ASP B 468 10.52 21.47 37.03
CA ASP B 468 9.73 21.14 38.23
C ASP B 468 8.62 20.17 37.84
N SER B 469 8.05 19.46 38.82
CA SER B 469 6.97 18.51 38.55
C SER B 469 5.64 19.15 38.14
N TRP B 470 4.70 18.28 37.74
CA TRP B 470 3.33 18.63 37.40
C TRP B 470 2.52 17.36 37.75
N PRO B 471 1.20 17.50 38.01
CA PRO B 471 0.38 16.37 38.49
C PRO B 471 0.37 15.08 37.65
N GLY B 472 0.52 15.19 36.33
CA GLY B 472 0.47 14.02 35.45
C GLY B 472 1.73 13.21 35.21
N GLN B 473 2.83 13.62 35.84
CA GLN B 473 4.15 13.02 35.63
C GLN B 473 4.25 11.51 35.98
N ALA B 474 4.85 10.73 35.07
CA ALA B 474 5.13 9.34 35.37
C ALA B 474 5.92 9.32 36.66
N ARG B 475 5.61 8.36 37.53
CA ARG B 475 6.17 8.32 38.88
C ARG B 475 7.45 7.49 38.95
N THR B 476 7.57 6.52 38.06
CA THR B 476 8.70 5.63 38.05
C THR B 476 8.76 4.83 36.78
N LEU B 477 9.76 3.94 36.74
CA LEU B 477 9.85 2.88 35.75
C LEU B 477 9.57 1.62 36.52
N PHE B 478 8.67 0.79 36.01
CA PHE B 478 8.19 -0.36 36.74
C PHE B 478 9.32 -1.31 37.14
N GLY B 479 9.49 -1.48 38.45
CA GLY B 479 10.47 -2.40 39.05
C GLY B 479 11.92 -1.94 38.94
N ASP B 480 12.11 -0.64 38.69
CA ASP B 480 13.45 -0.09 38.39
C ASP B 480 13.50 1.43 38.56
N HIS B 481 13.34 1.91 39.80
CA HIS B 481 13.41 3.36 40.10
C HIS B 481 14.78 4.00 39.84
N GLU B 482 15.84 3.21 40.02
CA GLU B 482 17.23 3.65 39.81
C GLU B 482 17.48 3.95 38.32
N ARG B 483 16.84 3.17 37.44
CA ARG B 483 16.88 3.42 35.99
C ARG B 483 16.06 4.67 35.58
N PHE B 484 14.97 4.89 36.30
CA PHE B 484 14.10 6.01 36.09
C PHE B 484 14.88 7.29 36.31
N GLU B 485 15.65 7.31 37.40
CA GLU B 485 16.42 8.47 37.77
C GLU B 485 17.52 8.75 36.74
N GLN B 486 18.24 7.70 36.35
CA GLN B 486 19.33 7.77 35.38
C GLN B 486 18.85 8.36 34.03
N THR B 487 17.71 7.87 33.57
CA THR B 487 17.19 8.19 32.24
C THR B 487 16.72 9.62 32.10
N TYR B 488 16.05 10.12 33.13
CA TYR B 488 15.33 11.38 33.01
C TYR B 488 15.95 12.50 33.84
N PHE B 489 16.77 12.15 34.83
CA PHE B 489 17.25 13.13 35.82
C PHE B 489 18.76 13.14 36.07
N SER B 490 19.53 12.50 35.20
CA SER B 490 20.99 12.46 35.43
C SER B 490 21.76 13.34 34.48
N THR B 491 21.26 13.53 33.25
CA THR B 491 21.94 14.38 32.25
C THR B 491 21.99 15.83 32.75
N PHE B 492 20.86 16.34 33.20
CA PHE B 492 20.78 17.70 33.72
C PHE B 492 20.17 17.67 35.13
N LYS B 493 21.06 17.77 36.12
CA LYS B 493 20.72 17.63 37.54
C LYS B 493 19.56 18.54 37.93
N ASN B 494 18.59 17.96 38.61
CA ASN B 494 17.45 18.70 39.18
C ASN B 494 16.45 19.06 38.13
N MET B 495 16.56 18.38 37.01
CA MET B 495 15.69 18.60 35.89
C MET B 495 15.25 17.35 35.18
N TYR B 496 13.94 17.30 34.90
CA TYR B 496 13.41 16.32 33.96
C TYR B 496 13.87 16.60 32.51
N PHE B 497 14.76 15.74 32.00
CA PHE B 497 15.16 15.77 30.59
C PHE B 497 14.23 14.94 29.65
N SER B 498 13.64 15.62 28.67
CA SER B 498 12.70 15.00 27.74
C SER B 498 13.35 14.19 26.60
N GLY B 499 14.56 14.55 26.20
CA GLY B 499 15.20 13.90 25.04
C GLY B 499 14.87 14.60 23.71
N ASP B 500 14.07 15.65 23.79
CA ASP B 500 13.81 16.47 22.63
C ASP B 500 14.68 17.72 22.65
N GLY B 501 14.90 18.27 21.46
CA GLY B 501 15.46 19.60 21.28
C GLY B 501 14.33 20.52 20.87
N ALA B 502 14.51 21.82 21.12
CA ALA B 502 13.50 22.83 20.75
C ALA B 502 14.15 24.16 20.48
N ARG B 503 13.40 25.05 19.86
CA ARG B 503 13.83 26.40 19.74
C ARG B 503 12.72 27.26 20.34
N ARG B 504 13.09 28.34 21.00
CA ARG B 504 12.12 29.29 21.52
C ARG B 504 12.27 30.61 20.75
N ASP B 505 11.19 31.11 20.19
CA ASP B 505 11.27 32.36 19.44
C ASP B 505 11.10 33.58 20.35
N GLU B 506 11.03 34.75 19.72
CA GLU B 506 10.96 36.04 20.39
C GLU B 506 9.69 36.22 21.23
N ASP B 507 8.62 35.53 20.85
CA ASP B 507 7.36 35.57 21.61
C ASP B 507 7.28 34.54 22.75
N GLY B 508 8.33 33.73 22.93
CA GLY B 508 8.32 32.67 23.94
C GLY B 508 7.68 31.36 23.46
N TYR B 509 7.44 31.28 22.15
CA TYR B 509 6.77 30.12 21.53
C TYR B 509 7.80 29.01 21.30
N TYR B 510 7.42 27.76 21.59
CA TYR B 510 8.35 26.67 21.45
C TYR B 510 8.13 25.92 20.16
N TRP B 511 9.23 25.59 19.48
CA TRP B 511 9.17 24.78 18.26
C TRP B 511 9.94 23.52 18.57
N ILE B 512 9.21 22.40 18.66
CA ILE B 512 9.85 21.13 18.97
C ILE B 512 10.39 20.50 17.70
N THR B 513 11.71 20.37 17.68
CA THR B 513 12.45 19.88 16.52
C THR B 513 12.58 18.35 16.59
N GLY B 514 12.41 17.79 17.78
CA GLY B 514 12.40 16.32 17.93
C GLY B 514 13.58 15.77 18.72
N ARG B 515 13.69 14.45 18.74
CA ARG B 515 14.65 13.73 19.60
C ARG B 515 16.08 14.14 19.34
N VAL B 516 16.80 14.44 20.41
CA VAL B 516 18.24 14.71 20.36
C VAL B 516 19.05 13.51 20.85
N ASP B 517 18.36 12.50 21.40
CA ASP B 517 18.97 11.25 21.80
C ASP B 517 18.82 10.22 20.67
N ASP B 518 18.81 8.93 20.98
CA ASP B 518 18.77 7.91 19.91
C ASP B 518 17.41 7.30 19.68
N VAL B 519 16.37 8.08 19.97
CA VAL B 519 15.00 7.58 19.82
C VAL B 519 14.50 8.00 18.45
N LEU B 520 13.86 7.04 17.77
CA LEU B 520 13.35 7.23 16.43
C LEU B 520 11.86 7.51 16.51
N ASN B 521 11.36 8.27 15.53
CA ASN B 521 9.94 8.45 15.31
C ASN B 521 9.56 7.98 13.89
N VAL B 522 8.92 6.83 13.79
CA VAL B 522 8.62 6.24 12.52
C VAL B 522 7.12 6.01 12.43
N SER B 523 6.48 6.66 11.46
CA SER B 523 5.02 6.66 11.35
C SER B 523 4.37 6.94 12.71
N GLY B 524 4.83 8.01 13.38
CA GLY B 524 4.33 8.34 14.71
C GLY B 524 4.50 7.22 15.74
N HIS B 525 5.51 6.37 15.57
CA HIS B 525 5.83 5.40 16.60
C HIS B 525 7.19 5.73 17.17
N ARG B 526 7.27 5.73 18.49
CA ARG B 526 8.53 5.94 19.19
C ARG B 526 9.22 4.60 19.39
N LEU B 527 10.32 4.42 18.66
CA LEU B 527 11.08 3.19 18.66
C LEU B 527 12.50 3.51 19.12
N GLY B 528 13.13 2.53 19.76
CA GLY B 528 14.52 2.63 20.15
C GLY B 528 15.41 1.91 19.17
N THR B 529 16.63 2.38 19.01
CA THR B 529 17.57 1.76 18.06
C THR B 529 18.18 0.52 18.69
N ALA B 530 18.41 0.52 19.99
CA ALA B 530 18.92 -0.69 20.67
C ALA B 530 18.02 -1.92 20.49
N GLU B 531 16.71 -1.74 20.54
CA GLU B 531 15.84 -2.89 20.42
C GLU B 531 15.82 -3.45 18.99
N ILE B 532 16.07 -2.58 18.00
CA ILE B 532 16.09 -3.03 16.61
C ILE B 532 17.39 -3.77 16.32
N GLU B 533 18.47 -3.20 16.80
CA GLU B 533 19.79 -3.80 16.77
C GLU B 533 19.80 -5.20 17.36
N SER B 534 19.20 -5.34 18.56
CA SER B 534 19.01 -6.66 19.24
C SER B 534 18.28 -7.66 18.40
N ALA B 535 17.10 -7.26 17.92
CA ALA B 535 16.35 -8.08 16.98
C ALA B 535 17.26 -8.54 15.84
N LEU B 536 17.98 -7.60 15.20
CA LEU B 536 18.81 -7.93 14.04
C LEU B 536 19.90 -8.92 14.39
N VAL B 537 20.59 -8.66 15.50
CA VAL B 537 21.70 -9.50 15.95
C VAL B 537 21.27 -10.92 16.35
N ALA B 538 19.99 -11.07 16.70
CA ALA B 538 19.43 -12.38 17.06
C ALA B 538 19.29 -13.29 15.85
N HIS B 539 19.31 -12.72 14.65
CA HIS B 539 19.21 -13.53 13.44
C HIS B 539 20.45 -14.38 13.34
N PRO B 540 20.28 -15.69 13.10
CA PRO B 540 21.43 -16.62 13.15
C PRO B 540 22.59 -16.25 12.22
N LYS B 541 22.35 -15.39 11.23
CA LYS B 541 23.42 -15.05 10.26
C LYS B 541 24.01 -13.66 10.42
N ILE B 542 23.51 -12.92 11.41
CA ILE B 542 23.97 -11.56 11.66
C ILE B 542 24.98 -11.49 12.80
N ALA B 543 26.11 -10.86 12.54
CA ALA B 543 27.14 -10.69 13.56
C ALA B 543 26.91 -9.41 14.33
N GLU B 544 26.60 -8.35 13.58
CA GLU B 544 26.56 -6.98 14.09
C GLU B 544 25.60 -6.12 13.28
N ALA B 545 24.99 -5.13 13.93
CA ALA B 545 24.08 -4.17 13.30
C ALA B 545 24.08 -2.85 14.04
N ALA B 546 24.00 -1.78 13.27
CA ALA B 546 23.80 -0.46 13.81
C ALA B 546 22.64 0.16 13.05
N VAL B 547 21.75 0.80 13.81
CA VAL B 547 20.49 1.34 13.29
C VAL B 547 20.43 2.86 13.49
N VAL B 548 20.09 3.58 12.42
CA VAL B 548 19.83 5.04 12.51
C VAL B 548 18.54 5.40 11.80
N GLY B 549 18.03 6.60 12.06
CA GLY B 549 16.87 7.12 11.37
C GLY B 549 17.28 8.04 10.24
N ILE B 550 16.59 7.96 9.10
CA ILE B 550 16.76 8.98 8.04
C ILE B 550 15.46 9.72 7.78
N PRO B 551 15.54 10.97 7.29
CA PRO B 551 14.28 11.66 6.92
C PRO B 551 13.51 10.86 5.89
N HIS B 552 12.19 10.88 6.00
CA HIS B 552 11.29 10.18 5.11
C HIS B 552 10.04 11.02 5.10
N ALA B 553 9.55 11.35 3.91
CA ALA B 553 8.41 12.24 3.76
C ALA B 553 7.07 11.60 4.21
N ILE B 554 6.88 10.33 3.89
CA ILE B 554 5.67 9.63 4.32
C ILE B 554 5.71 9.37 5.83
N LYS B 555 6.77 8.69 6.29
CA LYS B 555 6.88 8.19 7.66
C LYS B 555 7.51 9.17 8.66
N GLY B 556 7.98 10.32 8.17
CA GLY B 556 8.72 11.24 9.03
C GLY B 556 10.20 10.86 9.14
N GLN B 557 10.46 9.65 9.62
CA GLN B 557 11.79 9.06 9.65
C GLN B 557 11.65 7.64 9.17
N ALA B 558 12.67 7.15 8.48
CA ALA B 558 12.71 5.76 8.07
C ALA B 558 13.81 5.05 8.88
N ILE B 559 13.72 3.72 8.97
CA ILE B 559 14.67 2.91 9.70
C ILE B 559 15.73 2.43 8.72
N TYR B 560 16.98 2.82 8.97
CA TYR B 560 18.12 2.48 8.11
C TYR B 560 19.13 1.65 8.92
N ALA B 561 19.25 0.37 8.58
CA ALA B 561 20.08 -0.59 9.32
C ALA B 561 21.38 -0.96 8.59
N TYR B 562 22.52 -0.75 9.25
CA TYR B 562 23.79 -1.32 8.79
C TYR B 562 23.91 -2.71 9.41
N VAL B 563 24.10 -3.73 8.56
CA VAL B 563 24.13 -5.12 9.01
C VAL B 563 25.46 -5.74 8.63
N THR B 564 26.07 -6.44 9.58
CA THR B 564 27.33 -7.18 9.39
C THR B 564 27.03 -8.66 9.66
N LEU B 565 27.22 -9.47 8.60
CA LEU B 565 26.92 -10.91 8.61
C LEU B 565 28.08 -11.67 9.16
N ASN B 566 27.79 -12.82 9.77
CA ASN B 566 28.84 -13.74 10.21
C ASN B 566 29.78 -14.12 9.07
N HIS B 567 31.05 -14.29 9.41
CA HIS B 567 32.04 -14.77 8.46
C HIS B 567 31.49 -16.01 7.76
N GLY B 568 31.51 -15.99 6.42
CA GLY B 568 31.00 -17.09 5.60
C GLY B 568 29.62 -16.86 5.01
N GLU B 569 28.95 -15.79 5.47
CA GLU B 569 27.64 -15.45 4.93
C GLU B 569 27.76 -14.36 3.87
N GLU B 570 26.89 -14.44 2.88
CA GLU B 570 26.94 -13.59 1.74
C GLU B 570 25.54 -12.95 1.60
N PRO B 571 25.48 -11.64 1.25
CA PRO B 571 24.15 -11.03 1.07
C PRO B 571 23.41 -11.63 -0.13
N SER B 572 22.10 -11.42 -0.19
CA SER B 572 21.27 -11.86 -1.30
C SER B 572 19.91 -11.21 -1.12
N PRO B 573 19.13 -11.08 -2.21
CA PRO B 573 17.78 -10.56 -2.09
C PRO B 573 16.90 -11.38 -1.14
N GLU B 574 17.07 -12.69 -1.15
CA GLU B 574 16.36 -13.60 -0.28
C GLU B 574 16.67 -13.26 1.18
N LEU B 575 17.95 -13.06 1.50
CA LEU B 575 18.37 -12.73 2.85
C LEU B 575 17.89 -11.36 3.28
N TYR B 576 17.95 -10.40 2.35
CA TYR B 576 17.39 -9.08 2.52
C TYR B 576 15.94 -9.11 3.06
N ALA B 577 15.04 -9.74 2.31
CA ALA B 577 13.66 -9.89 2.72
C ALA B 577 13.56 -10.71 4.01
N GLU B 578 14.45 -11.70 4.13
CA GLU B 578 14.47 -12.59 5.32
C GLU B 578 14.78 -11.83 6.61
N VAL B 579 15.78 -10.97 6.55
CA VAL B 579 16.15 -10.15 7.68
C VAL B 579 15.06 -9.13 8.06
N ARG B 580 14.47 -8.47 7.06
CA ARG B 580 13.34 -7.58 7.29
C ARG B 580 12.17 -8.28 7.98
N ASN B 581 11.77 -9.46 7.46
CA ASN B 581 10.70 -10.28 8.04
C ASN B 581 11.08 -10.72 9.45
N TRP B 582 12.39 -10.84 9.70
CA TRP B 582 12.90 -11.30 10.99
C TRP B 582 12.61 -10.26 12.08
N VAL B 583 12.92 -9.01 11.81
CA VAL B 583 12.57 -7.90 12.69
C VAL B 583 11.04 -7.76 12.85
N GLU B 584 10.31 -7.97 11.76
CA GLU B 584 8.86 -7.96 11.84
C GLU B 584 8.36 -8.96 12.87
N LYS B 585 8.94 -10.15 12.86
CA LYS B 585 8.51 -11.21 13.75
C LYS B 585 9.04 -10.99 15.19
N GLU B 586 10.20 -10.35 15.32
CA GLU B 586 10.82 -10.11 16.62
C GLU B 586 10.18 -8.99 17.42
N ILE B 587 9.64 -7.98 16.73
CA ILE B 587 9.04 -6.79 17.36
C ILE B 587 7.64 -6.50 16.80
N GLY B 588 7.56 -6.26 15.50
CA GLY B 588 6.32 -6.04 14.79
C GLY B 588 6.61 -5.30 13.50
N PRO B 589 5.61 -5.24 12.57
CA PRO B 589 5.69 -4.42 11.33
C PRO B 589 6.18 -2.98 11.58
N LEU B 590 5.82 -2.38 12.72
CA LEU B 590 6.17 -0.98 13.02
C LEU B 590 7.67 -0.75 13.00
N ALA B 591 8.44 -1.81 13.25
CA ALA B 591 9.87 -1.66 13.44
C ALA B 591 10.68 -2.24 12.29
N THR B 592 10.00 -2.74 11.25
CA THR B 592 10.71 -3.30 10.10
C THR B 592 11.61 -2.24 9.46
N PRO B 593 12.90 -2.56 9.28
CA PRO B 593 13.79 -1.57 8.66
C PRO B 593 13.39 -1.29 7.24
N ASP B 594 13.56 -0.06 6.78
CA ASP B 594 13.21 0.34 5.44
C ASP B 594 14.40 0.13 4.51
N VAL B 595 15.62 0.20 5.07
CA VAL B 595 16.88 -0.04 4.34
C VAL B 595 17.80 -0.99 5.10
N LEU B 596 18.41 -1.94 4.38
CA LEU B 596 19.50 -2.73 4.97
C LEU B 596 20.76 -2.42 4.17
N HIS B 597 21.78 -1.97 4.88
CA HIS B 597 23.03 -1.58 4.27
C HIS B 597 24.02 -2.61 4.77
N TRP B 598 24.33 -3.60 3.92
CA TRP B 598 25.28 -4.66 4.24
C TRP B 598 26.66 -4.04 4.24
N THR B 599 27.44 -4.32 5.28
CA THR B 599 28.78 -3.75 5.41
C THR B 599 29.66 -4.69 6.23
N ASP B 600 30.97 -4.58 6.03
CA ASP B 600 31.93 -5.19 6.95
C ASP B 600 32.75 -4.08 7.56
N SER B 601 32.16 -2.89 7.61
CA SER B 601 32.90 -1.68 7.89
C SER B 601 32.28 -0.74 8.94
N LEU B 602 31.66 -1.32 9.96
CA LEU B 602 31.13 -0.50 11.07
C LEU B 602 32.24 0.31 11.71
N PRO B 603 32.02 1.64 11.88
CA PRO B 603 32.99 2.52 12.54
C PRO B 603 33.01 2.30 14.07
N LYS B 604 34.16 2.01 14.63
CA LYS B 604 34.24 1.75 16.06
C LYS B 604 35.36 2.52 16.74
N THR B 605 35.18 2.73 18.04
CA THR B 605 36.24 3.30 18.85
C THR B 605 37.23 2.18 19.11
N ARG B 606 38.34 2.53 19.75
CA ARG B 606 39.38 1.55 20.05
C ARG B 606 38.97 0.51 21.10
N SER B 607 37.90 0.79 21.85
CA SER B 607 37.36 -0.20 22.76
C SER B 607 36.08 -0.83 22.24
N GLY B 608 35.80 -0.68 20.95
CA GLY B 608 34.78 -1.48 20.28
C GLY B 608 33.37 -0.92 20.27
N LYS B 609 33.21 0.33 20.67
CA LYS B 609 31.91 1.02 20.61
C LYS B 609 31.64 1.53 19.18
N ILE B 610 30.39 1.35 18.73
CA ILE B 610 29.95 1.80 17.41
C ILE B 610 29.72 3.30 17.45
N MET B 611 30.30 4.00 16.48
CA MET B 611 30.21 5.46 16.41
C MET B 611 29.04 5.88 15.52
N ARG B 612 27.93 6.22 16.15
CA ARG B 612 26.67 6.38 15.44
C ARG B 612 26.46 7.73 14.77
N ARG B 613 27.23 8.75 15.18
CA ARG B 613 27.11 10.10 14.59
C ARG B 613 27.43 10.07 13.10
N ILE B 614 28.56 9.43 12.78
CA ILE B 614 29.00 9.28 11.40
C ILE B 614 28.02 8.45 10.57
N LEU B 615 27.57 7.32 11.13
CA LEU B 615 26.57 6.46 10.49
C LEU B 615 25.27 7.21 10.19
N ARG B 616 24.87 8.05 11.15
CA ARG B 616 23.73 8.96 11.00
C ARG B 616 23.90 9.88 9.79
N LYS B 617 25.09 10.45 9.65
CA LYS B 617 25.40 11.40 8.57
C LYS B 617 25.54 10.74 7.21
N ILE B 618 26.26 9.63 7.15
CA ILE B 618 26.42 8.88 5.90
C ILE B 618 25.03 8.48 5.36
N ALA B 619 24.21 7.86 6.22
CA ALA B 619 22.85 7.46 5.85
C ALA B 619 21.96 8.61 5.38
N ALA B 620 22.08 9.79 6.01
CA ALA B 620 21.34 10.98 5.56
C ALA B 620 21.83 11.52 4.18
N GLY B 621 23.00 11.07 3.73
CA GLY B 621 23.55 11.54 2.46
C GLY B 621 24.64 12.60 2.58
N ASP B 622 25.66 12.30 3.40
CA ASP B 622 26.91 13.11 3.48
C ASP B 622 28.02 12.41 4.29
N THR B 631 40.55 8.83 16.92
CA THR B 631 39.41 8.35 17.76
C THR B 631 38.71 7.07 17.25
N LEU B 632 38.51 6.99 15.94
CA LEU B 632 37.95 5.79 15.35
C LEU B 632 39.08 4.85 14.94
N ALA B 633 38.91 3.58 15.29
CA ALA B 633 39.94 2.55 15.18
C ALA B 633 40.52 2.33 13.77
N ASP B 634 39.66 2.31 12.76
CA ASP B 634 40.08 2.21 11.36
C ASP B 634 39.39 3.28 10.51
N PRO B 635 40.10 4.41 10.25
CA PRO B 635 39.56 5.55 9.47
C PRO B 635 39.26 5.21 7.99
N GLY B 636 39.84 4.09 7.53
CA GLY B 636 39.55 3.54 6.21
C GLY B 636 38.09 3.15 5.98
N VAL B 637 37.32 2.91 7.04
CA VAL B 637 35.89 2.51 6.92
C VAL B 637 35.02 3.59 6.29
N VAL B 638 35.29 4.84 6.62
CA VAL B 638 34.48 5.97 6.16
C VAL B 638 34.27 5.95 4.62
N GLU B 639 35.37 5.83 3.88
CA GLU B 639 35.34 5.75 2.43
C GLU B 639 34.56 4.54 1.95
N LYS B 640 34.78 3.39 2.58
CA LYS B 640 34.08 2.16 2.20
C LYS B 640 32.56 2.32 2.41
N LEU B 641 32.17 2.87 3.55
CA LEU B 641 30.75 3.12 3.84
C LEU B 641 30.12 4.10 2.85
N LEU B 642 30.88 5.11 2.44
CA LEU B 642 30.40 6.11 1.48
C LEU B 642 30.06 5.53 0.12
N GLU B 643 30.92 4.65 -0.38
CA GLU B 643 30.70 3.96 -1.64
C GLU B 643 29.47 3.07 -1.57
N GLU B 644 29.42 2.23 -0.53
CA GLU B 644 28.30 1.31 -0.31
C GLU B 644 26.96 2.06 -0.32
N LYS B 645 26.86 3.14 0.47
CA LYS B 645 25.69 4.01 0.53
C LYS B 645 25.31 4.58 -0.83
N GLN B 646 26.31 5.03 -1.59
CA GLN B 646 26.07 5.65 -2.90
C GLN B 646 25.47 4.64 -3.90
N ALA B 647 25.91 3.38 -3.80
CA ALA B 647 25.29 2.26 -4.52
C ALA B 647 23.91 1.94 -3.94
N ILE B 648 23.67 2.37 -2.70
CA ILE B 648 22.34 2.46 -2.08
C ILE B 648 21.95 1.21 -1.27
O2' PRX C . 9.69 -3.51 -24.32
C2' PRX C . 9.15 -4.80 -24.59
C1' PRX C . 8.33 -5.21 -23.36
O4' PRX C . 6.97 -4.87 -23.61
C4' PRX C . 6.85 -4.36 -24.94
C5' PRX C . 5.56 -4.89 -25.56
O5' PRX C . 4.54 -4.41 -24.70
P PRX C . 2.97 -4.63 -24.99
O1P PRX C . 2.69 -4.37 -26.44
O2P PRX C . 2.18 -3.92 -23.93
O3P PRX C . 2.80 -6.21 -24.76
C1P PRX C . 3.13 -6.86 -23.53
C2P PRX C . 2.95 -8.34 -23.78
C3P PRX C . 4.14 -8.95 -24.46
C3' PRX C . 8.11 -4.79 -25.69
O3' PRX C . 8.46 -3.95 -26.80
N9 PRX C . 8.47 -6.67 -23.09
C8 PRX C . 7.50 -7.58 -23.22
N7 PRX C . 8.00 -8.79 -22.90
C5 PRX C . 9.30 -8.64 -22.59
C4 PRX C . 9.60 -7.29 -22.70
N3 PRX C . 10.87 -6.85 -22.44
C2 PRX C . 11.80 -7.73 -22.05
N1 PRX C . 11.53 -9.05 -21.91
C6 PRX C . 10.30 -9.54 -22.17
N6 PRX C . 10.04 -10.87 -22.03
O2' PRX D . 9.73 13.70 20.27
C2' PRX D . 8.47 14.05 20.87
C1' PRX D . 7.37 13.51 19.98
O4' PRX D . 7.03 12.24 20.51
C4' PRX D . 7.74 11.97 21.71
C5' PRX D . 6.82 11.33 22.72
O5' PRX D . 6.56 10.01 22.26
P PRX D . 5.54 9.05 23.08
O1P PRX D . 6.05 8.85 24.49
O2P PRX D . 5.24 7.86 22.19
O3P PRX D . 4.21 9.97 23.19
C1P PRX D . 3.46 10.30 22.04
C2P PRX D . 2.22 11.06 22.47
C3P PRX D . 2.65 12.47 22.77
C3' PRX D . 8.25 13.32 22.18
O3' PRX D . 9.46 13.18 22.90
N9 PRX D . 6.20 14.43 19.97
C8 PRX D . 5.02 14.23 20.59
N7 PRX D . 4.22 15.28 20.34
C5 PRX D . 4.92 16.15 19.57
C4 PRX D . 6.17 15.59 19.34
N3 PRX D . 7.08 16.24 18.59
C2 PRX D . 6.77 17.44 18.07
N1 PRX D . 5.57 17.99 18.25
C6 PRX D . 4.61 17.38 18.99
N6 PRX D . 3.39 17.98 19.16
#